data_9LBE
#
_entry.id   9LBE
#
_cell.length_a   1.00
_cell.length_b   1.00
_cell.length_c   1.00
_cell.angle_alpha   90.00
_cell.angle_beta   90.00
_cell.angle_gamma   90.00
#
_symmetry.space_group_name_H-M   'P 1'
#
loop_
_entity.id
_entity.type
_entity.pdbx_description
1 polymer 'Proton-gated ion channel'
2 non-polymer 'CHLORIDE ION'
3 non-polymer 1,2-dioleoyl-sn-glycero-3-phosphoethanolamine
#
_entity_poly.entity_id   1
_entity_poly.type   'polypeptide(L)'
_entity_poly.pdbx_seq_one_letter_code
;VSPPPPIADEPLTVNTGIYLIECYSLDDKAETFKVNAFLSLSWKDRRLAFDPVRSGVRVKTYEPEAIWIPEIRFVNVENA
RDADVVDISVSPDGTVQYLERFSARVLSPLDFRRYPFDSQTLHIYLIVRSVDTRNIVLAVDLEKVGKNDDVFLTGWDIES
FTAVVKPANFALEDRLESKLDYQLRISRQYFSYIPNIILPMLFILFISWTAFWSTSYEANVTLVVSTLIAHIAFNILVET
NLPKTPAMTYTGAIIFMIYLFYFVAVIEVTVQHYLKVESQPARAASITRASRIAFPVVFLLANIILAFLFFG
;
_entity_poly.pdbx_strand_id   A,B,C,D,E
#
loop_
_chem_comp.id
_chem_comp.type
_chem_comp.name
_chem_comp.formula
CL non-polymer 'CHLORIDE ION' 'Cl -1'
PEE non-polymer 1,2-dioleoyl-sn-glycero-3-phosphoethanolamine 'C41 H78 N O8 P'
#
# COMPACT_ATOMS: atom_id res chain seq x y z
N VAL A 1 28.03 -29.62 23.47
CA VAL A 1 27.84 -28.70 22.37
C VAL A 1 29.14 -27.96 22.07
N SER A 2 29.91 -28.51 21.13
CA SER A 2 31.19 -27.94 20.72
C SER A 2 31.49 -28.40 19.31
N PRO A 3 32.25 -27.63 18.54
CA PRO A 3 32.65 -28.10 17.22
C PRO A 3 33.43 -29.39 17.33
N PRO A 4 33.27 -30.29 16.36
CA PRO A 4 33.96 -31.57 16.44
C PRO A 4 35.46 -31.38 16.46
N PRO A 5 36.19 -32.23 17.16
CA PRO A 5 37.65 -32.09 17.25
C PRO A 5 38.29 -32.14 15.87
N PRO A 6 39.25 -31.26 15.60
CA PRO A 6 39.92 -31.28 14.29
C PRO A 6 40.64 -32.61 14.08
N ILE A 7 40.62 -33.07 12.82
CA ILE A 7 41.28 -34.31 12.43
C ILE A 7 42.32 -33.95 11.39
N ALA A 8 43.60 -34.10 11.74
CA ALA A 8 44.73 -33.80 10.86
C ALA A 8 44.70 -32.36 10.37
N ASP A 9 44.13 -31.46 11.17
CA ASP A 9 44.02 -30.04 10.84
C ASP A 9 43.37 -29.84 9.47
N GLU A 10 42.31 -30.61 9.21
CA GLU A 10 41.61 -30.51 7.94
C GLU A 10 40.32 -29.73 8.09
N PRO A 11 39.93 -28.95 7.08
CA PRO A 11 38.66 -28.23 7.15
C PRO A 11 37.47 -29.19 7.14
N LEU A 12 36.41 -28.77 7.81
CA LEU A 12 35.18 -29.55 7.89
C LEU A 12 34.30 -29.22 6.69
N THR A 13 33.95 -30.24 5.92
CA THR A 13 33.17 -30.07 4.69
C THR A 13 31.73 -30.51 4.94
N VAL A 14 30.78 -29.69 4.52
CA VAL A 14 29.36 -29.99 4.67
C VAL A 14 28.74 -30.08 3.27
N ASN A 15 27.68 -30.88 3.17
CA ASN A 15 26.95 -31.07 1.93
C ASN A 15 25.58 -30.41 2.05
N THR A 16 25.22 -29.61 1.06
CA THR A 16 24.03 -28.79 1.13
C THR A 16 23.13 -29.02 -0.08
N GLY A 17 21.84 -28.80 0.11
CA GLY A 17 20.89 -28.86 -0.98
C GLY A 17 19.63 -28.12 -0.61
N ILE A 18 18.95 -27.58 -1.62
CA ILE A 18 17.73 -26.83 -1.43
C ILE A 18 16.66 -27.38 -2.37
N TYR A 19 15.49 -27.68 -1.82
CA TYR A 19 14.36 -28.21 -2.59
C TYR A 19 13.22 -27.21 -2.52
N LEU A 20 12.99 -26.48 -3.62
CA LEU A 20 11.98 -25.44 -3.63
C LEU A 20 10.59 -26.01 -3.46
N ILE A 21 9.74 -25.29 -2.73
CA ILE A 21 8.33 -25.65 -2.52
C ILE A 21 7.41 -24.56 -3.03
N GLU A 22 7.69 -23.30 -2.68
CA GLU A 22 6.89 -22.17 -3.09
C GLU A 22 7.79 -21.02 -3.51
N CYS A 23 7.42 -20.37 -4.61
CA CYS A 23 8.06 -19.13 -5.05
C CYS A 23 6.95 -18.17 -5.44
N TYR A 24 6.97 -16.97 -4.87
CA TYR A 24 5.86 -16.04 -5.07
C TYR A 24 6.32 -14.63 -4.73
N SER A 25 5.48 -13.66 -5.10
CA SER A 25 5.67 -12.25 -4.75
C SER A 25 7.00 -11.71 -5.30
N LEU A 26 7.15 -11.84 -6.62
CA LEU A 26 8.31 -11.27 -7.31
C LEU A 26 8.00 -9.81 -7.62
N ASP A 27 8.35 -8.93 -6.69
CA ASP A 27 8.12 -7.50 -6.85
C ASP A 27 9.33 -6.88 -7.52
N ASP A 28 9.19 -6.49 -8.79
CA ASP A 28 10.31 -5.96 -9.55
C ASP A 28 10.70 -4.55 -9.11
N LYS A 29 9.79 -3.80 -8.49
CA LYS A 29 10.13 -2.46 -8.04
C LYS A 29 11.18 -2.50 -6.94
N ALA A 30 11.04 -3.42 -5.99
CA ALA A 30 12.02 -3.59 -4.93
C ALA A 30 13.05 -4.67 -5.23
N GLU A 31 12.91 -5.37 -6.36
CA GLU A 31 13.83 -6.44 -6.77
C GLU A 31 13.95 -7.51 -5.68
N THR A 32 12.79 -7.94 -5.17
CA THR A 32 12.71 -8.95 -4.12
C THR A 32 11.76 -10.06 -4.55
N PHE A 33 11.85 -11.17 -3.84
CA PHE A 33 10.92 -12.28 -4.01
C PHE A 33 10.99 -13.17 -2.77
N LYS A 34 9.85 -13.72 -2.39
CA LYS A 34 9.77 -14.59 -1.23
C LYS A 34 9.90 -16.05 -1.64
N VAL A 35 10.52 -16.84 -0.76
CA VAL A 35 10.85 -18.23 -1.05
C VAL A 35 10.33 -19.10 0.08
N ASN A 36 10.20 -20.39 -0.21
CA ASN A 36 9.73 -21.37 0.78
C ASN A 36 10.23 -22.73 0.32
N ALA A 37 11.13 -23.34 1.10
CA ALA A 37 11.82 -24.54 0.64
C ALA A 37 12.39 -25.28 1.84
N PHE A 38 13.04 -26.42 1.55
CA PHE A 38 13.72 -27.21 2.55
C PHE A 38 15.19 -26.83 2.63
N LEU A 39 15.94 -27.54 3.46
CA LEU A 39 17.37 -27.31 3.61
C LEU A 39 17.99 -28.57 4.20
N SER A 40 18.94 -29.16 3.48
CA SER A 40 19.59 -30.40 3.91
C SER A 40 21.06 -30.13 4.18
N LEU A 41 21.56 -30.66 5.29
CA LEU A 41 22.95 -30.52 5.69
C LEU A 41 23.49 -31.87 6.15
N SER A 42 24.81 -32.03 6.04
CA SER A 42 25.45 -33.26 6.48
C SER A 42 26.93 -32.99 6.74
N TRP A 43 27.46 -33.64 7.77
CA TRP A 43 28.88 -33.54 8.10
C TRP A 43 29.27 -34.78 8.90
N LYS A 44 30.44 -34.74 9.53
CA LYS A 44 30.95 -35.87 10.29
C LYS A 44 31.19 -35.47 11.74
N ASP A 45 30.89 -36.39 12.64
CA ASP A 45 31.14 -36.19 14.08
C ASP A 45 31.49 -37.54 14.67
N ARG A 46 32.79 -37.75 14.96
CA ARG A 46 33.23 -39.02 15.50
C ARG A 46 32.63 -39.29 16.88
N ARG A 47 32.31 -38.25 17.62
CA ARG A 47 31.79 -38.41 18.98
C ARG A 47 30.44 -39.10 19.00
N LEU A 48 29.71 -39.11 17.89
CA LEU A 48 28.36 -39.67 17.84
C LEU A 48 28.33 -41.11 17.36
N ALA A 49 29.49 -41.73 17.12
CA ALA A 49 29.51 -43.12 16.68
C ALA A 49 29.01 -44.02 17.79
N PHE A 50 28.09 -44.92 17.46
CA PHE A 50 27.50 -45.83 18.42
C PHE A 50 27.47 -47.24 17.85
N ASP A 51 27.47 -48.22 18.73
CA ASP A 51 27.45 -49.62 18.32
C ASP A 51 26.02 -50.02 17.99
N PRO A 52 25.72 -50.44 16.75
CA PRO A 52 24.35 -50.80 16.42
C PRO A 52 23.89 -52.12 17.04
N VAL A 53 24.79 -53.08 17.21
CA VAL A 53 24.39 -54.38 17.76
C VAL A 53 23.99 -54.24 19.22
N ARG A 54 24.82 -53.56 20.02
CA ARG A 54 24.50 -53.39 21.43
C ARG A 54 23.26 -52.54 21.63
N SER A 55 23.12 -51.45 20.86
CA SER A 55 21.99 -50.56 21.03
C SER A 55 20.68 -51.22 20.60
N GLY A 56 20.73 -52.09 19.60
CA GLY A 56 19.53 -52.73 19.09
C GLY A 56 18.68 -51.87 18.20
N VAL A 57 19.18 -50.71 17.79
CA VAL A 57 18.43 -49.78 16.95
C VAL A 57 19.30 -49.43 15.74
N ARG A 58 18.63 -49.07 14.65
CA ARG A 58 19.36 -48.76 13.41
C ARG A 58 20.04 -47.40 13.49
N VAL A 59 19.26 -46.34 13.70
CA VAL A 59 19.79 -44.99 13.77
C VAL A 59 19.22 -44.32 15.01
N LYS A 60 19.88 -43.23 15.42
CA LYS A 60 19.48 -42.45 16.57
C LYS A 60 18.72 -41.20 16.12
N THR A 61 18.31 -40.39 17.10
CA THR A 61 17.59 -39.15 16.82
C THR A 61 17.82 -38.21 17.99
N TYR A 62 18.31 -37.00 17.71
CA TYR A 62 18.66 -36.05 18.75
C TYR A 62 17.84 -34.78 18.60
N GLU A 63 17.56 -34.15 19.73
CA GLU A 63 17.00 -32.82 19.76
C GLU A 63 18.04 -31.83 19.23
N PRO A 64 17.61 -30.70 18.67
CA PRO A 64 18.59 -29.70 18.21
C PRO A 64 19.61 -29.31 19.27
N GLU A 65 19.22 -29.25 20.54
CA GLU A 65 20.17 -28.99 21.60
C GLU A 65 20.96 -30.25 21.94
N ALA A 66 21.98 -30.08 22.76
CA ALA A 66 22.92 -31.15 23.16
C ALA A 66 23.67 -31.72 21.96
N ILE A 67 23.71 -30.98 20.85
CA ILE A 67 24.46 -31.39 19.67
C ILE A 67 24.78 -30.12 18.89
N TRP A 68 25.94 -30.12 18.23
CA TRP A 68 26.42 -28.95 17.52
C TRP A 68 26.02 -29.01 16.06
N ILE A 69 25.40 -27.94 15.57
CA ILE A 69 25.08 -27.80 14.15
C ILE A 69 25.67 -26.48 13.67
N PRO A 70 26.33 -26.45 12.52
CA PRO A 70 27.00 -25.22 12.06
C PRO A 70 26.00 -24.12 11.74
N GLU A 71 26.45 -22.88 11.90
CA GLU A 71 25.62 -21.72 11.61
C GLU A 71 25.70 -21.40 10.12
N ILE A 72 24.58 -21.57 9.42
CA ILE A 72 24.48 -21.28 7.99
C ILE A 72 23.48 -20.16 7.81
N ARG A 73 23.88 -19.12 7.07
CA ARG A 73 23.04 -17.96 6.87
C ARG A 73 23.01 -17.59 5.39
N PHE A 74 21.96 -16.88 5.00
CA PHE A 74 21.78 -16.38 3.65
C PHE A 74 22.26 -14.94 3.58
N VAL A 75 23.11 -14.64 2.62
CA VAL A 75 23.70 -13.30 2.53
C VAL A 75 22.63 -12.28 2.15
N ASN A 76 21.85 -12.57 1.10
CA ASN A 76 20.92 -11.59 0.54
C ASN A 76 19.50 -11.90 1.01
N VAL A 77 19.22 -11.52 2.26
CA VAL A 77 17.88 -11.61 2.81
C VAL A 77 17.61 -10.35 3.63
N GLU A 78 16.35 -9.91 3.63
CA GLU A 78 15.99 -8.76 4.44
C GLU A 78 16.12 -9.06 5.91
N ASN A 79 15.64 -10.23 6.35
CA ASN A 79 15.73 -10.64 7.74
C ASN A 79 16.11 -12.10 7.81
N ALA A 80 16.45 -12.55 9.01
CA ALA A 80 16.81 -13.95 9.21
C ALA A 80 15.63 -14.85 8.85
N ARG A 81 15.94 -16.02 8.29
CA ARG A 81 14.90 -16.96 7.88
C ARG A 81 14.17 -17.51 9.09
N ASP A 82 12.91 -17.89 8.88
CA ASP A 82 12.08 -18.51 9.90
C ASP A 82 12.16 -20.02 9.70
N ALA A 83 13.00 -20.69 10.48
CA ALA A 83 13.27 -22.10 10.32
C ALA A 83 12.75 -22.89 11.52
N ASP A 84 12.22 -24.08 11.24
CA ASP A 84 11.83 -25.02 12.28
C ASP A 84 12.34 -26.40 11.89
N VAL A 85 13.22 -26.97 12.71
CA VAL A 85 13.85 -28.24 12.38
C VAL A 85 12.80 -29.34 12.28
N VAL A 86 12.94 -30.18 11.26
CA VAL A 86 12.01 -31.27 11.05
C VAL A 86 12.58 -32.57 11.60
N ASP A 87 13.71 -33.01 11.06
CA ASP A 87 14.32 -34.27 11.43
C ASP A 87 15.82 -34.10 11.64
N ILE A 88 16.34 -34.75 12.69
CA ILE A 88 17.77 -34.89 12.90
C ILE A 88 18.06 -36.37 13.08
N SER A 89 18.87 -36.93 12.19
CA SER A 89 19.19 -38.35 12.25
C SER A 89 20.68 -38.54 12.03
N VAL A 90 21.23 -39.56 12.68
CA VAL A 90 22.64 -39.91 12.58
C VAL A 90 22.73 -41.39 12.24
N SER A 91 23.48 -41.71 11.18
CA SER A 91 23.69 -43.08 10.77
C SER A 91 24.56 -43.79 11.80
N PRO A 92 24.67 -45.13 11.72
CA PRO A 92 25.61 -45.83 12.61
C PRO A 92 27.04 -45.36 12.47
N ASP A 93 27.41 -44.79 11.33
CA ASP A 93 28.71 -44.16 11.16
C ASP A 93 28.67 -42.77 11.81
N GLY A 94 29.68 -41.95 11.53
CA GLY A 94 29.70 -40.61 12.10
C GLY A 94 28.83 -39.60 11.38
N THR A 95 28.30 -39.93 10.20
CA THR A 95 27.55 -38.98 9.42
C THR A 95 26.22 -38.65 10.08
N VAL A 96 25.80 -37.39 9.98
CA VAL A 96 24.54 -36.92 10.54
C VAL A 96 23.75 -36.26 9.42
N GLN A 97 22.47 -36.63 9.32
CA GLN A 97 21.57 -36.06 8.31
C GLN A 97 20.67 -35.03 8.97
N TYR A 98 20.55 -33.87 8.33
CA TYR A 98 19.84 -32.73 8.89
C TYR A 98 18.82 -32.21 7.89
N LEU A 99 17.69 -31.72 8.39
CA LEU A 99 16.62 -31.24 7.54
C LEU A 99 15.80 -30.20 8.28
N GLU A 100 15.39 -29.14 7.57
CA GLU A 100 14.54 -28.11 8.14
C GLU A 100 13.80 -27.40 7.01
N ARG A 101 12.73 -26.71 7.38
CA ARG A 101 11.92 -25.96 6.43
C ARG A 101 11.91 -24.48 6.83
N PHE A 102 12.20 -23.61 5.88
CA PHE A 102 12.32 -22.18 6.15
C PHE A 102 11.55 -21.38 5.11
N SER A 103 11.45 -20.08 5.37
CA SER A 103 10.86 -19.13 4.43
C SER A 103 11.49 -17.77 4.65
N ALA A 104 11.83 -17.09 3.57
CA ALA A 104 12.57 -15.84 3.66
C ALA A 104 12.29 -14.99 2.43
N ARG A 105 12.68 -13.72 2.52
CA ARG A 105 12.58 -12.77 1.41
C ARG A 105 13.99 -12.45 0.93
N VAL A 106 14.22 -12.58 -0.37
CA VAL A 106 15.56 -12.57 -0.94
C VAL A 106 15.74 -11.30 -1.78
N LEU A 107 16.94 -10.72 -1.69
CA LEU A 107 17.32 -9.55 -2.48
C LEU A 107 18.12 -9.99 -3.69
N SER A 108 17.72 -9.53 -4.87
CA SER A 108 18.42 -9.89 -6.09
C SER A 108 18.18 -8.86 -7.17
N PRO A 109 19.23 -8.29 -7.75
CA PRO A 109 19.05 -7.26 -8.79
C PRO A 109 18.46 -7.83 -10.06
N LEU A 110 17.70 -6.99 -10.76
CA LEU A 110 17.06 -7.35 -12.02
C LEU A 110 17.46 -6.36 -13.10
N ASP A 111 17.53 -6.86 -14.34
CA ASP A 111 17.93 -6.07 -15.49
C ASP A 111 16.76 -6.00 -16.46
N PHE A 112 16.44 -4.78 -16.91
CA PHE A 112 15.31 -4.55 -17.80
C PHE A 112 15.72 -3.91 -19.12
N ARG A 113 16.89 -4.28 -19.63
CA ARG A 113 17.34 -3.73 -20.91
C ARG A 113 16.50 -4.23 -22.07
N ARG A 114 15.82 -5.37 -21.93
CA ARG A 114 14.99 -5.95 -22.97
C ARG A 114 13.61 -6.26 -22.42
N TYR A 115 13.02 -5.29 -21.72
CA TYR A 115 11.87 -5.46 -20.84
C TYR A 115 10.80 -6.43 -21.35
N PRO A 116 10.24 -6.24 -22.55
CA PRO A 116 9.17 -7.16 -22.96
C PRO A 116 9.63 -8.60 -23.14
N PHE A 117 10.85 -8.80 -23.63
CA PHE A 117 11.34 -10.12 -24.00
C PHE A 117 12.64 -10.46 -23.28
N ASP A 118 12.71 -10.18 -21.98
CA ASP A 118 13.93 -10.37 -21.21
C ASP A 118 13.88 -11.67 -20.41
N SER A 119 15.05 -12.08 -19.93
CA SER A 119 15.19 -13.23 -19.06
C SER A 119 16.02 -12.83 -17.86
N GLN A 120 15.75 -13.46 -16.72
CA GLN A 120 16.39 -13.09 -15.47
C GLN A 120 16.97 -14.33 -14.79
N THR A 121 17.93 -14.09 -13.91
CA THR A 121 18.50 -15.13 -13.06
C THR A 121 18.46 -14.65 -11.62
N LEU A 122 17.91 -15.46 -10.73
CA LEU A 122 17.77 -15.13 -9.32
C LEU A 122 18.80 -15.92 -8.52
N HIS A 123 19.53 -15.23 -7.65
CA HIS A 123 20.63 -15.82 -6.90
C HIS A 123 20.26 -15.96 -5.43
N ILE A 124 20.63 -17.10 -4.85
CA ILE A 124 20.49 -17.36 -3.43
C ILE A 124 21.85 -17.81 -2.90
N TYR A 125 22.43 -17.02 -2.00
CA TYR A 125 23.78 -17.27 -1.51
C TYR A 125 23.74 -17.89 -0.12
N LEU A 126 24.57 -18.92 0.08
CA LEU A 126 24.75 -19.56 1.37
C LEU A 126 26.18 -19.34 1.82
N ILE A 127 26.35 -18.90 3.07
CA ILE A 127 27.66 -18.57 3.61
C ILE A 127 27.83 -19.22 4.97
N VAL A 128 29.05 -19.67 5.26
CA VAL A 128 29.42 -20.18 6.58
C VAL A 128 30.68 -19.46 7.03
N ARG A 129 30.70 -19.02 8.28
CA ARG A 129 31.83 -18.30 8.84
C ARG A 129 32.64 -19.24 9.72
N SER A 130 33.96 -19.26 9.51
CA SER A 130 34.81 -20.16 10.27
C SER A 130 34.86 -19.76 11.73
N VAL A 131 35.11 -20.75 12.59
CA VAL A 131 35.20 -20.54 14.02
C VAL A 131 36.68 -20.46 14.40
N ASP A 132 36.94 -20.04 15.64
CA ASP A 132 38.30 -19.84 16.10
C ASP A 132 39.09 -21.14 16.23
N THR A 133 38.43 -22.29 16.19
CA THR A 133 39.10 -23.57 16.37
C THR A 133 38.95 -24.53 15.19
N ARG A 134 38.28 -24.11 14.11
CA ARG A 134 38.04 -25.02 13.00
C ARG A 134 37.76 -24.21 11.74
N ASN A 135 37.92 -24.86 10.59
CA ASN A 135 37.58 -24.30 9.30
C ASN A 135 36.45 -25.08 8.67
N ILE A 136 35.47 -24.37 8.11
CA ILE A 136 34.27 -24.97 7.55
C ILE A 136 34.16 -24.55 6.09
N VAL A 137 33.93 -25.52 5.21
CA VAL A 137 33.75 -25.28 3.79
C VAL A 137 32.47 -25.96 3.33
N LEU A 138 31.87 -25.43 2.27
CA LEU A 138 30.59 -25.89 1.77
C LEU A 138 30.78 -26.82 0.57
N ALA A 139 29.71 -27.54 0.23
CA ALA A 139 29.68 -28.41 -0.94
C ALA A 139 28.23 -28.60 -1.34
N VAL A 140 28.03 -29.13 -2.55
CA VAL A 140 26.72 -29.30 -3.14
C VAL A 140 26.44 -30.78 -3.35
N ASP A 141 25.27 -31.23 -2.88
CA ASP A 141 24.81 -32.59 -3.09
C ASP A 141 23.77 -32.60 -4.20
N LEU A 142 24.04 -33.32 -5.28
CA LEU A 142 23.21 -33.21 -6.48
C LEU A 142 21.80 -33.74 -6.23
N GLU A 143 21.67 -34.87 -5.52
CA GLU A 143 20.37 -35.51 -5.36
C GLU A 143 19.42 -34.71 -4.48
N LYS A 144 19.93 -33.82 -3.64
CA LYS A 144 19.10 -33.05 -2.73
C LYS A 144 18.73 -31.68 -3.29
N VAL A 145 19.08 -31.39 -4.54
CA VAL A 145 18.71 -30.15 -5.20
C VAL A 145 17.55 -30.43 -6.12
N GLY A 146 16.46 -29.67 -5.97
CA GLY A 146 15.29 -29.93 -6.78
C GLY A 146 14.31 -28.78 -6.67
N LYS A 147 13.17 -28.96 -7.35
CA LYS A 147 12.14 -27.94 -7.41
C LYS A 147 10.79 -28.62 -7.57
N ASN A 148 9.81 -28.18 -6.79
CA ASN A 148 8.48 -28.78 -6.84
C ASN A 148 7.80 -28.45 -8.15
N ASP A 149 6.95 -29.38 -8.61
CA ASP A 149 6.28 -29.20 -9.90
C ASP A 149 5.24 -28.07 -9.85
N ASP A 150 4.65 -27.82 -8.68
CA ASP A 150 3.59 -26.83 -8.55
C ASP A 150 4.10 -25.41 -8.35
N VAL A 151 5.42 -25.22 -8.31
CA VAL A 151 5.97 -23.88 -8.13
C VAL A 151 5.58 -23.03 -9.33
N PHE A 152 4.91 -21.90 -9.08
CA PHE A 152 4.40 -21.05 -10.13
C PHE A 152 4.67 -19.59 -9.81
N LEU A 153 4.91 -18.80 -10.85
CA LEU A 153 5.01 -17.36 -10.76
C LEU A 153 4.07 -16.73 -11.77
N THR A 154 3.43 -15.63 -11.37
CA THR A 154 2.43 -14.98 -12.22
C THR A 154 3.11 -14.32 -13.40
N GLY A 155 3.01 -14.95 -14.57
CA GLY A 155 3.54 -14.37 -15.79
C GLY A 155 4.96 -14.74 -16.13
N TRP A 156 5.55 -15.71 -15.45
CA TRP A 156 6.91 -16.14 -15.70
C TRP A 156 6.97 -17.64 -16.00
N ASP A 157 7.95 -18.02 -16.79
CA ASP A 157 8.24 -19.43 -17.07
C ASP A 157 9.54 -19.81 -16.38
N ILE A 158 9.50 -20.89 -15.62
CA ILE A 158 10.68 -21.35 -14.87
C ILE A 158 11.45 -22.34 -15.73
N GLU A 159 12.76 -22.11 -15.86
CA GLU A 159 13.61 -22.90 -16.74
C GLU A 159 14.39 -23.97 -15.98
N SER A 160 15.16 -23.58 -14.97
CA SER A 160 16.02 -24.52 -14.28
C SER A 160 16.34 -23.99 -12.89
N PHE A 161 16.86 -24.88 -12.04
CA PHE A 161 17.26 -24.52 -10.68
C PHE A 161 18.46 -25.40 -10.33
N THR A 162 19.66 -24.86 -10.50
CA THR A 162 20.89 -25.59 -10.26
C THR A 162 21.77 -24.81 -9.30
N ALA A 163 22.91 -25.41 -8.92
CA ALA A 163 23.87 -24.79 -8.03
C ALA A 163 25.26 -24.92 -8.61
N VAL A 164 26.09 -23.90 -8.38
CA VAL A 164 27.47 -23.91 -8.82
C VAL A 164 28.29 -24.68 -7.79
N VAL A 165 28.98 -25.72 -8.22
CA VAL A 165 29.70 -26.61 -7.30
C VAL A 165 30.85 -25.87 -6.62
N LYS A 166 31.58 -25.06 -7.39
CA LYS A 166 32.76 -24.40 -6.85
C LYS A 166 32.38 -23.32 -5.85
N PRO A 167 32.88 -23.37 -4.61
CA PRO A 167 32.62 -22.29 -3.67
C PRO A 167 33.45 -21.06 -3.96
N ALA A 168 33.39 -20.06 -3.09
CA ALA A 168 34.19 -18.84 -3.21
C ALA A 168 34.74 -18.50 -1.84
N ASN A 169 35.99 -18.88 -1.57
CA ASN A 169 36.62 -18.65 -0.29
C ASN A 169 37.31 -17.29 -0.27
N PHE A 170 37.05 -16.51 0.79
CA PHE A 170 37.66 -15.20 0.93
C PHE A 170 37.75 -14.87 2.41
N ALA A 171 38.61 -13.90 2.72
CA ALA A 171 38.82 -13.44 4.09
C ALA A 171 38.05 -12.15 4.31
N LEU A 172 37.02 -12.21 5.14
CA LEU A 172 36.20 -11.05 5.47
C LEU A 172 36.15 -10.90 6.98
N GLU A 173 36.46 -9.70 7.47
CA GLU A 173 36.48 -9.42 8.91
C GLU A 173 37.39 -10.39 9.65
N ASP A 174 38.56 -10.66 9.04
CA ASP A 174 39.58 -11.53 9.63
C ASP A 174 39.02 -12.94 9.90
N ARG A 175 38.20 -13.43 8.97
CA ARG A 175 37.70 -14.80 9.05
C ARG A 175 37.49 -15.33 7.64
N LEU A 176 37.65 -16.63 7.49
CA LEU A 176 37.46 -17.30 6.20
C LEU A 176 36.00 -17.70 6.04
N GLU A 177 35.46 -17.43 4.85
CA GLU A 177 34.07 -17.72 4.54
C GLU A 177 33.97 -18.40 3.19
N SER A 178 32.93 -19.20 3.02
CA SER A 178 32.67 -19.91 1.77
C SER A 178 31.25 -19.61 1.31
N LYS A 179 31.09 -19.43 0.00
CA LYS A 179 29.81 -19.07 -0.58
C LYS A 179 29.39 -20.09 -1.63
N LEU A 180 28.09 -20.37 -1.67
CA LEU A 180 27.49 -21.19 -2.71
C LEU A 180 26.41 -20.37 -3.41
N ASP A 181 26.29 -20.57 -4.72
CA ASP A 181 25.35 -19.82 -5.54
C ASP A 181 24.30 -20.78 -6.09
N TYR A 182 23.04 -20.52 -5.76
CA TYR A 182 21.91 -21.26 -6.31
C TYR A 182 21.17 -20.34 -7.28
N GLN A 183 21.07 -20.76 -8.54
CA GLN A 183 20.56 -19.92 -9.61
C GLN A 183 19.23 -20.46 -10.11
N LEU A 184 18.23 -19.59 -10.17
CA LEU A 184 16.92 -19.93 -10.71
C LEU A 184 16.68 -19.04 -11.93
N ARG A 185 16.67 -19.65 -13.11
CA ARG A 185 16.52 -18.92 -14.36
C ARG A 185 15.06 -18.92 -14.78
N ILE A 186 14.54 -17.73 -15.08
CA ILE A 186 13.15 -17.55 -15.47
C ILE A 186 13.09 -16.71 -16.74
N SER A 187 11.96 -16.78 -17.43
CA SER A 187 11.71 -15.96 -18.60
C SER A 187 10.27 -15.47 -18.56
N ARG A 188 10.05 -14.31 -19.15
CA ARG A 188 8.75 -13.64 -19.08
C ARG A 188 7.87 -14.05 -20.25
N GLN A 189 6.58 -14.23 -19.95
CA GLN A 189 5.59 -14.54 -20.98
C GLN A 189 5.18 -13.23 -21.67
N TYR A 190 5.49 -13.10 -22.95
CA TYR A 190 5.42 -11.83 -23.65
C TYR A 190 4.35 -11.77 -24.72
N PHE A 191 3.54 -12.82 -24.87
CA PHE A 191 2.54 -12.79 -25.94
C PHE A 191 1.44 -11.79 -25.66
N SER A 192 1.00 -11.69 -24.41
CA SER A 192 -0.10 -10.80 -24.07
C SER A 192 0.23 -9.33 -24.26
N TYR A 193 1.52 -8.98 -24.38
CA TYR A 193 1.90 -7.60 -24.57
C TYR A 193 1.62 -7.09 -25.99
N ILE A 194 1.54 -7.97 -26.97
CA ILE A 194 1.35 -7.54 -28.36
C ILE A 194 -0.04 -6.93 -28.51
N PRO A 195 -1.14 -7.68 -28.33
CA PRO A 195 -2.47 -7.07 -28.58
C PRO A 195 -2.90 -6.08 -27.51
N ASN A 196 -2.16 -5.96 -26.41
CA ASN A 196 -2.50 -5.00 -25.37
C ASN A 196 -1.72 -3.70 -25.48
N ILE A 197 -0.53 -3.72 -26.06
CA ILE A 197 0.31 -2.53 -26.12
C ILE A 197 0.76 -2.22 -27.54
N ILE A 198 1.30 -3.22 -28.23
CA ILE A 198 2.03 -2.95 -29.47
C ILE A 198 1.10 -2.48 -30.57
N LEU A 199 -0.01 -3.19 -30.77
CA LEU A 199 -0.88 -2.93 -31.91
C LEU A 199 -1.73 -1.67 -31.76
N PRO A 200 -2.31 -1.37 -30.57
CA PRO A 200 -3.02 -0.09 -30.44
C PRO A 200 -2.16 1.13 -30.74
N MET A 201 -0.89 1.11 -30.34
CA MET A 201 -0.01 2.23 -30.66
C MET A 201 0.19 2.38 -32.17
N LEU A 202 0.35 1.25 -32.87
CA LEU A 202 0.47 1.31 -34.33
C LEU A 202 -0.80 1.87 -34.97
N PHE A 203 -1.96 1.44 -34.47
CA PHE A 203 -3.22 1.96 -35.01
C PHE A 203 -3.33 3.46 -34.80
N ILE A 204 -2.96 3.95 -33.61
CA ILE A 204 -3.02 5.39 -33.35
C ILE A 204 -2.05 6.15 -34.24
N LEU A 205 -0.84 5.60 -34.44
CA LEU A 205 0.13 6.26 -35.29
C LEU A 205 -0.35 6.33 -36.74
N PHE A 206 -0.98 5.26 -37.23
CA PHE A 206 -1.51 5.28 -38.60
C PHE A 206 -2.65 6.27 -38.73
N ILE A 207 -3.53 6.34 -37.72
CA ILE A 207 -4.57 7.35 -37.71
C ILE A 207 -3.97 8.75 -37.81
N SER A 208 -2.87 8.99 -37.09
CA SER A 208 -2.18 10.26 -37.19
C SER A 208 -1.65 10.49 -38.61
N TRP A 209 -1.05 9.46 -39.22
CA TRP A 209 -0.46 9.60 -40.54
C TRP A 209 -1.50 9.83 -41.63
N THR A 210 -2.75 9.48 -41.36
CA THR A 210 -3.78 9.66 -42.39
C THR A 210 -3.95 11.11 -42.83
N ALA A 211 -3.30 12.06 -42.16
CA ALA A 211 -3.43 13.48 -42.45
C ALA A 211 -2.62 13.94 -43.66
N PHE A 212 -1.98 13.02 -44.37
CA PHE A 212 -1.25 13.35 -45.58
C PHE A 212 -2.09 13.19 -46.83
N TRP A 213 -3.37 12.84 -46.70
CA TRP A 213 -4.28 12.70 -47.83
C TRP A 213 -5.34 13.79 -47.87
N SER A 214 -5.20 14.83 -47.05
CA SER A 214 -6.18 15.91 -47.00
C SER A 214 -5.45 17.25 -47.02
N THR A 215 -6.16 18.28 -47.46
CA THR A 215 -5.61 19.62 -47.54
C THR A 215 -6.22 20.59 -46.54
N SER A 216 -7.26 20.19 -45.82
CA SER A 216 -7.89 21.06 -44.84
C SER A 216 -6.98 21.24 -43.63
N TYR A 217 -6.51 22.47 -43.41
CA TYR A 217 -5.54 22.72 -42.36
C TYR A 217 -6.12 22.45 -40.98
N GLU A 218 -7.36 22.90 -40.73
CA GLU A 218 -7.97 22.70 -39.43
C GLU A 218 -8.15 21.23 -39.11
N ALA A 219 -8.60 20.44 -40.09
CA ALA A 219 -8.78 19.02 -39.88
C ALA A 219 -7.46 18.32 -39.59
N ASN A 220 -6.40 18.69 -40.31
CA ASN A 220 -5.09 18.09 -40.07
C ASN A 220 -4.58 18.43 -38.67
N VAL A 221 -4.73 19.69 -38.26
CA VAL A 221 -4.29 20.08 -36.92
C VAL A 221 -5.05 19.28 -35.86
N THR A 222 -6.37 19.18 -36.02
CA THR A 222 -7.17 18.42 -35.08
C THR A 222 -6.70 16.97 -35.02
N LEU A 223 -6.54 16.33 -36.18
CA LEU A 223 -6.11 14.93 -36.22
C LEU A 223 -4.79 14.75 -35.47
N VAL A 224 -3.78 15.52 -35.84
CA VAL A 224 -2.43 15.28 -35.30
C VAL A 224 -2.40 15.55 -33.80
N VAL A 225 -2.96 16.67 -33.36
CA VAL A 225 -2.85 17.02 -31.95
C VAL A 225 -3.69 16.08 -31.09
N SER A 226 -4.90 15.72 -31.55
CA SER A 226 -5.73 14.81 -30.79
C SER A 226 -5.08 13.43 -30.69
N THR A 227 -4.45 12.96 -31.77
CA THR A 227 -3.75 11.68 -31.69
C THR A 227 -2.54 11.77 -30.76
N LEU A 228 -1.88 12.93 -30.68
CA LEU A 228 -0.81 13.09 -29.71
C LEU A 228 -1.34 12.97 -28.28
N ILE A 229 -2.48 13.59 -28.01
CA ILE A 229 -3.10 13.48 -26.69
C ILE A 229 -3.44 12.02 -26.38
N ALA A 230 -3.99 11.31 -27.36
CA ALA A 230 -4.30 9.90 -27.17
C ALA A 230 -3.03 9.09 -26.89
N HIS A 231 -1.94 9.42 -27.56
CA HIS A 231 -0.67 8.75 -27.30
C HIS A 231 -0.21 8.96 -25.87
N ILE A 232 -0.34 10.19 -25.36
CA ILE A 232 0.02 10.44 -23.97
C ILE A 232 -0.86 9.64 -23.02
N ALA A 233 -2.17 9.61 -23.30
CA ALA A 233 -3.09 8.85 -22.45
C ALA A 233 -2.74 7.38 -22.43
N PHE A 234 -2.36 6.82 -23.59
CA PHE A 234 -1.97 5.41 -23.64
C PHE A 234 -0.66 5.17 -22.90
N ASN A 235 0.30 6.10 -23.05
CA ASN A 235 1.55 5.99 -22.31
C ASN A 235 1.30 5.99 -20.80
N ILE A 236 0.22 6.63 -20.36
CA ILE A 236 -0.11 6.57 -18.93
C ILE A 236 -0.28 5.13 -18.47
N LEU A 237 -1.09 4.34 -19.18
CA LEU A 237 -1.28 2.95 -18.76
C LEU A 237 -0.03 2.12 -19.02
N VAL A 238 0.70 2.41 -20.09
CA VAL A 238 1.94 1.68 -20.36
C VAL A 238 2.90 1.83 -19.18
N GLU A 239 3.02 3.05 -18.65
CA GLU A 239 3.86 3.25 -17.47
C GLU A 239 3.21 2.67 -16.22
N THR A 240 1.88 2.60 -16.18
CA THR A 240 1.21 1.99 -15.05
C THR A 240 1.61 0.53 -14.89
N ASN A 241 1.64 -0.22 -15.99
CA ASN A 241 2.03 -1.62 -15.90
C ASN A 241 3.54 -1.84 -15.97
N LEU A 242 4.32 -0.82 -16.35
CA LEU A 242 5.76 -0.97 -16.49
C LEU A 242 6.44 -0.88 -15.12
N PRO A 243 7.52 -1.64 -14.90
CA PRO A 243 8.22 -1.56 -13.62
C PRO A 243 8.78 -0.17 -13.37
N LYS A 244 8.74 0.25 -12.10
CA LYS A 244 9.17 1.59 -11.72
C LYS A 244 10.66 1.64 -11.43
N THR A 245 11.46 1.16 -12.39
CA THR A 245 12.92 1.17 -12.27
C THR A 245 13.50 1.98 -13.43
N PRO A 246 13.93 3.22 -13.19
CA PRO A 246 14.41 4.04 -14.30
C PRO A 246 15.77 3.58 -14.80
N ALA A 247 15.85 3.33 -16.11
CA ALA A 247 17.09 2.92 -16.78
C ALA A 247 16.85 3.02 -18.28
N MET A 248 17.90 2.77 -19.05
CA MET A 248 17.76 2.68 -20.49
C MET A 248 17.07 1.37 -20.87
N THR A 249 16.16 1.45 -21.83
CA THR A 249 15.32 0.30 -22.16
C THR A 249 14.84 0.40 -23.60
N TYR A 250 14.26 -0.70 -24.07
CA TYR A 250 13.75 -0.77 -25.44
C TYR A 250 12.47 0.06 -25.58
N THR A 251 11.55 -0.07 -24.63
CA THR A 251 10.28 0.64 -24.71
C THR A 251 10.48 2.15 -24.62
N GLY A 252 11.42 2.61 -23.79
CA GLY A 252 11.70 4.03 -23.72
C GLY A 252 12.18 4.59 -25.04
N ALA A 253 13.06 3.85 -25.73
CA ALA A 253 13.52 4.28 -27.04
C ALA A 253 12.37 4.33 -28.04
N ILE A 254 11.49 3.33 -28.00
CA ILE A 254 10.35 3.34 -28.92
C ILE A 254 9.47 4.56 -28.67
N ILE A 255 9.19 4.85 -27.40
CA ILE A 255 8.31 5.97 -27.06
C ILE A 255 8.95 7.30 -27.49
N PHE A 256 10.25 7.46 -27.25
CA PHE A 256 10.92 8.68 -27.66
C PHE A 256 10.90 8.84 -29.19
N MET A 257 11.09 7.74 -29.91
CA MET A 257 11.01 7.80 -31.37
C MET A 257 9.61 8.22 -31.82
N ILE A 258 8.58 7.74 -31.14
CA ILE A 258 7.21 8.12 -31.49
C ILE A 258 7.00 9.62 -31.28
N TYR A 259 7.50 10.15 -30.16
CA TYR A 259 7.38 11.60 -29.92
C TYR A 259 8.08 12.38 -31.03
N LEU A 260 9.26 11.94 -31.43
CA LEU A 260 9.99 12.62 -32.51
C LEU A 260 9.18 12.59 -33.81
N PHE A 261 8.55 11.45 -34.11
CA PHE A 261 7.75 11.37 -35.33
C PHE A 261 6.56 12.32 -35.28
N TYR A 262 5.91 12.44 -34.12
CA TYR A 262 4.81 13.40 -34.01
C TYR A 262 5.28 14.82 -34.26
N PHE A 263 6.43 15.18 -33.69
CA PHE A 263 6.97 16.52 -33.90
C PHE A 263 7.24 16.78 -35.39
N VAL A 264 7.84 15.81 -36.07
CA VAL A 264 8.14 16.00 -37.49
C VAL A 264 6.86 16.11 -38.31
N ALA A 265 5.83 15.35 -37.96
CA ALA A 265 4.56 15.43 -38.67
C ALA A 265 3.93 16.82 -38.51
N VAL A 266 3.99 17.38 -37.31
CA VAL A 266 3.47 18.73 -37.10
C VAL A 266 4.23 19.73 -37.96
N ILE A 267 5.57 19.61 -37.99
CA ILE A 267 6.37 20.51 -38.82
C ILE A 267 5.94 20.40 -40.28
N GLU A 268 5.72 19.18 -40.77
CA GLU A 268 5.36 19.00 -42.17
C GLU A 268 4.01 19.64 -42.48
N VAL A 269 3.02 19.46 -41.59
CA VAL A 269 1.70 20.06 -41.83
C VAL A 269 1.81 21.58 -41.87
N THR A 270 2.57 22.17 -40.94
CA THR A 270 2.74 23.62 -40.94
C THR A 270 3.41 24.10 -42.22
N VAL A 271 4.44 23.38 -42.69
CA VAL A 271 5.12 23.77 -43.92
C VAL A 271 4.16 23.72 -45.11
N GLN A 272 3.35 22.66 -45.19
CA GLN A 272 2.41 22.54 -46.30
C GLN A 272 1.43 23.71 -46.31
N HIS A 273 0.86 24.04 -45.15
CA HIS A 273 -0.08 25.15 -45.10
C HIS A 273 0.59 26.46 -45.49
N TYR A 274 1.80 26.71 -44.98
CA TYR A 274 2.47 27.97 -45.27
C TYR A 274 2.79 28.10 -46.75
N LEU A 275 3.21 27.01 -47.39
CA LEU A 275 3.47 27.05 -48.82
C LEU A 275 2.18 27.24 -49.61
N LYS A 276 1.09 26.63 -49.16
CA LYS A 276 -0.18 26.79 -49.87
C LYS A 276 -0.68 28.23 -49.79
N VAL A 277 -0.45 28.91 -48.66
CA VAL A 277 -0.91 30.29 -48.52
C VAL A 277 -0.21 31.20 -49.53
N GLU A 278 1.09 31.01 -49.71
CA GLU A 278 1.87 31.85 -50.61
C GLU A 278 1.64 31.54 -52.09
N SER A 279 0.60 30.77 -52.42
CA SER A 279 0.23 30.47 -53.81
C SER A 279 1.35 29.75 -54.54
N GLN A 280 1.88 28.70 -53.92
CA GLN A 280 2.82 27.77 -54.55
C GLN A 280 2.36 26.36 -54.27
N PRO A 281 1.20 25.96 -54.82
CA PRO A 281 0.65 24.63 -54.47
C PRO A 281 1.45 23.46 -55.01
N ALA A 282 2.27 23.67 -56.05
CA ALA A 282 3.06 22.56 -56.59
C ALA A 282 4.05 22.03 -55.56
N ARG A 283 4.74 22.93 -54.85
CA ARG A 283 5.68 22.50 -53.83
C ARG A 283 4.97 21.78 -52.70
N ALA A 284 3.80 22.29 -52.29
CA ALA A 284 3.04 21.64 -51.24
C ALA A 284 2.63 20.23 -51.64
N ALA A 285 2.16 20.07 -52.88
CA ALA A 285 1.78 18.75 -53.36
C ALA A 285 2.98 17.81 -53.42
N SER A 286 4.13 18.31 -53.88
CA SER A 286 5.32 17.48 -53.93
C SER A 286 5.73 17.02 -52.54
N ILE A 287 5.74 17.94 -51.58
CA ILE A 287 6.12 17.60 -50.21
C ILE A 287 5.16 16.58 -49.62
N THR A 288 3.86 16.78 -49.84
CA THR A 288 2.87 15.86 -49.29
C THR A 288 3.03 14.45 -49.88
N ARG A 289 3.13 14.36 -51.21
CA ARG A 289 3.24 13.03 -51.83
C ARG A 289 4.56 12.37 -51.48
N ALA A 290 5.62 13.16 -51.25
CA ALA A 290 6.87 12.56 -50.81
C ALA A 290 6.75 12.02 -49.39
N SER A 291 6.14 12.79 -48.49
CA SER A 291 6.03 12.36 -47.10
C SER A 291 5.15 11.12 -46.97
N ARG A 292 4.13 10.99 -47.83
CA ARG A 292 3.26 9.82 -47.80
C ARG A 292 4.05 8.53 -47.81
N ILE A 293 5.10 8.47 -48.61
CA ILE A 293 5.95 7.29 -48.66
C ILE A 293 7.12 7.37 -47.68
N ALA A 294 7.61 8.59 -47.42
CA ALA A 294 8.81 8.74 -46.60
C ALA A 294 8.58 8.29 -45.17
N PHE A 295 7.42 8.63 -44.58
CA PHE A 295 7.24 8.36 -43.15
C PHE A 295 7.24 6.87 -42.80
N PRO A 296 6.42 6.01 -43.42
CA PRO A 296 6.44 4.59 -43.02
C PRO A 296 7.78 3.90 -43.24
N VAL A 297 8.48 4.24 -44.32
CA VAL A 297 9.75 3.59 -44.62
C VAL A 297 10.78 3.92 -43.55
N VAL A 298 10.87 5.20 -43.17
CA VAL A 298 11.82 5.59 -42.14
C VAL A 298 11.44 4.97 -40.80
N PHE A 299 10.14 4.89 -40.50
CA PHE A 299 9.72 4.25 -39.26
C PHE A 299 10.14 2.79 -39.22
N LEU A 300 9.94 2.07 -40.32
CA LEU A 300 10.33 0.66 -40.38
C LEU A 300 11.83 0.48 -40.26
N LEU A 301 12.60 1.34 -40.94
CA LEU A 301 14.05 1.24 -40.86
C LEU A 301 14.55 1.50 -39.44
N ALA A 302 14.00 2.52 -38.78
CA ALA A 302 14.40 2.80 -37.41
C ALA A 302 14.05 1.65 -36.48
N ASN A 303 12.87 1.05 -36.66
CA ASN A 303 12.50 -0.11 -35.84
C ASN A 303 13.46 -1.26 -36.06
N ILE A 304 13.82 -1.54 -37.31
CA ILE A 304 14.75 -2.63 -37.60
C ILE A 304 16.10 -2.37 -36.95
N ILE A 305 16.60 -1.14 -37.07
CA ILE A 305 17.91 -0.82 -36.51
C ILE A 305 17.89 -0.96 -34.99
N LEU A 306 16.84 -0.46 -34.32
CA LEU A 306 16.77 -0.60 -32.87
C LEU A 306 16.69 -2.07 -32.45
N ALA A 307 15.86 -2.86 -33.15
CA ALA A 307 15.73 -4.26 -32.78
C ALA A 307 17.05 -5.01 -32.95
N PHE A 308 17.77 -4.73 -34.03
CA PHE A 308 19.08 -5.33 -34.21
C PHE A 308 20.06 -4.88 -33.13
N LEU A 309 20.01 -3.61 -32.76
CA LEU A 309 20.99 -3.06 -31.82
C LEU A 309 20.80 -3.62 -30.42
N PHE A 310 19.55 -3.65 -29.94
CA PHE A 310 19.32 -4.09 -28.57
C PHE A 310 19.43 -5.61 -28.42
N PHE A 311 18.94 -6.37 -29.41
CA PHE A 311 18.96 -7.83 -29.37
C PHE A 311 20.04 -8.40 -30.27
N GLY A 312 21.18 -7.74 -30.37
CA GLY A 312 22.27 -8.22 -31.21
C GLY A 312 23.49 -7.32 -31.15
N VAL B 1 6.11 -36.76 22.40
CA VAL B 1 7.49 -37.00 22.81
C VAL B 1 8.05 -38.23 22.10
N SER B 2 7.17 -39.15 21.74
CA SER B 2 7.56 -40.36 21.01
C SER B 2 6.36 -40.91 20.25
N PRO B 3 6.52 -41.27 18.98
CA PRO B 3 5.40 -41.79 18.22
C PRO B 3 4.94 -43.12 18.81
N PRO B 4 3.65 -43.42 18.71
CA PRO B 4 3.14 -44.69 19.25
C PRO B 4 3.77 -45.87 18.56
N PRO B 5 4.04 -46.95 19.29
CA PRO B 5 4.63 -48.14 18.68
C PRO B 5 3.58 -48.97 17.96
N PRO B 6 3.88 -49.45 16.76
CA PRO B 6 2.91 -50.28 16.03
C PRO B 6 2.75 -51.64 16.70
N ILE B 7 1.60 -52.26 16.44
CA ILE B 7 1.34 -53.58 16.98
C ILE B 7 2.24 -54.58 16.27
N ALA B 8 2.04 -54.75 14.95
CA ALA B 8 3.00 -55.48 14.13
C ALA B 8 3.59 -54.62 13.02
N ASP B 9 2.74 -54.11 12.11
CA ASP B 9 3.25 -53.29 11.01
C ASP B 9 2.31 -52.15 10.61
N GLU B 10 1.22 -51.93 11.33
CA GLU B 10 0.17 -51.03 10.85
C GLU B 10 0.63 -49.58 10.87
N PRO B 11 0.56 -48.88 9.73
CA PRO B 11 0.87 -47.44 9.74
C PRO B 11 -0.17 -46.66 10.53
N LEU B 12 0.27 -45.55 11.11
CA LEU B 12 -0.62 -44.70 11.88
C LEU B 12 -1.55 -43.93 10.96
N THR B 13 -2.82 -43.82 11.37
CA THR B 13 -3.84 -43.13 10.60
C THR B 13 -4.38 -41.96 11.41
N VAL B 14 -4.42 -40.78 10.78
CA VAL B 14 -4.90 -39.55 11.41
C VAL B 14 -6.10 -39.06 10.61
N ASN B 15 -7.25 -38.98 11.25
CA ASN B 15 -8.47 -38.54 10.60
C ASN B 15 -8.59 -37.01 10.71
N THR B 16 -8.77 -36.36 9.57
CA THR B 16 -8.74 -34.90 9.49
C THR B 16 -10.12 -34.33 9.20
N GLY B 17 -10.20 -33.01 9.29
CA GLY B 17 -11.42 -32.28 8.99
C GLY B 17 -11.28 -30.80 9.23
N ILE B 18 -11.82 -29.98 8.33
CA ILE B 18 -11.73 -28.52 8.41
C ILE B 18 -13.13 -27.95 8.36
N TYR B 19 -13.42 -27.02 9.26
CA TYR B 19 -14.72 -26.36 9.32
C TYR B 19 -14.50 -24.87 9.15
N LEU B 20 -14.93 -24.33 8.00
CA LEU B 20 -14.70 -22.93 7.69
C LEU B 20 -15.53 -22.02 8.60
N ILE B 21 -14.91 -20.90 9.00
CA ILE B 21 -15.59 -19.86 9.77
C ILE B 21 -15.67 -18.56 8.98
N GLU B 22 -14.55 -18.12 8.42
CA GLU B 22 -14.49 -16.89 7.63
C GLU B 22 -13.46 -17.05 6.53
N CYS B 23 -13.86 -16.76 5.29
CA CYS B 23 -12.94 -16.63 4.18
C CYS B 23 -13.19 -15.27 3.53
N TYR B 24 -12.11 -14.57 3.20
CA TYR B 24 -12.23 -13.17 2.79
C TYR B 24 -10.96 -12.75 2.08
N SER B 25 -11.01 -11.55 1.50
CA SER B 25 -9.86 -10.89 0.87
C SER B 25 -9.31 -11.74 -0.29
N LEU B 26 -10.17 -11.99 -1.26
CA LEU B 26 -9.76 -12.67 -2.49
C LEU B 26 -9.13 -11.63 -3.40
N ASP B 27 -7.83 -11.79 -3.67
CA ASP B 27 -7.07 -10.83 -4.46
C ASP B 27 -6.79 -11.43 -5.83
N ASP B 28 -7.19 -10.72 -6.88
CA ASP B 28 -6.97 -11.22 -8.24
C ASP B 28 -5.51 -11.09 -8.65
N LYS B 29 -4.89 -9.94 -8.34
CA LYS B 29 -3.52 -9.72 -8.78
C LYS B 29 -2.54 -10.66 -8.08
N ALA B 30 -2.71 -10.86 -6.77
CA ALA B 30 -1.81 -11.69 -6.00
C ALA B 30 -2.23 -13.15 -5.92
N GLU B 31 -3.43 -13.48 -6.41
CA GLU B 31 -3.95 -14.85 -6.39
C GLU B 31 -3.98 -15.43 -4.99
N THR B 32 -4.38 -14.63 -4.01
CA THR B 32 -4.39 -15.04 -2.62
C THR B 32 -5.75 -14.76 -1.98
N PHE B 33 -6.06 -15.54 -0.94
CA PHE B 33 -7.22 -15.27 -0.11
C PHE B 33 -6.91 -15.74 1.31
N LYS B 34 -7.56 -15.12 2.28
CA LYS B 34 -7.33 -15.43 3.68
C LYS B 34 -8.44 -16.34 4.21
N VAL B 35 -8.07 -17.20 5.16
CA VAL B 35 -8.99 -18.19 5.69
C VAL B 35 -8.91 -18.18 7.22
N ASN B 36 -9.96 -18.72 7.84
CA ASN B 36 -10.05 -18.78 9.29
C ASN B 36 -11.00 -19.93 9.62
N ALA B 37 -10.47 -21.03 10.14
CA ALA B 37 -11.26 -22.24 10.25
C ALA B 37 -10.77 -23.08 11.44
N PHE B 38 -11.49 -24.17 11.70
CA PHE B 38 -11.10 -25.16 12.69
C PHE B 38 -10.28 -26.27 12.06
N LEU B 39 -9.64 -27.06 12.91
CA LEU B 39 -8.89 -28.24 12.47
C LEU B 39 -9.10 -29.34 13.49
N SER B 40 -9.49 -30.52 13.02
CA SER B 40 -9.80 -31.65 13.88
C SER B 40 -8.93 -32.84 13.52
N LEU B 41 -8.42 -33.52 14.55
CA LEU B 41 -7.55 -34.68 14.37
C LEU B 41 -7.99 -35.78 15.32
N SER B 42 -7.62 -37.02 14.99
CA SER B 42 -7.99 -38.17 15.81
C SER B 42 -7.11 -39.35 15.41
N TRP B 43 -6.46 -39.97 16.40
CA TRP B 43 -5.62 -41.13 16.15
C TRP B 43 -5.65 -42.03 17.38
N LYS B 44 -4.94 -43.16 17.28
CA LYS B 44 -4.92 -44.16 18.33
C LYS B 44 -3.56 -44.15 19.02
N ASP B 45 -3.58 -44.15 20.35
CA ASP B 45 -2.35 -44.19 21.15
C ASP B 45 -2.66 -45.00 22.40
N ARG B 46 -2.29 -46.29 22.36
CA ARG B 46 -2.61 -47.20 23.46
C ARG B 46 -1.80 -46.92 24.72
N ARG B 47 -0.74 -46.13 24.64
CA ARG B 47 0.02 -45.78 25.83
C ARG B 47 -0.78 -44.90 26.79
N LEU B 48 -1.90 -44.33 26.33
CA LEU B 48 -2.73 -43.46 27.16
C LEU B 48 -4.05 -44.09 27.54
N ALA B 49 -4.16 -45.41 27.43
CA ALA B 49 -5.38 -46.10 27.80
C ALA B 49 -5.54 -46.14 29.31
N PHE B 50 -6.79 -46.07 29.77
CA PHE B 50 -7.10 -46.12 31.19
C PHE B 50 -8.42 -46.87 31.37
N ASP B 51 -8.83 -47.02 32.63
CA ASP B 51 -10.06 -47.72 32.98
C ASP B 51 -11.05 -46.73 33.58
N PRO B 52 -12.20 -46.49 32.93
CA PRO B 52 -13.16 -45.53 33.49
C PRO B 52 -13.72 -45.94 34.85
N VAL B 53 -13.89 -47.25 35.09
CA VAL B 53 -14.47 -47.70 36.35
C VAL B 53 -13.56 -47.36 37.52
N ARG B 54 -12.26 -47.63 37.37
CA ARG B 54 -11.31 -47.34 38.44
C ARG B 54 -10.97 -45.86 38.51
N SER B 55 -10.95 -45.17 37.36
CA SER B 55 -10.63 -43.75 37.36
C SER B 55 -11.80 -42.91 37.90
N GLY B 56 -13.02 -43.38 37.71
CA GLY B 56 -14.20 -42.66 38.18
C GLY B 56 -14.70 -41.59 37.25
N VAL B 57 -14.06 -41.38 36.11
CA VAL B 57 -14.48 -40.40 35.12
C VAL B 57 -14.59 -41.08 33.76
N ARG B 58 -14.91 -40.30 32.74
CA ARG B 58 -15.06 -40.82 31.38
C ARG B 58 -14.09 -40.21 30.38
N VAL B 59 -13.66 -38.96 30.58
CA VAL B 59 -12.78 -38.29 29.63
C VAL B 59 -11.69 -37.55 30.40
N LYS B 60 -10.44 -37.74 29.99
CA LYS B 60 -9.31 -37.02 30.54
C LYS B 60 -8.92 -35.87 29.61
N THR B 61 -8.35 -34.82 30.19
CA THR B 61 -7.93 -33.64 29.45
C THR B 61 -6.44 -33.41 29.67
N TYR B 62 -5.72 -33.14 28.60
CA TYR B 62 -4.27 -32.94 28.64
C TYR B 62 -3.91 -31.59 28.04
N GLU B 63 -2.73 -31.11 28.41
CA GLU B 63 -2.13 -29.96 27.75
C GLU B 63 -1.48 -30.39 26.44
N PRO B 64 -1.20 -29.44 25.54
CA PRO B 64 -0.44 -29.80 24.33
C PRO B 64 0.91 -30.42 24.63
N GLU B 65 1.55 -30.02 25.72
CA GLU B 65 2.78 -30.67 26.17
C GLU B 65 2.44 -32.00 26.84
N ALA B 66 3.49 -32.79 27.08
CA ALA B 66 3.37 -34.10 27.73
C ALA B 66 2.46 -35.03 26.93
N ILE B 67 2.45 -34.89 25.61
CA ILE B 67 1.69 -35.76 24.73
C ILE B 67 2.23 -35.59 23.33
N TRP B 68 2.21 -36.66 22.54
CA TRP B 68 2.72 -36.63 21.19
C TRP B 68 1.61 -36.19 20.23
N ILE B 69 1.91 -35.16 19.43
CA ILE B 69 0.97 -34.60 18.48
C ILE B 69 1.59 -34.68 17.10
N PRO B 70 0.91 -35.25 16.11
CA PRO B 70 1.49 -35.32 14.76
C PRO B 70 1.66 -33.92 14.17
N GLU B 71 2.70 -33.77 13.36
CA GLU B 71 3.03 -32.47 12.77
C GLU B 71 2.32 -32.36 11.42
N ILE B 72 1.16 -31.71 11.43
CA ILE B 72 0.38 -31.47 10.21
C ILE B 72 0.70 -30.06 9.73
N ARG B 73 1.09 -29.94 8.47
CA ARG B 73 1.45 -28.66 7.89
C ARG B 73 0.79 -28.48 6.54
N PHE B 74 0.44 -27.24 6.22
CA PHE B 74 -0.08 -26.90 4.91
C PHE B 74 1.06 -26.66 3.94
N VAL B 75 0.75 -26.69 2.65
CA VAL B 75 1.76 -26.55 1.62
C VAL B 75 1.71 -25.16 1.01
N ASN B 76 0.56 -24.77 0.48
CA ASN B 76 0.44 -23.52 -0.28
C ASN B 76 -0.02 -22.37 0.62
N VAL B 77 0.78 -22.11 1.65
CA VAL B 77 0.56 -20.98 2.54
C VAL B 77 1.80 -20.11 2.53
N GLU B 78 1.61 -18.79 2.56
CA GLU B 78 2.74 -17.88 2.55
C GLU B 78 3.62 -18.06 3.78
N ASN B 79 3.00 -18.21 4.95
CA ASN B 79 3.72 -18.42 6.19
C ASN B 79 2.98 -19.46 7.02
N ALA B 80 3.64 -19.91 8.08
CA ALA B 80 3.02 -20.88 8.99
C ALA B 80 1.79 -20.27 9.65
N ARG B 81 0.77 -21.10 9.83
CA ARG B 81 -0.49 -20.63 10.40
C ARG B 81 -0.31 -20.23 11.86
N ASP B 82 -1.15 -19.30 12.32
CA ASP B 82 -1.21 -18.94 13.72
C ASP B 82 -2.25 -19.82 14.40
N ALA B 83 -1.81 -20.69 15.31
CA ALA B 83 -2.66 -21.74 15.84
C ALA B 83 -2.68 -21.70 17.37
N ASP B 84 -3.84 -22.01 17.94
CA ASP B 84 -3.98 -22.19 19.38
C ASP B 84 -4.93 -23.34 19.64
N VAL B 85 -4.56 -24.22 20.55
CA VAL B 85 -5.34 -25.42 20.84
C VAL B 85 -6.57 -25.05 21.64
N VAL B 86 -7.72 -25.61 21.25
CA VAL B 86 -8.98 -25.36 21.93
C VAL B 86 -9.32 -26.47 22.91
N ASP B 87 -9.07 -27.73 22.55
CA ASP B 87 -9.50 -28.84 23.38
C ASP B 87 -8.67 -30.07 23.05
N ILE B 88 -8.39 -30.88 24.09
CA ILE B 88 -7.77 -32.18 23.94
C ILE B 88 -8.49 -33.16 24.86
N SER B 89 -8.85 -34.33 24.33
CA SER B 89 -9.56 -35.34 25.11
C SER B 89 -8.96 -36.70 24.81
N VAL B 90 -9.11 -37.61 25.77
CA VAL B 90 -8.61 -38.98 25.64
C VAL B 90 -9.73 -39.94 26.02
N SER B 91 -10.05 -40.85 25.12
CA SER B 91 -11.02 -41.90 25.37
C SER B 91 -10.35 -43.08 26.09
N PRO B 92 -11.11 -43.87 26.84
CA PRO B 92 -10.51 -45.04 27.51
C PRO B 92 -9.84 -46.01 26.55
N ASP B 93 -10.37 -46.18 25.34
CA ASP B 93 -9.72 -47.07 24.37
C ASP B 93 -8.36 -46.53 23.97
N GLY B 94 -8.25 -45.22 23.77
CA GLY B 94 -6.99 -44.61 23.38
C GLY B 94 -7.15 -43.55 22.31
N THR B 95 -8.37 -43.36 21.81
CA THR B 95 -8.62 -42.38 20.79
C THR B 95 -8.49 -40.97 21.36
N VAL B 96 -7.74 -40.11 20.68
CA VAL B 96 -7.45 -38.76 21.12
C VAL B 96 -8.20 -37.79 20.24
N GLN B 97 -8.93 -36.86 20.85
CA GLN B 97 -9.65 -35.81 20.13
C GLN B 97 -8.88 -34.50 20.25
N TYR B 98 -8.56 -33.90 19.11
CA TYR B 98 -7.76 -32.68 19.06
C TYR B 98 -8.50 -31.64 18.24
N LEU B 99 -8.63 -30.43 18.79
CA LEU B 99 -9.31 -29.32 18.12
C LEU B 99 -8.43 -28.09 18.19
N GLU B 100 -8.42 -27.32 17.10
CA GLU B 100 -7.54 -26.17 17.00
C GLU B 100 -8.09 -25.19 15.98
N ARG B 101 -8.08 -23.90 16.32
CA ARG B 101 -8.53 -22.84 15.44
C ARG B 101 -7.31 -22.06 14.94
N PHE B 102 -7.23 -21.86 13.63
CA PHE B 102 -6.08 -21.24 13.00
C PHE B 102 -6.51 -20.16 12.02
N SER B 103 -5.53 -19.51 11.42
CA SER B 103 -5.76 -18.54 10.36
C SER B 103 -4.52 -18.50 9.47
N ALA B 104 -4.72 -18.42 8.16
CA ALA B 104 -3.61 -18.50 7.23
C ALA B 104 -3.97 -17.76 5.94
N ARG B 105 -2.94 -17.49 5.15
CA ARG B 105 -3.07 -16.87 3.83
C ARG B 105 -2.64 -17.89 2.79
N VAL B 106 -3.54 -18.20 1.85
CA VAL B 106 -3.40 -19.33 0.95
C VAL B 106 -3.03 -18.84 -0.45
N LEU B 107 -2.21 -19.61 -1.14
CA LEU B 107 -1.83 -19.35 -2.53
C LEU B 107 -2.59 -20.29 -3.44
N SER B 108 -3.20 -19.73 -4.49
CA SER B 108 -3.94 -20.56 -5.43
C SER B 108 -4.03 -19.85 -6.78
N PRO B 109 -3.67 -20.52 -7.87
CA PRO B 109 -3.78 -19.89 -9.19
C PRO B 109 -5.24 -19.71 -9.60
N LEU B 110 -5.47 -18.74 -10.48
CA LEU B 110 -6.80 -18.44 -11.00
C LEU B 110 -6.76 -18.44 -12.52
N ASP B 111 -7.92 -18.71 -13.11
CA ASP B 111 -8.08 -18.77 -14.56
C ASP B 111 -8.96 -17.62 -15.01
N PHE B 112 -8.44 -16.79 -15.91
CA PHE B 112 -9.14 -15.60 -16.37
C PHE B 112 -9.53 -15.68 -17.84
N ARG B 113 -9.74 -16.90 -18.35
CA ARG B 113 -10.13 -17.06 -19.75
C ARG B 113 -11.52 -16.52 -20.00
N ARG B 114 -12.43 -16.65 -19.03
CA ARG B 114 -13.80 -16.18 -19.17
C ARG B 114 -14.12 -15.15 -18.09
N TYR B 115 -13.22 -14.17 -17.91
CA TYR B 115 -13.17 -13.38 -16.68
C TYR B 115 -14.52 -12.81 -16.23
N PRO B 116 -15.32 -12.16 -17.07
CA PRO B 116 -16.60 -11.65 -16.57
C PRO B 116 -17.55 -12.73 -16.08
N PHE B 117 -17.51 -13.93 -16.68
CA PHE B 117 -18.47 -14.99 -16.41
C PHE B 117 -17.75 -16.28 -16.07
N ASP B 118 -16.77 -16.22 -15.19
CA ASP B 118 -15.93 -17.36 -14.88
C ASP B 118 -16.28 -17.96 -13.52
N SER B 119 -15.77 -19.16 -13.30
CA SER B 119 -15.85 -19.84 -12.01
C SER B 119 -14.45 -20.30 -11.62
N GLN B 120 -14.22 -20.45 -10.33
CA GLN B 120 -12.90 -20.78 -9.82
C GLN B 120 -12.99 -21.91 -8.80
N THR B 121 -11.87 -22.60 -8.62
CA THR B 121 -11.73 -23.62 -7.59
C THR B 121 -10.47 -23.32 -6.78
N LEU B 122 -10.60 -23.30 -5.47
CA LEU B 122 -9.52 -22.93 -4.56
C LEU B 122 -9.10 -24.15 -3.76
N HIS B 123 -7.81 -24.45 -3.78
CA HIS B 123 -7.27 -25.67 -3.20
C HIS B 123 -6.52 -25.39 -1.91
N ILE B 124 -6.69 -26.27 -0.93
CA ILE B 124 -5.91 -26.26 0.31
C ILE B 124 -5.32 -27.65 0.50
N TYR B 125 -4.01 -27.71 0.70
CA TYR B 125 -3.30 -28.98 0.77
C TYR B 125 -2.72 -29.19 2.16
N LEU B 126 -2.96 -30.36 2.74
CA LEU B 126 -2.37 -30.79 3.99
C LEU B 126 -1.36 -31.89 3.71
N ILE B 127 -0.35 -32.00 4.58
CA ILE B 127 0.68 -33.01 4.38
C ILE B 127 1.31 -33.33 5.74
N VAL B 128 1.68 -34.59 5.92
CA VAL B 128 2.39 -35.06 7.10
C VAL B 128 3.59 -35.89 6.63
N ARG B 129 4.62 -35.96 7.46
CA ARG B 129 5.85 -36.65 7.13
C ARG B 129 6.09 -37.79 8.10
N SER B 130 6.38 -38.97 7.56
CA SER B 130 6.58 -40.14 8.39
C SER B 130 7.86 -40.02 9.22
N VAL B 131 7.77 -40.44 10.47
CA VAL B 131 8.91 -40.42 11.39
C VAL B 131 9.79 -41.62 11.14
N ASP B 132 10.98 -41.64 11.77
CA ASP B 132 11.95 -42.70 11.52
C ASP B 132 11.46 -44.07 11.94
N THR B 133 10.49 -44.15 12.86
CA THR B 133 10.05 -45.44 13.38
C THR B 133 8.62 -45.80 12.99
N ARG B 134 7.83 -44.86 12.50
CA ARG B 134 6.44 -45.11 12.18
C ARG B 134 6.07 -44.43 10.87
N ASN B 135 5.10 -45.00 10.17
CA ASN B 135 4.57 -44.45 8.93
C ASN B 135 3.19 -43.87 9.20
N ILE B 136 2.95 -42.66 8.71
CA ILE B 136 1.73 -41.92 8.98
C ILE B 136 0.99 -41.68 7.68
N VAL B 137 -0.32 -41.91 7.69
CA VAL B 137 -1.18 -41.65 6.55
C VAL B 137 -2.35 -40.79 7.01
N LEU B 138 -2.95 -40.08 6.07
CA LEU B 138 -4.06 -39.19 6.36
C LEU B 138 -5.37 -39.80 5.87
N ALA B 139 -6.47 -39.30 6.43
CA ALA B 139 -7.80 -39.75 6.05
C ALA B 139 -8.78 -38.61 6.31
N VAL B 140 -9.95 -38.71 5.70
CA VAL B 140 -10.97 -37.67 5.75
C VAL B 140 -12.13 -38.15 6.62
N ASP B 141 -12.54 -37.31 7.56
CA ASP B 141 -13.70 -37.55 8.40
C ASP B 141 -14.80 -36.61 7.93
N LEU B 142 -15.75 -37.15 7.16
CA LEU B 142 -16.77 -36.32 6.53
C LEU B 142 -17.69 -35.64 7.53
N GLU B 143 -17.77 -36.15 8.76
CA GLU B 143 -18.63 -35.53 9.77
C GLU B 143 -18.03 -34.26 10.33
N LYS B 144 -16.78 -33.93 10.02
CA LYS B 144 -16.12 -32.75 10.53
C LYS B 144 -15.79 -31.74 9.43
N VAL B 145 -16.42 -31.86 8.27
CA VAL B 145 -16.17 -30.98 7.14
C VAL B 145 -17.42 -30.15 6.88
N GLY B 146 -17.25 -28.84 6.78
CA GLY B 146 -18.37 -27.97 6.52
C GLY B 146 -17.93 -26.52 6.47
N LYS B 147 -18.90 -25.65 6.24
CA LYS B 147 -18.64 -24.21 6.18
C LYS B 147 -19.71 -23.47 6.96
N ASN B 148 -19.34 -22.29 7.45
CA ASN B 148 -20.25 -21.48 8.26
C ASN B 148 -21.31 -20.84 7.37
N ASP B 149 -22.47 -20.56 7.98
CA ASP B 149 -23.58 -19.99 7.23
C ASP B 149 -23.35 -18.53 6.88
N ASP B 150 -22.53 -17.83 7.65
CA ASP B 150 -22.28 -16.41 7.44
C ASP B 150 -21.07 -16.14 6.56
N VAL B 151 -20.46 -17.19 6.01
CA VAL B 151 -19.28 -17.02 5.16
C VAL B 151 -19.67 -16.23 3.92
N PHE B 152 -18.90 -15.17 3.63
CA PHE B 152 -19.19 -14.30 2.51
C PHE B 152 -17.91 -13.88 1.82
N LEU B 153 -17.93 -13.86 0.49
CA LEU B 153 -16.87 -13.27 -0.31
C LEU B 153 -17.47 -12.15 -1.14
N THR B 154 -16.87 -10.97 -1.05
CA THR B 154 -17.41 -9.78 -1.71
C THR B 154 -17.36 -9.97 -3.22
N GLY B 155 -18.53 -10.15 -3.83
CA GLY B 155 -18.63 -10.32 -5.26
C GLY B 155 -18.60 -11.75 -5.75
N TRP B 156 -18.71 -12.73 -4.86
CA TRP B 156 -18.63 -14.13 -5.23
C TRP B 156 -19.77 -14.91 -4.56
N ASP B 157 -20.13 -16.02 -5.20
CA ASP B 157 -21.10 -16.97 -4.65
C ASP B 157 -20.39 -18.27 -4.34
N ILE B 158 -20.59 -18.79 -3.14
CA ILE B 158 -19.95 -20.03 -2.71
C ILE B 158 -20.86 -21.20 -3.05
N GLU B 159 -20.31 -22.20 -3.72
CA GLU B 159 -21.08 -23.36 -4.16
C GLU B 159 -20.95 -24.54 -3.21
N SER B 160 -19.74 -24.99 -2.94
CA SER B 160 -19.54 -26.15 -2.08
C SER B 160 -18.12 -26.13 -1.52
N PHE B 161 -17.90 -26.95 -0.49
CA PHE B 161 -16.59 -27.12 0.14
C PHE B 161 -16.45 -28.59 0.49
N THR B 162 -15.72 -29.34 -0.33
CA THR B 162 -15.56 -30.78 -0.17
C THR B 162 -14.07 -31.11 -0.17
N ALA B 163 -13.77 -32.41 -0.06
CA ALA B 163 -12.41 -32.90 -0.08
C ALA B 163 -12.37 -34.26 -0.75
N VAL B 164 -11.24 -34.58 -1.34
CA VAL B 164 -11.05 -35.89 -1.97
C VAL B 164 -10.68 -36.89 -0.88
N VAL B 165 -11.30 -38.07 -0.92
CA VAL B 165 -11.09 -39.07 0.11
C VAL B 165 -9.69 -39.68 0.00
N LYS B 166 -9.24 -39.93 -1.22
CA LYS B 166 -8.00 -40.68 -1.42
C LYS B 166 -6.78 -39.75 -1.34
N PRO B 167 -5.87 -39.96 -0.41
CA PRO B 167 -4.63 -39.18 -0.39
C PRO B 167 -3.62 -39.70 -1.39
N ALA B 168 -2.66 -38.84 -1.72
CA ALA B 168 -1.61 -39.15 -2.69
C ALA B 168 -0.31 -39.40 -1.94
N ASN B 169 0.07 -40.66 -1.80
CA ASN B 169 1.28 -41.05 -1.09
C ASN B 169 2.47 -41.00 -2.04
N PHE B 170 3.55 -40.38 -1.59
CA PHE B 170 4.77 -40.27 -2.39
C PHE B 170 5.96 -40.09 -1.46
N ALA B 171 7.15 -40.33 -2.00
CA ALA B 171 8.38 -40.27 -1.22
C ALA B 171 9.15 -38.99 -1.56
N LEU B 172 9.46 -38.21 -0.53
CA LEU B 172 10.22 -36.97 -0.67
C LEU B 172 11.32 -36.95 0.37
N GLU B 173 12.56 -36.69 -0.07
CA GLU B 173 13.73 -36.65 0.80
C GLU B 173 13.88 -37.95 1.59
N ASP B 174 13.64 -39.08 0.90
CA ASP B 174 13.77 -40.42 1.49
C ASP B 174 12.81 -40.63 2.65
N ARG B 175 11.65 -40.00 2.60
CA ARG B 175 10.60 -40.18 3.60
C ARG B 175 9.25 -40.14 2.91
N LEU B 176 8.36 -41.06 3.30
CA LEU B 176 7.03 -41.09 2.72
C LEU B 176 6.18 -39.92 3.23
N GLU B 177 5.30 -39.43 2.38
CA GLU B 177 4.41 -38.33 2.73
C GLU B 177 3.03 -38.58 2.14
N SER B 178 2.00 -38.09 2.84
CA SER B 178 0.62 -38.19 2.40
C SER B 178 0.02 -36.80 2.32
N LYS B 179 -0.75 -36.57 1.26
CA LYS B 179 -1.30 -35.24 0.99
C LYS B 179 -2.78 -35.35 0.64
N LEU B 180 -3.59 -34.47 1.22
CA LEU B 180 -5.01 -34.38 0.92
C LEU B 180 -5.27 -33.16 0.03
N ASP B 181 -6.55 -32.91 -0.24
CA ASP B 181 -6.93 -31.83 -1.14
C ASP B 181 -8.34 -31.38 -0.79
N TYR B 182 -8.47 -30.17 -0.24
CA TYR B 182 -9.77 -29.58 0.03
C TYR B 182 -10.07 -28.53 -1.04
N GLN B 183 -11.28 -28.60 -1.61
CA GLN B 183 -11.65 -27.77 -2.74
C GLN B 183 -12.83 -26.89 -2.37
N LEU B 184 -12.71 -25.60 -2.66
CA LEU B 184 -13.76 -24.62 -2.43
C LEU B 184 -14.17 -24.03 -3.78
N ARG B 185 -15.36 -24.35 -4.25
CA ARG B 185 -15.84 -23.91 -5.55
C ARG B 185 -16.68 -22.66 -5.40
N ILE B 186 -16.35 -21.64 -6.20
CA ILE B 186 -17.01 -20.34 -6.12
C ILE B 186 -17.41 -19.91 -7.52
N SER B 187 -18.34 -18.97 -7.59
CA SER B 187 -18.80 -18.39 -8.84
C SER B 187 -18.82 -16.87 -8.72
N ARG B 188 -18.62 -16.19 -9.85
CA ARG B 188 -18.54 -14.74 -9.86
C ARG B 188 -19.90 -14.14 -10.13
N GLN B 189 -20.20 -13.04 -9.44
CA GLN B 189 -21.44 -12.29 -9.64
C GLN B 189 -21.21 -11.28 -10.76
N TYR B 190 -21.79 -11.55 -11.92
CA TYR B 190 -21.50 -10.81 -13.14
C TYR B 190 -22.51 -9.73 -13.47
N PHE B 191 -23.58 -9.58 -12.69
CA PHE B 191 -24.62 -8.63 -13.05
C PHE B 191 -24.12 -7.20 -13.01
N SER B 192 -23.36 -6.84 -11.99
CA SER B 192 -22.91 -5.46 -11.84
C SER B 192 -22.04 -5.01 -12.99
N TYR B 193 -21.36 -5.93 -13.67
CA TYR B 193 -20.48 -5.55 -14.76
C TYR B 193 -21.24 -5.01 -15.96
N ILE B 194 -22.48 -5.45 -16.15
CA ILE B 194 -23.25 -5.06 -17.34
C ILE B 194 -23.43 -3.54 -17.37
N PRO B 195 -24.18 -2.93 -16.46
CA PRO B 195 -24.45 -1.48 -16.60
C PRO B 195 -23.24 -0.60 -16.29
N ASN B 196 -22.20 -1.16 -15.70
CA ASN B 196 -21.01 -0.37 -15.39
C ASN B 196 -19.97 -0.39 -16.50
N ILE B 197 -19.93 -1.45 -17.32
CA ILE B 197 -18.88 -1.64 -18.30
C ILE B 197 -19.44 -1.81 -19.71
N ILE B 198 -20.40 -2.72 -19.88
CA ILE B 198 -20.74 -3.17 -21.23
C ILE B 198 -21.56 -2.13 -21.97
N LEU B 199 -22.69 -1.73 -21.39
CA LEU B 199 -23.59 -0.81 -22.09
C LEU B 199 -22.97 0.56 -22.38
N PRO B 200 -22.23 1.21 -21.46
CA PRO B 200 -21.59 2.48 -21.84
C PRO B 200 -20.67 2.36 -23.04
N MET B 201 -19.92 1.25 -23.15
CA MET B 201 -19.06 1.07 -24.31
C MET B 201 -19.87 0.95 -25.60
N LEU B 202 -21.00 0.26 -25.55
CA LEU B 202 -21.87 0.18 -26.71
C LEU B 202 -22.40 1.54 -27.10
N PHE B 203 -22.78 2.35 -26.12
CA PHE B 203 -23.26 3.70 -26.41
C PHE B 203 -22.17 4.54 -27.06
N ILE B 204 -20.94 4.45 -26.54
CA ILE B 204 -19.84 5.23 -27.13
C ILE B 204 -19.56 4.75 -28.56
N LEU B 205 -19.60 3.44 -28.79
CA LEU B 205 -19.38 2.92 -30.13
C LEU B 205 -20.45 3.40 -31.11
N PHE B 206 -21.71 3.43 -30.66
CA PHE B 206 -22.77 3.91 -31.54
C PHE B 206 -22.62 5.41 -31.82
N ILE B 207 -22.22 6.18 -30.82
CA ILE B 207 -21.95 7.59 -31.04
C ILE B 207 -20.85 7.75 -32.09
N SER B 208 -19.84 6.89 -32.03
CA SER B 208 -18.79 6.92 -33.06
C SER B 208 -19.37 6.58 -34.43
N TRP B 209 -20.25 5.57 -34.49
CA TRP B 209 -20.81 5.15 -35.77
C TRP B 209 -21.73 6.19 -36.37
N THR B 210 -22.27 7.10 -35.58
CA THR B 210 -23.21 8.09 -36.11
C THR B 210 -22.59 9.00 -37.16
N ALA B 211 -21.27 8.92 -37.39
CA ALA B 211 -20.60 9.77 -38.36
C ALA B 211 -20.93 9.40 -39.80
N PHE B 212 -21.58 8.27 -40.04
CA PHE B 212 -21.88 7.84 -41.41
C PHE B 212 -23.10 8.53 -42.00
N TRP B 213 -23.81 9.34 -41.22
CA TRP B 213 -24.95 10.10 -41.72
C TRP B 213 -24.61 11.55 -42.01
N SER B 214 -23.35 11.97 -41.84
CA SER B 214 -22.94 13.34 -42.07
C SER B 214 -21.92 13.39 -43.21
N THR B 215 -21.74 14.60 -43.75
CA THR B 215 -20.82 14.80 -44.86
C THR B 215 -19.80 15.89 -44.57
N SER B 216 -19.65 16.32 -43.32
CA SER B 216 -18.66 17.32 -42.94
C SER B 216 -17.44 16.61 -42.40
N TYR B 217 -16.28 16.85 -43.03
CA TYR B 217 -15.07 16.13 -42.68
C TYR B 217 -14.62 16.43 -41.25
N GLU B 218 -14.65 17.71 -40.87
CA GLU B 218 -14.18 18.11 -39.54
C GLU B 218 -15.02 17.46 -38.44
N ALA B 219 -16.34 17.45 -38.62
CA ALA B 219 -17.22 16.86 -37.62
C ALA B 219 -16.96 15.37 -37.46
N ASN B 220 -16.79 14.66 -38.59
CA ASN B 220 -16.51 13.23 -38.52
C ASN B 220 -15.19 12.96 -37.82
N VAL B 221 -14.16 13.74 -38.13
CA VAL B 221 -12.86 13.56 -37.49
C VAL B 221 -12.98 13.77 -35.99
N THR B 222 -13.66 14.85 -35.59
CA THR B 222 -13.83 15.13 -34.17
C THR B 222 -14.55 14.00 -33.47
N LEU B 223 -15.68 13.55 -34.03
CA LEU B 223 -16.44 12.46 -33.43
C LEU B 223 -15.57 11.23 -33.22
N VAL B 224 -14.91 10.77 -34.29
CA VAL B 224 -14.21 9.49 -34.22
C VAL B 224 -13.04 9.57 -33.24
N VAL B 225 -12.25 10.64 -33.32
CA VAL B 225 -11.06 10.70 -32.47
C VAL B 225 -11.43 10.89 -30.99
N SER B 226 -12.44 11.73 -30.72
CA SER B 226 -12.85 11.91 -29.34
C SER B 226 -13.43 10.64 -28.74
N THR B 227 -14.23 9.89 -29.52
CA THR B 227 -14.71 8.62 -29.02
C THR B 227 -13.58 7.62 -28.81
N LEU B 228 -12.53 7.69 -29.64
CA LEU B 228 -11.36 6.85 -29.41
C LEU B 228 -10.70 7.17 -28.07
N ILE B 229 -10.57 8.46 -27.75
CA ILE B 229 -9.99 8.85 -26.46
C ILE B 229 -10.85 8.33 -25.31
N ALA B 230 -12.17 8.44 -25.45
CA ALA B 230 -13.06 7.90 -24.41
C ALA B 230 -12.87 6.40 -24.25
N HIS B 231 -12.72 5.68 -25.37
CA HIS B 231 -12.48 4.25 -25.30
C HIS B 231 -11.18 3.93 -24.59
N ILE B 232 -10.13 4.72 -24.83
CA ILE B 232 -8.86 4.50 -24.14
C ILE B 232 -9.03 4.68 -22.63
N ALA B 233 -9.75 5.73 -22.23
CA ALA B 233 -10.00 5.93 -20.80
C ALA B 233 -10.74 4.75 -20.19
N PHE B 234 -11.78 4.27 -20.87
CA PHE B 234 -12.52 3.12 -20.36
C PHE B 234 -11.66 1.87 -20.31
N ASN B 235 -10.75 1.71 -21.28
CA ASN B 235 -9.84 0.56 -21.26
C ASN B 235 -8.93 0.61 -20.05
N ILE B 236 -8.42 1.79 -19.71
CA ILE B 236 -7.61 1.93 -18.50
C ILE B 236 -8.43 1.55 -17.27
N LEU B 237 -9.67 2.06 -17.20
CA LEU B 237 -10.53 1.74 -16.07
C LEU B 237 -10.76 0.24 -15.93
N VAL B 238 -11.02 -0.44 -17.05
CA VAL B 238 -11.26 -1.88 -17.01
C VAL B 238 -10.00 -2.63 -16.58
N GLU B 239 -8.84 -2.23 -17.11
CA GLU B 239 -7.61 -2.96 -16.83
C GLU B 239 -7.00 -2.61 -15.48
N THR B 240 -7.56 -1.65 -14.75
CA THR B 240 -7.07 -1.39 -13.39
C THR B 240 -7.06 -2.66 -12.54
N ASN B 241 -8.19 -3.36 -12.47
CA ASN B 241 -8.31 -4.55 -11.63
C ASN B 241 -8.24 -5.81 -12.49
N LEU B 242 -7.02 -6.18 -12.90
CA LEU B 242 -6.79 -7.42 -13.63
C LEU B 242 -5.31 -7.74 -13.73
N PRO B 243 -4.91 -9.00 -13.54
CA PRO B 243 -3.49 -9.36 -13.66
C PRO B 243 -3.09 -9.74 -15.08
N LYS B 244 -1.83 -10.11 -15.26
CA LYS B 244 -1.34 -10.54 -16.56
C LYS B 244 -1.94 -11.90 -16.94
N THR B 245 -2.27 -12.05 -18.22
CA THR B 245 -2.91 -13.26 -18.72
C THR B 245 -1.97 -14.00 -19.66
N PRO B 246 -1.53 -15.20 -19.31
CA PRO B 246 -0.60 -15.93 -20.21
C PRO B 246 -1.19 -16.23 -21.57
N ALA B 247 -2.49 -16.52 -21.65
CA ALA B 247 -3.14 -16.89 -22.90
C ALA B 247 -4.19 -15.85 -23.27
N MET B 248 -4.79 -16.02 -24.44
CA MET B 248 -5.81 -15.10 -24.90
C MET B 248 -7.07 -15.20 -24.05
N THR B 249 -7.68 -14.06 -23.76
CA THR B 249 -8.88 -13.99 -22.95
C THR B 249 -10.01 -13.32 -23.73
N TYR B 250 -11.22 -13.42 -23.18
CA TYR B 250 -12.40 -12.88 -23.84
C TYR B 250 -12.35 -11.36 -23.91
N THR B 251 -12.08 -10.71 -22.78
CA THR B 251 -12.10 -9.26 -22.73
C THR B 251 -11.01 -8.65 -23.61
N GLY B 252 -9.81 -9.25 -23.60
CA GLY B 252 -8.75 -8.75 -24.46
C GLY B 252 -9.12 -8.81 -25.93
N ALA B 253 -9.74 -9.92 -26.35
CA ALA B 253 -10.17 -10.04 -27.73
C ALA B 253 -11.21 -8.98 -28.08
N ILE B 254 -12.16 -8.74 -27.17
CA ILE B 254 -13.19 -7.72 -27.44
C ILE B 254 -12.56 -6.35 -27.58
N ILE B 255 -11.62 -6.00 -26.69
CA ILE B 255 -11.01 -4.68 -26.74
C ILE B 255 -10.18 -4.50 -28.01
N PHE B 256 -9.43 -5.54 -28.40
CA PHE B 256 -8.67 -5.45 -29.64
C PHE B 256 -9.59 -5.29 -30.84
N MET B 257 -10.72 -6.00 -30.85
CA MET B 257 -11.67 -5.86 -31.95
C MET B 257 -12.22 -4.43 -32.02
N ILE B 258 -12.47 -3.83 -30.87
CA ILE B 258 -12.96 -2.45 -30.86
C ILE B 258 -11.91 -1.50 -31.44
N TYR B 259 -10.64 -1.68 -31.07
CA TYR B 259 -9.58 -0.86 -31.67
C TYR B 259 -9.55 -1.02 -33.18
N LEU B 260 -9.69 -2.26 -33.66
CA LEU B 260 -9.68 -2.50 -35.09
C LEU B 260 -10.84 -1.77 -35.79
N PHE B 261 -12.03 -1.81 -35.16
CA PHE B 261 -13.18 -1.13 -35.74
C PHE B 261 -12.96 0.38 -35.81
N TYR B 262 -12.35 0.97 -34.79
CA TYR B 262 -12.05 2.40 -34.85
C TYR B 262 -11.10 2.72 -36.00
N PHE B 263 -10.07 1.89 -36.19
CA PHE B 263 -9.14 2.12 -37.29
C PHE B 263 -9.85 2.05 -38.64
N VAL B 264 -10.72 1.05 -38.81
CA VAL B 264 -11.43 0.92 -40.09
C VAL B 264 -12.37 2.10 -40.31
N ALA B 265 -13.00 2.59 -39.25
CA ALA B 265 -13.86 3.76 -39.39
C ALA B 265 -13.08 4.99 -39.86
N VAL B 266 -11.89 5.20 -39.29
CA VAL B 266 -11.05 6.31 -39.73
C VAL B 266 -10.70 6.16 -41.20
N ILE B 267 -10.34 4.94 -41.61
CA ILE B 267 -10.01 4.69 -43.02
C ILE B 267 -11.20 5.05 -43.90
N GLU B 268 -12.41 4.64 -43.51
CA GLU B 268 -13.58 4.92 -44.33
C GLU B 268 -13.84 6.42 -44.45
N VAL B 269 -13.71 7.15 -43.35
CA VAL B 269 -13.94 8.59 -43.40
C VAL B 269 -12.93 9.27 -44.35
N THR B 270 -11.66 8.87 -44.23
CA THR B 270 -10.64 9.44 -45.12
C THR B 270 -10.94 9.12 -46.58
N VAL B 271 -11.35 7.90 -46.87
CA VAL B 271 -11.66 7.51 -48.25
C VAL B 271 -12.82 8.34 -48.79
N GLN B 272 -13.87 8.51 -47.99
CA GLN B 272 -15.01 9.30 -48.43
C GLN B 272 -14.61 10.73 -48.76
N HIS B 273 -13.84 11.36 -47.87
CA HIS B 273 -13.43 12.74 -48.13
C HIS B 273 -12.56 12.84 -49.37
N TYR B 274 -11.62 11.89 -49.54
CA TYR B 274 -10.73 11.95 -50.69
C TYR B 274 -11.50 11.77 -51.99
N LEU B 275 -12.49 10.88 -52.01
CA LEU B 275 -13.32 10.72 -53.20
C LEU B 275 -14.14 11.98 -53.47
N LYS B 276 -14.69 12.60 -52.42
CA LYS B 276 -15.50 13.79 -52.63
C LYS B 276 -14.67 14.96 -53.14
N VAL B 277 -13.40 15.05 -52.73
CA VAL B 277 -12.53 16.13 -53.21
C VAL B 277 -12.31 16.01 -54.71
N GLU B 278 -12.11 14.78 -55.20
CA GLU B 278 -11.89 14.55 -56.63
C GLU B 278 -13.16 14.60 -57.45
N SER B 279 -14.24 15.15 -56.90
CA SER B 279 -15.50 15.35 -57.62
C SER B 279 -16.06 14.03 -58.16
N GLN B 280 -16.23 13.07 -57.25
CA GLN B 280 -16.89 11.80 -57.56
C GLN B 280 -17.89 11.49 -56.46
N PRO B 281 -18.97 12.26 -56.37
CA PRO B 281 -19.93 12.06 -55.27
C PRO B 281 -20.65 10.72 -55.32
N ALA B 282 -20.79 10.10 -56.49
CA ALA B 282 -21.54 8.84 -56.59
C ALA B 282 -20.87 7.73 -55.80
N ARG B 283 -19.56 7.55 -56.01
CA ARG B 283 -18.84 6.51 -55.30
C ARG B 283 -18.82 6.78 -53.79
N ALA B 284 -18.67 8.04 -53.40
CA ALA B 284 -18.68 8.39 -51.98
C ALA B 284 -20.03 8.05 -51.34
N ALA B 285 -21.13 8.39 -52.03
CA ALA B 285 -22.45 8.08 -51.50
C ALA B 285 -22.66 6.57 -51.41
N SER B 286 -22.23 5.83 -52.43
CA SER B 286 -22.37 4.37 -52.39
C SER B 286 -21.58 3.78 -51.23
N ILE B 287 -20.35 4.23 -51.03
CA ILE B 287 -19.53 3.71 -49.94
C ILE B 287 -20.15 4.04 -48.59
N THR B 288 -20.67 5.25 -48.43
CA THR B 288 -21.29 5.64 -47.16
C THR B 288 -22.52 4.78 -46.87
N ARG B 289 -23.39 4.60 -47.86
CA ARG B 289 -24.59 3.80 -47.66
C ARG B 289 -24.23 2.35 -47.38
N ALA B 290 -23.19 1.82 -48.03
CA ALA B 290 -22.76 0.46 -47.76
C ALA B 290 -22.24 0.31 -46.33
N SER B 291 -21.40 1.24 -45.90
CA SER B 291 -20.82 1.15 -44.56
C SER B 291 -21.87 1.26 -43.47
N ARG B 292 -22.90 2.09 -43.69
CA ARG B 292 -23.97 2.26 -42.70
C ARG B 292 -24.53 0.93 -42.23
N ILE B 293 -24.72 -0.01 -43.16
CA ILE B 293 -25.23 -1.33 -42.78
C ILE B 293 -24.09 -2.32 -42.52
N ALA B 294 -22.95 -2.15 -43.18
CA ALA B 294 -21.87 -3.12 -43.04
C ALA B 294 -21.31 -3.15 -41.63
N PHE B 295 -21.14 -1.99 -40.99
CA PHE B 295 -20.48 -1.99 -39.69
C PHE B 295 -21.27 -2.72 -38.61
N PRO B 296 -22.55 -2.41 -38.35
CA PRO B 296 -23.25 -3.12 -37.27
C PRO B 296 -23.38 -4.62 -37.49
N VAL B 297 -23.62 -5.05 -38.73
CA VAL B 297 -23.80 -6.47 -39.01
C VAL B 297 -22.51 -7.23 -38.74
N VAL B 298 -21.39 -6.70 -39.22
CA VAL B 298 -20.11 -7.37 -39.00
C VAL B 298 -19.76 -7.38 -37.52
N PHE B 299 -20.05 -6.29 -36.82
CA PHE B 299 -19.78 -6.26 -35.37
C PHE B 299 -20.59 -7.34 -34.64
N LEU B 300 -21.87 -7.47 -34.98
CA LEU B 300 -22.71 -8.48 -34.35
C LEU B 300 -22.21 -9.89 -34.65
N LEU B 301 -21.86 -10.16 -35.92
CA LEU B 301 -21.40 -11.49 -36.27
C LEU B 301 -20.09 -11.83 -35.57
N ALA B 302 -19.17 -10.87 -35.50
CA ALA B 302 -17.90 -11.11 -34.81
C ALA B 302 -18.12 -11.37 -33.33
N ASN B 303 -19.03 -10.62 -32.70
CA ASN B 303 -19.34 -10.87 -31.30
C ASN B 303 -19.92 -12.27 -31.08
N ILE B 304 -20.83 -12.69 -31.97
CA ILE B 304 -21.40 -14.03 -31.84
C ILE B 304 -20.31 -15.09 -31.98
N ILE B 305 -19.42 -14.92 -32.96
CA ILE B 305 -18.38 -15.91 -33.18
C ILE B 305 -17.44 -15.98 -31.97
N LEU B 306 -17.04 -14.83 -31.42
CA LEU B 306 -16.16 -14.84 -30.26
C LEU B 306 -16.85 -15.49 -29.05
N ALA B 307 -18.12 -15.16 -28.83
CA ALA B 307 -18.83 -15.74 -27.69
C ALA B 307 -18.95 -17.25 -27.83
N PHE B 308 -19.22 -17.74 -29.04
CA PHE B 308 -19.27 -19.18 -29.24
C PHE B 308 -17.91 -19.81 -29.05
N LEU B 309 -16.84 -19.13 -29.49
CA LEU B 309 -15.50 -19.71 -29.43
C LEU B 309 -15.03 -19.85 -27.99
N PHE B 310 -15.16 -18.78 -27.20
CA PHE B 310 -14.64 -18.83 -25.83
C PHE B 310 -15.52 -19.65 -24.90
N PHE B 311 -16.84 -19.54 -25.05
CA PHE B 311 -17.80 -20.24 -24.18
C PHE B 311 -18.38 -21.47 -24.86
N GLY B 312 -17.57 -22.19 -25.63
CA GLY B 312 -18.06 -23.36 -26.34
C GLY B 312 -18.30 -24.55 -25.43
N VAL C 1 -6.68 -23.45 35.90
CA VAL C 1 -6.11 -24.72 36.32
C VAL C 1 -7.14 -25.83 36.22
N SER C 2 -8.39 -25.50 36.55
CA SER C 2 -9.50 -26.44 36.47
C SER C 2 -10.82 -25.68 36.59
N PRO C 3 -11.82 -26.01 35.79
CA PRO C 3 -13.11 -25.31 35.90
C PRO C 3 -13.76 -25.61 37.24
N PRO C 4 -14.51 -24.66 37.80
CA PRO C 4 -15.20 -24.90 39.07
C PRO C 4 -16.18 -26.05 38.94
N PRO C 5 -16.24 -26.93 39.93
CA PRO C 5 -17.17 -28.07 39.85
C PRO C 5 -18.60 -27.61 40.06
N PRO C 6 -19.55 -28.17 39.32
CA PRO C 6 -20.96 -27.82 39.54
C PRO C 6 -21.43 -28.31 40.89
N ILE C 7 -22.34 -27.55 41.49
CA ILE C 7 -22.87 -27.93 42.79
C ILE C 7 -23.79 -29.14 42.63
N ALA C 8 -24.91 -28.96 41.93
CA ALA C 8 -25.74 -30.08 41.52
C ALA C 8 -25.88 -30.19 40.02
N ASP C 9 -26.44 -29.18 39.35
CA ASP C 9 -26.62 -29.24 37.90
C ASP C 9 -26.46 -27.90 37.21
N GLU C 10 -26.12 -26.83 37.90
CA GLU C 10 -26.22 -25.51 37.31
C GLU C 10 -25.03 -25.23 36.39
N PRO C 11 -25.27 -24.71 35.20
CA PRO C 11 -24.17 -24.25 34.34
C PRO C 11 -23.54 -22.98 34.88
N LEU C 12 -22.31 -22.73 34.44
CA LEU C 12 -21.58 -21.54 34.86
C LEU C 12 -22.04 -20.33 34.03
N THR C 13 -22.23 -19.21 34.71
CA THR C 13 -22.68 -17.98 34.08
C THR C 13 -21.58 -16.91 34.18
N VAL C 14 -21.22 -16.34 33.04
CA VAL C 14 -20.20 -15.29 32.97
C VAL C 14 -20.88 -14.03 32.47
N ASN C 15 -20.78 -12.95 33.24
CA ASN C 15 -21.39 -11.68 32.87
C ASN C 15 -20.35 -10.82 32.17
N THR C 16 -20.66 -10.40 30.94
CA THR C 16 -19.70 -9.72 30.09
C THR C 16 -20.01 -8.22 30.01
N GLY C 17 -19.19 -7.51 29.25
CA GLY C 17 -19.36 -6.09 29.02
C GLY C 17 -18.18 -5.49 28.29
N ILE C 18 -18.45 -4.62 27.32
CA ILE C 18 -17.42 -3.98 26.52
C ILE C 18 -17.62 -2.47 26.61
N TYR C 19 -16.54 -1.74 26.86
CA TYR C 19 -16.56 -0.28 26.97
C TYR C 19 -15.64 0.27 25.88
N LEU C 20 -16.23 0.87 24.86
CA LEU C 20 -15.45 1.37 23.73
C LEU C 20 -14.57 2.54 24.15
N ILE C 21 -13.34 2.54 23.66
CA ILE C 21 -12.42 3.66 23.83
C ILE C 21 -12.16 4.37 22.51
N GLU C 22 -11.94 3.62 21.43
CA GLU C 22 -11.70 4.18 20.12
C GLU C 22 -12.23 3.24 19.04
N CYS C 23 -12.78 3.83 17.98
CA CYS C 23 -13.06 3.10 16.76
C CYS C 23 -12.62 3.99 15.60
N TYR C 24 -11.88 3.42 14.66
CA TYR C 24 -11.23 4.21 13.63
C TYR C 24 -10.96 3.34 12.41
N SER C 25 -10.60 4.01 11.31
CA SER C 25 -10.15 3.36 10.08
C SER C 25 -11.23 2.43 9.52
N LEU C 26 -12.40 3.01 9.25
CA LEU C 26 -13.47 2.28 8.58
C LEU C 26 -13.13 2.19 7.09
N ASP C 27 -13.00 0.98 6.58
CA ASP C 27 -12.60 0.74 5.20
C ASP C 27 -13.83 0.32 4.40
N ASP C 28 -14.14 1.07 3.35
CA ASP C 28 -15.28 0.73 2.50
C ASP C 28 -14.97 -0.45 1.59
N LYS C 29 -13.77 -0.51 1.04
CA LYS C 29 -13.42 -1.58 0.10
C LYS C 29 -13.36 -2.93 0.80
N ALA C 30 -12.63 -3.01 1.91
CA ALA C 30 -12.47 -4.28 2.61
C ALA C 30 -13.56 -4.54 3.64
N GLU C 31 -14.40 -3.54 3.93
CA GLU C 31 -15.49 -3.67 4.90
C GLU C 31 -14.98 -4.06 6.27
N THR C 32 -13.97 -3.33 6.75
CA THR C 32 -13.34 -3.58 8.04
C THR C 32 -13.21 -2.27 8.81
N PHE C 33 -13.08 -2.41 10.13
CA PHE C 33 -12.76 -1.27 10.99
C PHE C 33 -11.98 -1.79 12.19
N LYS C 34 -11.24 -0.89 12.83
CA LYS C 34 -10.40 -1.24 13.97
C LYS C 34 -11.02 -0.67 15.24
N VAL C 35 -10.89 -1.42 16.33
CA VAL C 35 -11.54 -1.09 17.59
C VAL C 35 -10.50 -1.17 18.71
N ASN C 36 -10.84 -0.52 19.83
CA ASN C 36 -9.97 -0.48 21.00
C ASN C 36 -10.87 -0.26 22.21
N ALA C 37 -10.98 -1.25 23.08
CA ALA C 37 -12.00 -1.21 24.12
C ALA C 37 -11.58 -2.06 25.31
N PHE C 38 -12.29 -1.87 26.42
CA PHE C 38 -12.14 -2.68 27.61
C PHE C 38 -12.99 -3.95 27.49
N LEU C 39 -12.62 -4.96 28.28
CA LEU C 39 -13.38 -6.19 28.39
C LEU C 39 -13.51 -6.54 29.87
N SER C 40 -14.72 -6.90 30.28
CA SER C 40 -15.01 -7.19 31.68
C SER C 40 -15.71 -8.54 31.79
N LEU C 41 -15.32 -9.31 32.80
CA LEU C 41 -15.90 -10.62 33.06
C LEU C 41 -16.12 -10.78 34.55
N SER C 42 -17.04 -11.68 34.90
CA SER C 42 -17.35 -11.93 36.31
C SER C 42 -18.09 -13.25 36.41
N TRP C 43 -17.57 -14.17 37.22
CA TRP C 43 -18.19 -15.48 37.41
C TRP C 43 -18.10 -15.85 38.88
N LYS C 44 -18.55 -17.06 39.21
CA LYS C 44 -18.64 -17.53 40.59
C LYS C 44 -17.75 -18.75 40.75
N ASP C 45 -16.87 -18.71 41.76
CA ASP C 45 -15.98 -19.83 42.06
C ASP C 45 -15.87 -19.94 43.57
N ARG C 46 -16.40 -21.04 44.12
CA ARG C 46 -16.42 -21.23 45.57
C ARG C 46 -15.07 -21.62 46.15
N ARG C 47 -14.10 -21.97 45.30
CA ARG C 47 -12.80 -22.39 45.80
C ARG C 47 -11.88 -21.23 46.14
N LEU C 48 -12.28 -20.00 45.87
CA LEU C 48 -11.45 -18.83 46.13
C LEU C 48 -11.95 -18.00 47.30
N ALA C 49 -12.95 -18.48 48.03
CA ALA C 49 -13.49 -17.73 49.15
C ALA C 49 -12.49 -17.68 50.31
N PHE C 50 -12.63 -16.66 51.14
CA PHE C 50 -11.76 -16.48 52.29
C PHE C 50 -12.52 -15.75 53.39
N ASP C 51 -12.02 -15.88 54.62
CA ASP C 51 -12.64 -15.23 55.76
C ASP C 51 -12.03 -13.84 55.94
N PRO C 52 -12.81 -12.77 55.78
CA PRO C 52 -12.23 -11.41 55.91
C PRO C 52 -11.66 -11.13 57.30
N VAL C 53 -12.30 -11.65 58.35
CA VAL C 53 -11.83 -11.38 59.70
C VAL C 53 -10.44 -11.95 59.93
N ARG C 54 -10.22 -13.19 59.49
CA ARG C 54 -8.91 -13.82 59.66
C ARG C 54 -7.90 -13.24 58.66
N SER C 55 -8.33 -12.98 57.43
CA SER C 55 -7.43 -12.41 56.44
C SER C 55 -7.09 -10.96 56.75
N GLY C 56 -8.05 -10.22 57.28
CA GLY C 56 -7.84 -8.81 57.57
C GLY C 56 -7.96 -7.89 56.37
N VAL C 57 -8.29 -8.43 55.19
CA VAL C 57 -8.42 -7.64 53.98
C VAL C 57 -9.85 -7.74 53.46
N ARG C 58 -10.15 -7.07 52.36
CA ARG C 58 -11.48 -7.07 51.77
C ARG C 58 -11.52 -7.80 50.43
N VAL C 59 -10.66 -7.42 49.50
CA VAL C 59 -10.58 -8.06 48.18
C VAL C 59 -9.13 -8.47 47.94
N LYS C 60 -8.95 -9.71 47.48
CA LYS C 60 -7.62 -10.23 47.17
C LYS C 60 -7.32 -10.02 45.69
N THR C 61 -6.04 -9.83 45.39
CA THR C 61 -5.58 -9.60 44.03
C THR C 61 -4.68 -10.75 43.60
N TYR C 62 -5.01 -11.37 42.47
CA TYR C 62 -4.28 -12.50 41.93
C TYR C 62 -3.55 -12.09 40.65
N GLU C 63 -2.93 -13.08 40.02
CA GLU C 63 -2.27 -12.97 38.74
C GLU C 63 -2.97 -13.87 37.73
N PRO C 64 -2.75 -13.67 36.43
CA PRO C 64 -3.40 -14.53 35.44
C PRO C 64 -3.09 -16.01 35.64
N GLU C 65 -1.92 -16.36 36.13
CA GLU C 65 -1.61 -17.74 36.45
C GLU C 65 -2.23 -18.10 37.80
N ALA C 66 -2.25 -19.41 38.08
CA ALA C 66 -2.76 -19.94 39.34
C ALA C 66 -4.21 -19.53 39.58
N ILE C 67 -5.00 -19.49 38.51
CA ILE C 67 -6.42 -19.20 38.60
C ILE C 67 -7.05 -19.63 37.29
N TRP C 68 -8.30 -20.08 37.36
CA TRP C 68 -9.04 -20.50 36.17
C TRP C 68 -9.74 -19.31 35.56
N ILE C 69 -9.51 -19.08 34.27
CA ILE C 69 -10.14 -17.99 33.54
C ILE C 69 -10.82 -18.54 32.30
N PRO C 70 -12.11 -18.27 32.09
CA PRO C 70 -12.78 -18.80 30.90
C PRO C 70 -12.21 -18.22 29.62
N GLU C 71 -12.27 -19.01 28.56
CA GLU C 71 -11.77 -18.59 27.25
C GLU C 71 -12.88 -17.89 26.49
N ILE C 72 -12.61 -16.64 26.09
CA ILE C 72 -13.56 -15.83 25.34
C ILE C 72 -12.88 -15.41 24.04
N ARG C 73 -13.56 -15.64 22.92
CA ARG C 73 -13.03 -15.30 21.61
C ARG C 73 -14.05 -14.51 20.83
N PHE C 74 -13.55 -13.75 19.86
CA PHE C 74 -14.39 -13.01 18.93
C PHE C 74 -14.45 -13.76 17.60
N VAL C 75 -15.67 -13.97 17.10
CA VAL C 75 -15.83 -14.79 15.90
C VAL C 75 -15.28 -14.07 14.67
N ASN C 76 -15.68 -12.81 14.47
CA ASN C 76 -15.36 -12.09 13.25
C ASN C 76 -14.19 -11.13 13.51
N VAL C 77 -12.99 -11.70 13.60
CA VAL C 77 -11.76 -10.94 13.68
C VAL C 77 -10.74 -11.57 12.75
N GLU C 78 -9.96 -10.72 12.06
CA GLU C 78 -8.96 -11.25 11.15
C GLU C 78 -7.88 -12.01 11.90
N ASN C 79 -7.46 -11.51 13.06
CA ASN C 79 -6.48 -12.18 13.90
C ASN C 79 -6.93 -12.11 15.35
N ALA C 80 -6.25 -12.87 16.20
CA ALA C 80 -6.55 -12.86 17.62
C ALA C 80 -6.30 -11.48 18.21
N ARG C 81 -7.13 -11.11 19.17
CA ARG C 81 -7.02 -9.81 19.80
C ARG C 81 -5.70 -9.69 20.56
N ASP C 82 -5.14 -8.49 20.58
CA ASP C 82 -3.94 -8.18 21.36
C ASP C 82 -4.39 -7.64 22.71
N ALA C 83 -4.25 -8.46 23.76
CA ALA C 83 -4.83 -8.15 25.06
C ALA C 83 -3.78 -8.23 26.15
N ASP C 84 -3.99 -7.42 27.19
CA ASP C 84 -3.17 -7.46 28.40
C ASP C 84 -4.06 -7.28 29.61
N VAL C 85 -3.92 -8.17 30.60
CA VAL C 85 -4.77 -8.13 31.77
C VAL C 85 -4.45 -6.89 32.60
N VAL C 86 -5.49 -6.24 33.11
CA VAL C 86 -5.35 -5.03 33.90
C VAL C 86 -5.43 -5.32 35.39
N ASP C 87 -6.46 -6.05 35.83
CA ASP C 87 -6.63 -6.30 37.26
C ASP C 87 -7.54 -7.50 37.45
N ILE C 88 -7.29 -8.26 38.51
CA ILE C 88 -8.13 -9.37 38.94
C ILE C 88 -8.37 -9.24 40.44
N SER C 89 -9.62 -9.34 40.85
CA SER C 89 -10.00 -9.20 42.25
C SER C 89 -10.96 -10.32 42.65
N VAL C 90 -10.94 -10.67 43.93
CA VAL C 90 -11.79 -11.73 44.46
C VAL C 90 -12.52 -11.19 45.70
N SER C 91 -13.84 -11.34 45.70
CA SER C 91 -14.66 -10.96 46.83
C SER C 91 -14.67 -12.07 47.87
N PRO C 92 -15.03 -11.75 49.13
CA PRO C 92 -15.03 -12.79 50.17
C PRO C 92 -15.92 -13.99 49.85
N ASP C 93 -17.07 -13.78 49.20
CA ASP C 93 -17.96 -14.89 48.93
C ASP C 93 -17.44 -15.77 47.79
N GLY C 94 -16.71 -15.19 46.83
CA GLY C 94 -16.13 -15.98 45.77
C GLY C 94 -16.20 -15.36 44.39
N THR C 95 -16.92 -14.24 44.26
CA THR C 95 -17.06 -13.59 42.96
C THR C 95 -15.73 -12.99 42.52
N VAL C 96 -15.42 -13.13 41.24
CA VAL C 96 -14.15 -12.69 40.67
C VAL C 96 -14.43 -11.58 39.66
N GLN C 97 -13.60 -10.54 39.69
CA GLN C 97 -13.68 -9.43 38.73
C GLN C 97 -12.45 -9.45 37.86
N TYR C 98 -12.66 -9.38 36.54
CA TYR C 98 -11.57 -9.46 35.57
C TYR C 98 -11.72 -8.32 34.57
N LEU C 99 -10.64 -7.58 34.35
CA LEU C 99 -10.65 -6.44 33.45
C LEU C 99 -9.47 -6.52 32.49
N GLU C 100 -9.71 -6.24 31.22
CA GLU C 100 -8.70 -6.42 30.17
C GLU C 100 -8.96 -5.44 29.04
N ARG C 101 -7.89 -4.87 28.50
CA ARG C 101 -7.96 -3.95 27.37
C ARG C 101 -7.36 -4.61 26.14
N PHE C 102 -8.05 -4.51 25.01
CA PHE C 102 -7.64 -5.20 23.80
C PHE C 102 -7.72 -4.25 22.59
N SER C 103 -7.30 -4.76 21.45
CA SER C 103 -7.43 -4.05 20.18
C SER C 103 -7.43 -5.09 19.06
N ALA C 104 -8.35 -4.94 18.11
CA ALA C 104 -8.49 -5.94 17.06
C ALA C 104 -9.16 -5.29 15.84
N ARG C 105 -9.12 -6.00 14.73
CA ARG C 105 -9.78 -5.61 13.49
C ARG C 105 -10.98 -6.51 13.25
N VAL C 106 -12.13 -5.90 12.93
CA VAL C 106 -13.40 -6.62 12.85
C VAL C 106 -13.84 -6.66 11.39
N LEU C 107 -14.48 -7.78 11.03
CA LEU C 107 -15.06 -7.97 9.70
C LEU C 107 -16.57 -7.84 9.80
N SER C 108 -17.14 -6.95 8.98
CA SER C 108 -18.58 -6.73 9.00
C SER C 108 -19.05 -6.30 7.62
N PRO C 109 -20.03 -6.99 7.05
CA PRO C 109 -20.52 -6.60 5.73
C PRO C 109 -21.25 -5.26 5.76
N LEU C 110 -21.22 -4.57 4.62
CA LEU C 110 -21.84 -3.26 4.46
C LEU C 110 -22.82 -3.28 3.30
N ASP C 111 -23.85 -2.46 3.41
CA ASP C 111 -24.89 -2.35 2.39
C ASP C 111 -24.79 -0.99 1.72
N PHE C 112 -24.75 -0.98 0.38
CA PHE C 112 -24.53 0.23 -0.39
C PHE C 112 -25.69 0.53 -1.35
N ARG C 113 -26.90 0.12 -1.01
CA ARG C 113 -28.04 0.45 -1.87
C ARG C 113 -28.33 1.94 -1.86
N ARG C 114 -28.06 2.62 -0.75
CA ARG C 114 -28.34 4.04 -0.62
C ARG C 114 -27.07 4.80 -0.28
N TYR C 115 -25.99 4.53 -1.01
CA TYR C 115 -24.64 4.88 -0.59
C TYR C 115 -24.47 6.32 -0.12
N PRO C 116 -24.94 7.36 -0.84
CA PRO C 116 -24.72 8.72 -0.32
C PRO C 116 -25.40 8.99 1.01
N PHE C 117 -26.57 8.38 1.26
CA PHE C 117 -27.39 8.67 2.43
C PHE C 117 -27.79 7.38 3.14
N ASP C 118 -26.84 6.50 3.41
CA ASP C 118 -27.11 5.22 4.01
C ASP C 118 -26.79 5.22 5.50
N SER C 119 -27.23 4.16 6.18
CA SER C 119 -26.92 3.92 7.58
C SER C 119 -26.52 2.46 7.74
N GLN C 120 -25.53 2.21 8.59
CA GLN C 120 -24.97 0.88 8.75
C GLN C 120 -25.08 0.41 10.19
N THR C 121 -24.85 -0.88 10.39
CA THR C 121 -24.80 -1.49 11.71
C THR C 121 -23.59 -2.43 11.76
N LEU C 122 -22.75 -2.26 12.77
CA LEU C 122 -21.52 -3.04 12.91
C LEU C 122 -21.69 -4.04 14.04
N HIS C 123 -21.29 -5.28 13.79
CA HIS C 123 -21.50 -6.37 14.72
C HIS C 123 -20.18 -6.86 15.30
N ILE C 124 -20.19 -7.19 16.59
CA ILE C 124 -19.07 -7.87 17.25
C ILE C 124 -19.66 -9.04 18.03
N TYR C 125 -19.12 -10.23 17.80
CA TYR C 125 -19.65 -11.46 18.38
C TYR C 125 -18.67 -12.03 19.40
N LEU C 126 -19.18 -12.35 20.59
CA LEU C 126 -18.43 -13.04 21.62
C LEU C 126 -18.94 -14.46 21.75
N ILE C 127 -18.03 -15.42 21.86
CA ILE C 127 -18.41 -16.83 21.92
C ILE C 127 -17.52 -17.55 22.93
N VAL C 128 -18.10 -18.49 23.66
CA VAL C 128 -17.38 -19.31 24.63
C VAL C 128 -17.74 -20.76 24.38
N ARG C 129 -16.77 -21.65 24.55
CA ARG C 129 -16.95 -23.08 24.30
C ARG C 129 -16.96 -23.83 25.62
N SER C 130 -17.95 -24.68 25.81
CA SER C 130 -18.09 -25.41 27.07
C SER C 130 -16.98 -26.43 27.24
N VAL C 131 -16.52 -26.58 28.48
CA VAL C 131 -15.52 -27.58 28.84
C VAL C 131 -16.21 -28.92 29.04
N ASP C 132 -15.41 -29.98 29.19
CA ASP C 132 -15.97 -31.32 29.36
C ASP C 132 -16.81 -31.43 30.63
N THR C 133 -16.31 -30.90 31.74
CA THR C 133 -16.95 -31.08 33.03
C THR C 133 -17.99 -30.04 33.37
N ARG C 134 -18.15 -28.99 32.55
CA ARG C 134 -19.06 -27.91 32.89
C ARG C 134 -19.62 -27.30 31.61
N ASN C 135 -20.83 -26.78 31.69
CA ASN C 135 -21.47 -26.04 30.61
C ASN C 135 -21.44 -24.56 30.95
N ILE C 136 -21.08 -23.73 29.96
CA ILE C 136 -20.84 -22.31 30.16
C ILE C 136 -21.83 -21.52 29.30
N VAL C 137 -22.48 -20.54 29.91
CA VAL C 137 -23.39 -19.65 29.21
C VAL C 137 -22.98 -18.20 29.50
N LEU C 138 -23.22 -17.32 28.54
CA LEU C 138 -22.85 -15.92 28.66
C LEU C 138 -24.05 -15.09 29.09
N ALA C 139 -23.77 -13.86 29.53
CA ALA C 139 -24.80 -12.93 29.92
C ALA C 139 -24.29 -11.52 29.67
N VAL C 140 -25.18 -10.54 29.84
CA VAL C 140 -24.87 -9.14 29.58
C VAL C 140 -25.03 -8.35 30.88
N ASP C 141 -24.03 -7.56 31.22
CA ASP C 141 -24.05 -6.68 32.39
C ASP C 141 -24.20 -5.25 31.87
N LEU C 142 -25.40 -4.70 31.99
CA LEU C 142 -25.71 -3.39 31.41
C LEU C 142 -24.91 -2.26 32.02
N GLU C 143 -24.35 -2.46 33.21
CA GLU C 143 -23.60 -1.41 33.88
C GLU C 143 -22.16 -1.32 33.39
N LYS C 144 -21.73 -2.20 32.48
CA LYS C 144 -20.38 -2.20 31.96
C LYS C 144 -20.32 -1.87 30.48
N VAL C 145 -21.45 -1.51 29.86
CA VAL C 145 -21.53 -1.26 28.43
C VAL C 145 -21.61 0.23 28.21
N GLY C 146 -20.76 0.76 27.33
CA GLY C 146 -20.77 2.18 27.02
C GLY C 146 -19.66 2.51 26.05
N LYS C 147 -19.56 3.80 25.75
CA LYS C 147 -18.54 4.29 24.83
C LYS C 147 -17.95 5.59 25.38
N ASN C 148 -16.70 5.85 24.98
CA ASN C 148 -16.02 7.06 25.41
C ASN C 148 -16.65 8.28 24.76
N ASP C 149 -16.54 9.42 25.47
CA ASP C 149 -17.16 10.65 24.97
C ASP C 149 -16.49 11.17 23.70
N ASP C 150 -15.20 10.86 23.51
CA ASP C 150 -14.45 11.36 22.37
C ASP C 150 -14.31 10.34 21.24
N VAL C 151 -15.11 9.28 21.26
CA VAL C 151 -15.09 8.31 20.17
C VAL C 151 -15.59 9.00 18.90
N PHE C 152 -14.82 8.86 17.82
CA PHE C 152 -15.16 9.54 16.57
C PHE C 152 -14.68 8.71 15.39
N LEU C 153 -15.44 8.76 14.31
CA LEU C 153 -15.04 8.23 13.02
C LEU C 153 -14.99 9.38 12.02
N THR C 154 -14.18 9.20 10.98
CA THR C 154 -13.97 10.26 9.99
C THR C 154 -15.11 10.22 8.98
N GLY C 155 -16.09 11.10 9.15
CA GLY C 155 -17.22 11.18 8.25
C GLY C 155 -18.46 10.45 8.68
N TRP C 156 -18.52 9.96 9.92
CA TRP C 156 -19.66 9.20 10.41
C TRP C 156 -20.15 9.77 11.73
N ASP C 157 -21.42 9.55 12.01
CA ASP C 157 -22.04 9.94 13.27
C ASP C 157 -22.42 8.67 14.04
N ILE C 158 -21.90 8.54 15.25
CA ILE C 158 -22.17 7.38 16.09
C ILE C 158 -23.47 7.61 16.84
N GLU C 159 -24.39 6.66 16.75
CA GLU C 159 -25.71 6.79 17.34
C GLU C 159 -25.87 6.06 18.66
N SER C 160 -25.55 4.77 18.70
CA SER C 160 -25.73 3.99 19.93
C SER C 160 -24.80 2.79 19.91
N PHE C 161 -24.63 2.20 21.09
CA PHE C 161 -23.84 0.97 21.26
C PHE C 161 -24.53 0.12 22.31
N THR C 162 -25.35 -0.82 21.86
CA THR C 162 -26.12 -1.70 22.73
C THR C 162 -25.75 -3.15 22.46
N ALA C 163 -26.40 -4.05 23.19
CA ALA C 163 -26.16 -5.49 23.05
C ALA C 163 -27.46 -6.23 23.22
N VAL C 164 -27.60 -7.33 22.48
CA VAL C 164 -28.76 -8.20 22.60
C VAL C 164 -28.56 -9.09 23.82
N VAL C 165 -29.50 -9.02 24.77
CA VAL C 165 -29.32 -9.69 26.06
C VAL C 165 -29.59 -11.19 26.00
N LYS C 166 -30.08 -11.70 24.87
CA LYS C 166 -30.39 -13.12 24.77
C LYS C 166 -29.30 -13.83 23.99
N PRO C 167 -28.49 -14.68 24.60
CA PRO C 167 -27.49 -15.43 23.85
C PRO C 167 -28.12 -16.50 22.98
N ALA C 168 -27.37 -16.91 21.96
CA ALA C 168 -27.79 -17.95 21.03
C ALA C 168 -26.97 -19.20 21.29
N ASN C 169 -27.60 -20.25 21.80
CA ASN C 169 -26.93 -21.50 22.13
C ASN C 169 -27.11 -22.48 20.99
N PHE C 170 -26.02 -23.09 20.54
CA PHE C 170 -26.06 -24.06 19.45
C PHE C 170 -24.90 -25.04 19.62
N ALA C 171 -25.03 -26.18 18.96
CA ALA C 171 -24.04 -27.24 19.04
C ALA C 171 -23.08 -27.15 17.84
N LEU C 172 -21.78 -27.14 18.13
CA LEU C 172 -20.76 -27.05 17.09
C LEU C 172 -19.59 -27.92 17.50
N GLU C 173 -19.26 -28.91 16.67
CA GLU C 173 -18.11 -29.78 16.87
C GLU C 173 -18.19 -30.49 18.22
N ASP C 174 -19.29 -31.22 18.42
CA ASP C 174 -19.53 -32.09 19.56
C ASP C 174 -19.63 -31.35 20.89
N ARG C 175 -19.75 -30.02 20.86
CA ARG C 175 -19.82 -29.24 22.09
C ARG C 175 -20.88 -28.15 21.96
N LEU C 176 -21.34 -27.68 23.11
CA LEU C 176 -22.30 -26.58 23.16
C LEU C 176 -21.57 -25.25 23.31
N GLU C 177 -22.05 -24.23 22.62
CA GLU C 177 -21.44 -22.92 22.64
C GLU C 177 -22.51 -21.86 22.80
N SER C 178 -22.11 -20.71 23.34
CA SER C 178 -23.00 -19.58 23.56
C SER C 178 -22.39 -18.34 22.92
N LYS C 179 -23.25 -17.51 22.31
CA LYS C 179 -22.79 -16.35 21.56
C LYS C 179 -23.57 -15.11 21.97
N LEU C 180 -22.91 -13.95 21.90
CA LEU C 180 -23.53 -12.67 22.17
C LEU C 180 -23.29 -11.74 20.98
N ASP C 181 -24.19 -10.76 20.84
CA ASP C 181 -24.19 -9.85 19.70
C ASP C 181 -24.14 -8.43 20.21
N TYR C 182 -23.07 -7.71 19.88
CA TYR C 182 -22.93 -6.29 20.18
C TYR C 182 -23.07 -5.50 18.88
N GLN C 183 -23.97 -4.52 18.88
CA GLN C 183 -24.32 -3.78 17.69
C GLN C 183 -23.91 -2.32 17.84
N LEU C 184 -23.29 -1.77 16.80
CA LEU C 184 -22.93 -0.37 16.75
C LEU C 184 -23.59 0.26 15.55
N ARG C 185 -24.41 1.28 15.78
CA ARG C 185 -25.19 1.92 14.73
C ARG C 185 -24.59 3.28 14.41
N ILE C 186 -24.36 3.55 13.12
CA ILE C 186 -23.75 4.79 12.67
C ILE C 186 -24.54 5.32 11.47
N SER C 187 -24.30 6.59 11.15
CA SER C 187 -24.90 7.23 9.99
C SER C 187 -23.84 8.04 9.26
N ARG C 188 -24.06 8.24 7.96
CA ARG C 188 -23.07 8.89 7.12
C ARG C 188 -23.34 10.39 7.03
N GLN C 189 -22.27 11.17 7.03
CA GLN C 189 -22.34 12.63 6.88
C GLN C 189 -22.30 12.94 5.39
N TYR C 190 -23.46 13.26 4.82
CA TYR C 190 -23.62 13.43 3.38
C TYR C 190 -23.54 14.87 2.92
N PHE C 191 -23.26 15.82 3.82
CA PHE C 191 -23.23 17.22 3.44
C PHE C 191 -22.15 17.50 2.39
N SER C 192 -20.95 16.96 2.62
CA SER C 192 -19.82 17.25 1.74
C SER C 192 -19.97 16.66 0.35
N TYR C 193 -20.92 15.75 0.14
CA TYR C 193 -21.10 15.14 -1.17
C TYR C 193 -21.79 16.07 -2.15
N ILE C 194 -22.69 16.93 -1.66
CA ILE C 194 -23.51 17.75 -2.56
C ILE C 194 -22.62 18.69 -3.36
N PRO C 195 -21.95 19.69 -2.76
CA PRO C 195 -21.20 20.65 -3.59
C PRO C 195 -19.99 20.05 -4.27
N ASN C 196 -19.51 18.88 -3.83
CA ASN C 196 -18.35 18.27 -4.43
C ASN C 196 -18.67 17.40 -5.63
N ILE C 197 -19.83 16.73 -5.63
CA ILE C 197 -20.15 15.72 -6.64
C ILE C 197 -21.41 16.06 -7.40
N ILE C 198 -22.48 16.44 -6.69
CA ILE C 198 -23.80 16.47 -7.31
C ILE C 198 -23.96 17.69 -8.21
N LEU C 199 -23.75 18.88 -7.65
CA LEU C 199 -23.97 20.10 -8.42
C LEU C 199 -23.04 20.25 -9.63
N PRO C 200 -21.74 19.94 -9.55
CA PRO C 200 -20.92 20.01 -10.78
C PRO C 200 -21.43 19.14 -11.91
N MET C 201 -21.94 17.94 -11.60
CA MET C 201 -22.49 17.10 -12.65
C MET C 201 -23.72 17.73 -13.29
N LEU C 202 -24.57 18.37 -12.48
CA LEU C 202 -25.70 19.10 -13.03
C LEU C 202 -25.26 20.23 -13.94
N PHE C 203 -24.22 20.95 -13.53
CA PHE C 203 -23.73 22.05 -14.37
C PHE C 203 -23.20 21.51 -15.70
N ILE C 204 -22.47 20.40 -15.67
CA ILE C 204 -21.94 19.82 -16.90
C ILE C 204 -23.09 19.35 -17.80
N LEU C 205 -24.11 18.73 -17.20
CA LEU C 205 -25.26 18.28 -17.99
C LEU C 205 -25.98 19.46 -18.64
N PHE C 206 -26.15 20.56 -17.91
CA PHE C 206 -26.79 21.74 -18.49
C PHE C 206 -25.95 22.33 -19.61
N ILE C 207 -24.63 22.40 -19.42
CA ILE C 207 -23.74 22.86 -20.47
C ILE C 207 -23.92 22.01 -21.72
N SER C 208 -24.05 20.70 -21.56
CA SER C 208 -24.29 19.83 -22.71
C SER C 208 -25.64 20.13 -23.34
N TRP C 209 -26.67 20.37 -22.52
CA TRP C 209 -28.01 20.64 -23.04
C TRP C 209 -28.09 21.95 -23.80
N THR C 210 -27.19 22.89 -23.52
CA THR C 210 -27.28 24.20 -24.16
C THR C 210 -27.14 24.13 -25.68
N ALA C 211 -26.82 22.97 -26.24
CA ALA C 211 -26.65 22.81 -27.69
C ALA C 211 -27.97 22.83 -28.45
N PHE C 212 -29.11 22.83 -27.77
CA PHE C 212 -30.40 22.86 -28.44
C PHE C 212 -30.78 24.25 -28.91
N TRP C 213 -30.01 25.28 -28.55
CA TRP C 213 -30.25 26.65 -28.99
C TRP C 213 -29.31 27.07 -30.11
N SER C 214 -28.74 26.10 -30.85
CA SER C 214 -27.78 26.40 -31.89
C SER C 214 -28.05 25.51 -33.09
N THR C 215 -27.63 25.98 -34.27
CA THR C 215 -27.76 25.25 -35.51
C THR C 215 -26.42 24.84 -36.12
N SER C 216 -25.31 25.27 -35.53
CA SER C 216 -23.99 24.92 -36.03
C SER C 216 -23.66 23.48 -35.62
N TYR C 217 -23.45 22.62 -36.61
CA TYR C 217 -23.25 21.19 -36.33
C TYR C 217 -21.94 20.95 -35.59
N GLU C 218 -20.87 21.62 -36.01
CA GLU C 218 -19.56 21.39 -35.39
C GLU C 218 -19.55 21.82 -33.94
N ALA C 219 -20.16 22.98 -33.63
CA ALA C 219 -20.21 23.45 -32.26
C ALA C 219 -20.98 22.49 -31.36
N ASN C 220 -22.13 21.99 -31.86
CA ASN C 220 -22.91 21.03 -31.07
C ASN C 220 -22.12 19.76 -30.82
N VAL C 221 -21.43 19.25 -31.86
CA VAL C 221 -20.62 18.05 -31.70
C VAL C 221 -19.57 18.28 -30.61
N THR C 222 -18.84 19.39 -30.70
CA THR C 222 -17.81 19.69 -29.72
C THR C 222 -18.39 19.73 -28.31
N LEU C 223 -19.48 20.49 -28.13
CA LEU C 223 -20.12 20.59 -26.82
C LEU C 223 -20.45 19.23 -26.24
N VAL C 224 -21.24 18.45 -26.98
CA VAL C 224 -21.77 17.21 -26.42
C VAL C 224 -20.65 16.22 -26.12
N VAL C 225 -19.70 16.06 -27.06
CA VAL C 225 -18.69 15.04 -26.85
C VAL C 225 -17.72 15.42 -25.74
N SER C 226 -17.33 16.70 -25.67
CA SER C 226 -16.44 17.12 -24.61
C SER C 226 -17.10 16.99 -23.24
N THR C 227 -18.39 17.34 -23.14
CA THR C 227 -19.08 17.14 -21.88
C THR C 227 -19.18 15.65 -21.53
N LEU C 228 -19.32 14.78 -22.53
CA LEU C 228 -19.30 13.35 -22.26
C LEU C 228 -17.97 12.90 -21.67
N ILE C 229 -16.86 13.43 -22.21
CA ILE C 229 -15.55 13.08 -21.67
C ILE C 229 -15.42 13.55 -20.22
N ALA C 230 -15.91 14.76 -19.93
CA ALA C 230 -15.90 15.24 -18.55
C ALA C 230 -16.71 14.34 -17.64
N HIS C 231 -17.87 13.88 -18.12
CA HIS C 231 -18.69 12.97 -17.33
C HIS C 231 -17.96 11.66 -17.07
N ILE C 232 -17.22 11.15 -18.06
CA ILE C 232 -16.46 9.91 -17.84
C ILE C 232 -15.42 10.10 -16.75
N ALA C 233 -14.72 11.24 -16.78
CA ALA C 233 -13.71 11.51 -15.76
C ALA C 233 -14.36 11.57 -14.37
N PHE C 234 -15.49 12.26 -14.25
CA PHE C 234 -16.17 12.33 -12.96
C PHE C 234 -16.68 10.96 -12.52
N ASN C 235 -17.13 10.14 -13.47
CA ASN C 235 -17.60 8.80 -13.12
C ASN C 235 -16.47 7.97 -12.55
N ILE C 236 -15.27 8.06 -13.12
CA ILE C 236 -14.13 7.35 -12.55
C ILE C 236 -13.84 7.88 -11.15
N LEU C 237 -13.83 9.21 -11.00
CA LEU C 237 -13.57 9.81 -9.69
C LEU C 237 -14.54 9.29 -8.64
N VAL C 238 -15.81 9.10 -9.02
CA VAL C 238 -16.81 8.62 -8.07
C VAL C 238 -16.63 7.11 -7.83
N GLU C 239 -16.76 6.31 -8.89
CA GLU C 239 -16.68 4.87 -8.74
C GLU C 239 -15.24 4.40 -8.79
N THR C 240 -14.36 5.11 -8.07
CA THR C 240 -13.10 4.53 -7.63
C THR C 240 -13.06 4.28 -6.12
N ASN C 241 -14.04 4.79 -5.36
CA ASN C 241 -13.98 4.78 -3.90
C ASN C 241 -15.12 3.99 -3.27
N LEU C 242 -15.47 2.84 -3.84
CA LEU C 242 -16.44 1.95 -3.23
C LEU C 242 -16.31 0.57 -3.87
N PRO C 243 -16.62 -0.50 -3.16
CA PRO C 243 -16.37 -1.85 -3.66
C PRO C 243 -17.37 -2.25 -4.73
N LYS C 244 -17.24 -3.51 -5.18
CA LYS C 244 -18.07 -4.05 -6.25
C LYS C 244 -19.34 -4.61 -5.63
N THR C 245 -20.45 -3.94 -5.86
CA THR C 245 -21.73 -4.34 -5.28
C THR C 245 -22.30 -5.56 -6.01
N PRO C 246 -23.06 -6.40 -5.31
CA PRO C 246 -23.65 -7.57 -5.95
C PRO C 246 -24.98 -7.27 -6.64
N ALA C 247 -25.69 -6.26 -6.16
CA ALA C 247 -27.02 -5.92 -6.67
C ALA C 247 -27.03 -4.48 -7.16
N MET C 248 -28.22 -4.01 -7.54
CA MET C 248 -28.36 -2.65 -8.02
C MET C 248 -28.26 -1.64 -6.89
N THR C 249 -27.67 -0.49 -7.18
CA THR C 249 -27.53 0.60 -6.24
C THR C 249 -28.19 1.86 -6.81
N TYR C 250 -28.03 2.97 -6.10
CA TYR C 250 -28.59 4.25 -6.48
C TYR C 250 -27.65 5.01 -7.43
N THR C 251 -26.37 5.09 -7.06
CA THR C 251 -25.40 5.80 -7.86
C THR C 251 -25.26 5.17 -9.25
N GLY C 252 -25.24 3.85 -9.32
CA GLY C 252 -25.16 3.18 -10.61
C GLY C 252 -26.33 3.52 -11.50
N ALA C 253 -27.54 3.54 -10.93
CA ALA C 253 -28.72 3.92 -11.70
C ALA C 253 -28.61 5.33 -12.24
N ILE C 254 -28.18 6.27 -11.39
CA ILE C 254 -28.06 7.65 -11.84
C ILE C 254 -27.03 7.78 -12.97
N ILE C 255 -25.88 7.13 -12.82
CA ILE C 255 -24.83 7.24 -13.83
C ILE C 255 -25.29 6.63 -15.15
N PHE C 256 -25.95 5.48 -15.09
CA PHE C 256 -26.46 4.87 -16.31
C PHE C 256 -27.49 5.77 -16.99
N MET C 257 -28.35 6.40 -16.21
CA MET C 257 -29.33 7.32 -16.78
C MET C 257 -28.64 8.49 -17.49
N ILE C 258 -27.56 8.99 -16.90
CA ILE C 258 -26.83 10.10 -17.53
C ILE C 258 -26.22 9.65 -18.86
N TYR C 259 -25.65 8.44 -18.90
CA TYR C 259 -25.13 7.92 -20.17
C TYR C 259 -26.23 7.84 -21.23
N LEU C 260 -27.41 7.36 -20.83
CA LEU C 260 -28.54 7.28 -21.75
C LEU C 260 -28.89 8.66 -22.30
N PHE C 261 -28.92 9.67 -21.42
CA PHE C 261 -29.26 11.01 -21.86
C PHE C 261 -28.25 11.56 -22.86
N TYR C 262 -26.95 11.30 -22.63
CA TYR C 262 -25.95 11.74 -23.59
C TYR C 262 -26.16 11.08 -24.96
N PHE C 263 -26.44 9.78 -24.96
CA PHE C 263 -26.67 9.08 -26.23
C PHE C 263 -27.87 9.67 -26.97
N VAL C 264 -28.95 9.94 -26.25
CA VAL C 264 -30.15 10.48 -26.90
C VAL C 264 -29.89 11.88 -27.44
N ALA C 265 -29.11 12.69 -26.70
CA ALA C 265 -28.78 14.01 -27.19
C ALA C 265 -27.97 13.96 -28.48
N VAL C 266 -27.02 13.03 -28.56
CA VAL C 266 -26.26 12.86 -29.80
C VAL C 266 -27.19 12.49 -30.95
N ILE C 267 -28.11 11.57 -30.70
CA ILE C 267 -29.06 11.17 -31.75
C ILE C 267 -29.87 12.38 -32.21
N GLU C 268 -30.32 13.21 -31.28
CA GLU C 268 -31.12 14.37 -31.64
C GLU C 268 -30.34 15.35 -32.51
N VAL C 269 -29.08 15.60 -32.14
CA VAL C 269 -28.25 16.51 -32.95
C VAL C 269 -28.06 15.97 -34.36
N THR C 270 -27.78 14.66 -34.47
CA THR C 270 -27.60 14.06 -35.79
C THR C 270 -28.88 14.17 -36.61
N VAL C 271 -30.04 13.92 -36.00
CA VAL C 271 -31.30 14.01 -36.72
C VAL C 271 -31.55 15.43 -37.20
N GLN C 272 -31.28 16.42 -36.36
CA GLN C 272 -31.49 17.80 -36.77
C GLN C 272 -30.62 18.16 -37.97
N HIS C 273 -29.34 17.80 -37.92
CA HIS C 273 -28.47 18.12 -39.04
C HIS C 273 -28.90 17.40 -40.32
N TYR C 274 -29.27 16.12 -40.20
CA TYR C 274 -29.66 15.37 -41.38
C TYR C 274 -30.92 15.93 -42.02
N LEU C 275 -31.88 16.34 -41.20
CA LEU C 275 -33.08 16.96 -41.75
C LEU C 275 -32.79 18.31 -42.36
N LYS C 276 -31.88 19.08 -41.77
CA LYS C 276 -31.53 20.37 -42.35
C LYS C 276 -30.86 20.23 -43.70
N VAL C 277 -29.99 19.22 -43.85
CA VAL C 277 -29.30 19.04 -45.12
C VAL C 277 -30.27 18.69 -46.24
N GLU C 278 -31.34 17.96 -45.93
CA GLU C 278 -32.35 17.59 -46.93
C GLU C 278 -33.31 18.73 -47.24
N SER C 279 -32.97 19.96 -46.86
CA SER C 279 -33.79 21.14 -47.16
C SER C 279 -35.20 21.00 -46.61
N GLN C 280 -35.30 20.60 -45.35
CA GLN C 280 -36.57 20.56 -44.62
C GLN C 280 -36.38 21.24 -43.27
N PRO C 281 -36.20 22.57 -43.28
CA PRO C 281 -35.89 23.27 -42.02
C PRO C 281 -37.04 23.29 -41.03
N ALA C 282 -38.29 23.22 -41.49
CA ALA C 282 -39.42 23.31 -40.57
C ALA C 282 -39.45 22.13 -39.61
N ARG C 283 -39.23 20.92 -40.11
CA ARG C 283 -39.22 19.74 -39.25
C ARG C 283 -38.07 19.81 -38.24
N ALA C 284 -36.90 20.25 -38.69
CA ALA C 284 -35.77 20.39 -37.78
C ALA C 284 -36.07 21.40 -36.68
N ALA C 285 -36.68 22.54 -37.04
CA ALA C 285 -37.03 23.54 -36.04
C ALA C 285 -38.03 22.99 -35.04
N SER C 286 -39.05 22.26 -35.54
CA SER C 286 -40.02 21.68 -34.62
C SER C 286 -39.37 20.68 -33.68
N ILE C 287 -38.47 19.84 -34.20
CA ILE C 287 -37.84 18.82 -33.38
C ILE C 287 -36.98 19.46 -32.28
N THR C 288 -36.17 20.46 -32.66
CA THR C 288 -35.31 21.08 -31.65
C THR C 288 -36.12 21.86 -30.63
N ARG C 289 -37.20 22.54 -31.08
CA ARG C 289 -38.06 23.25 -30.15
C ARG C 289 -38.72 22.30 -29.17
N ALA C 290 -39.14 21.12 -29.64
CA ALA C 290 -39.69 20.12 -28.73
C ALA C 290 -38.64 19.62 -27.75
N SER C 291 -37.42 19.34 -28.24
CA SER C 291 -36.39 18.77 -27.39
C SER C 291 -36.02 19.72 -26.25
N ARG C 292 -36.01 21.03 -26.54
CA ARG C 292 -35.64 22.02 -25.53
C ARG C 292 -36.43 21.83 -24.24
N ILE C 293 -37.72 21.57 -24.34
CA ILE C 293 -38.53 21.34 -23.16
C ILE C 293 -38.57 19.86 -22.77
N ALA C 294 -38.48 18.95 -23.73
CA ALA C 294 -38.65 17.53 -23.44
C ALA C 294 -37.54 17.01 -22.53
N PHE C 295 -36.29 17.45 -22.76
CA PHE C 295 -35.18 16.85 -22.00
C PHE C 295 -35.26 17.13 -20.50
N PRO C 296 -35.34 18.39 -20.04
CA PRO C 296 -35.37 18.62 -18.58
C PRO C 296 -36.54 17.99 -17.87
N VAL C 297 -37.73 17.98 -18.49
CA VAL C 297 -38.91 17.42 -17.84
C VAL C 297 -38.75 15.92 -17.63
N VAL C 298 -38.28 15.22 -18.66
CA VAL C 298 -38.08 13.78 -18.53
C VAL C 298 -36.99 13.47 -17.51
N PHE C 299 -35.93 14.29 -17.49
CA PHE C 299 -34.87 14.09 -16.50
C PHE C 299 -35.42 14.22 -15.09
N LEU C 300 -36.22 15.26 -14.84
CA LEU C 300 -36.79 15.47 -13.52
C LEU C 300 -37.71 14.32 -13.13
N LEU C 301 -38.57 13.88 -14.05
CA LEU C 301 -39.50 12.80 -13.74
C LEU C 301 -38.75 11.50 -13.42
N ALA C 302 -37.73 11.19 -14.21
CA ALA C 302 -36.96 9.96 -13.97
C ALA C 302 -36.24 10.02 -12.63
N ASN C 303 -35.67 11.18 -12.28
CA ASN C 303 -35.00 11.29 -10.99
C ASN C 303 -35.99 11.14 -9.84
N ILE C 304 -37.19 11.72 -9.97
CA ILE C 304 -38.20 11.57 -8.93
C ILE C 304 -38.59 10.11 -8.77
N ILE C 305 -38.79 9.41 -9.90
CA ILE C 305 -39.18 8.01 -9.84
C ILE C 305 -38.11 7.18 -9.16
N LEU C 306 -36.83 7.39 -9.53
CA LEU C 306 -35.76 6.63 -8.90
C LEU C 306 -35.67 6.92 -7.41
N ALA C 307 -35.78 8.20 -7.02
CA ALA C 307 -35.69 8.56 -5.62
C ALA C 307 -36.80 7.90 -4.80
N PHE C 308 -38.02 7.89 -5.34
CA PHE C 308 -39.10 7.19 -4.65
C PHE C 308 -38.84 5.69 -4.60
N LEU C 309 -38.30 5.12 -5.69
CA LEU C 309 -38.13 3.67 -5.75
C LEU C 309 -37.11 3.17 -4.73
N PHE C 310 -36.01 3.90 -4.56
CA PHE C 310 -34.96 3.42 -3.68
C PHE C 310 -35.14 3.82 -2.23
N PHE C 311 -35.79 4.96 -1.96
CA PHE C 311 -35.95 5.45 -0.59
C PHE C 311 -37.39 5.34 -0.10
N GLY C 312 -38.20 4.51 -0.74
CA GLY C 312 -39.59 4.36 -0.35
C GLY C 312 -39.93 2.95 0.11
N VAL D 1 6.04 -5.81 42.55
CA VAL D 1 5.73 -6.91 43.44
C VAL D 1 4.47 -6.61 44.26
N SER D 2 4.37 -5.38 44.75
CA SER D 2 3.23 -4.92 45.53
C SER D 2 3.29 -3.41 45.68
N PRO D 3 2.16 -2.71 45.60
CA PRO D 3 2.17 -1.25 45.76
C PRO D 3 2.68 -0.86 47.14
N PRO D 4 3.44 0.24 47.22
CA PRO D 4 3.99 0.62 48.52
C PRO D 4 2.89 0.99 49.50
N PRO D 5 3.09 0.71 50.78
CA PRO D 5 2.06 1.02 51.77
C PRO D 5 1.97 2.52 52.02
N PRO D 6 0.78 3.04 52.22
CA PRO D 6 0.62 4.45 52.59
C PRO D 6 0.85 4.62 54.09
N ILE D 7 0.84 5.88 54.52
CA ILE D 7 1.00 6.16 55.95
C ILE D 7 -0.38 6.20 56.60
N ALA D 8 -1.20 7.18 56.23
CA ALA D 8 -2.61 7.17 56.62
C ALA D 8 -3.54 7.14 55.43
N ASP D 9 -3.49 8.15 54.55
CA ASP D 9 -4.35 8.18 53.37
C ASP D 9 -3.66 8.81 52.17
N GLU D 10 -2.38 9.15 52.27
CA GLU D 10 -1.73 9.96 51.24
C GLU D 10 -1.71 9.22 49.90
N PRO D 11 -2.24 9.82 48.84
CA PRO D 11 -2.14 9.18 47.51
C PRO D 11 -0.72 9.19 47.02
N LEU D 12 -0.39 8.18 46.20
CA LEU D 12 0.92 8.09 45.60
C LEU D 12 1.02 9.07 44.43
N THR D 13 2.12 9.82 44.38
CA THR D 13 2.34 10.82 43.35
C THR D 13 3.49 10.39 42.45
N VAL D 14 3.23 10.34 41.15
CA VAL D 14 4.21 9.94 40.16
C VAL D 14 4.50 11.13 39.26
N ASN D 15 5.77 11.49 39.14
CA ASN D 15 6.18 12.61 38.31
C ASN D 15 6.59 12.11 36.94
N THR D 16 6.01 12.70 35.89
CA THR D 16 6.19 12.25 34.53
C THR D 16 7.09 13.22 33.76
N GLY D 17 7.34 12.88 32.51
CA GLY D 17 8.13 13.71 31.61
C GLY D 17 8.43 13.00 30.31
N ILE D 18 8.30 13.72 29.19
CA ILE D 18 8.53 13.16 27.87
C ILE D 18 9.48 14.07 27.12
N TYR D 19 10.50 13.49 26.49
CA TYR D 19 11.50 14.24 25.73
C TYR D 19 11.48 13.71 24.30
N LEU D 20 10.93 14.51 23.39
CA LEU D 20 10.80 14.07 22.00
C LEU D 20 12.16 13.92 21.33
N ILE D 21 12.26 12.93 20.45
CA ILE D 21 13.48 12.66 19.70
C ILE D 21 13.22 12.71 18.19
N GLU D 22 12.20 11.99 17.73
CA GLU D 22 11.83 11.96 16.31
C GLU D 22 10.33 11.91 16.19
N CYS D 23 9.75 12.86 15.46
CA CYS D 23 8.34 12.81 15.07
C CYS D 23 8.27 12.93 13.56
N TYR D 24 7.43 12.13 12.94
CA TYR D 24 7.43 11.99 11.49
C TYR D 24 6.16 11.28 11.06
N SER D 25 6.00 11.14 9.74
CA SER D 25 4.93 10.35 9.13
C SER D 25 3.55 10.86 9.54
N LEU D 26 3.31 12.14 9.28
CA LEU D 26 2.01 12.75 9.54
C LEU D 26 1.13 12.53 8.32
N ASP D 27 0.08 11.73 8.49
CA ASP D 27 -0.81 11.36 7.41
C ASP D 27 -2.10 12.16 7.51
N ASP D 28 -2.44 12.89 6.45
CA ASP D 28 -3.64 13.72 6.48
C ASP D 28 -4.90 12.86 6.45
N LYS D 29 -4.94 11.87 5.56
CA LYS D 29 -6.13 11.03 5.43
C LYS D 29 -6.29 10.10 6.64
N ALA D 30 -5.20 9.53 7.12
CA ALA D 30 -5.27 8.64 8.27
C ALA D 30 -5.31 9.39 9.59
N GLU D 31 -4.94 10.68 9.60
CA GLU D 31 -4.93 11.50 10.80
C GLU D 31 -4.08 10.88 11.90
N THR D 32 -2.90 10.40 11.52
CA THR D 32 -1.98 9.75 12.46
C THR D 32 -0.58 10.28 12.24
N PHE D 33 0.27 10.08 13.25
CA PHE D 33 1.69 10.36 13.13
C PHE D 33 2.45 9.44 14.08
N LYS D 34 3.73 9.26 13.80
CA LYS D 34 4.58 8.38 14.57
C LYS D 34 5.56 9.19 15.41
N VAL D 35 5.86 8.68 16.60
CA VAL D 35 6.64 9.42 17.59
C VAL D 35 7.76 8.53 18.11
N ASN D 36 8.77 9.17 18.70
CA ASN D 36 9.92 8.48 19.28
C ASN D 36 10.46 9.38 20.37
N ALA D 37 10.40 8.95 21.62
CA ALA D 37 10.71 9.84 22.73
C ALA D 37 11.12 9.02 23.95
N PHE D 38 11.69 9.74 24.92
CA PHE D 38 11.99 9.18 26.24
C PHE D 38 10.79 9.37 27.17
N LEU D 39 10.75 8.53 28.21
CA LEU D 39 9.73 8.63 29.23
C LEU D 39 10.39 8.48 30.60
N SER D 40 10.16 9.44 31.48
CA SER D 40 10.78 9.46 32.80
C SER D 40 9.70 9.40 33.87
N LEU D 41 9.92 8.55 34.88
CA LEU D 41 9.01 8.41 36.01
C LEU D 41 9.79 8.47 37.30
N SER D 42 9.13 8.93 38.37
CA SER D 42 9.78 9.05 39.67
C SER D 42 8.71 9.03 40.75
N TRP D 43 8.97 8.29 41.82
CA TRP D 43 8.06 8.21 42.95
C TRP D 43 8.87 7.86 44.19
N LYS D 44 8.17 7.67 45.32
CA LYS D 44 8.81 7.36 46.59
C LYS D 44 8.37 5.99 47.07
N ASP D 45 9.34 5.17 47.48
CA ASP D 45 9.09 3.85 48.02
C ASP D 45 9.97 3.66 49.24
N ARG D 46 9.37 3.74 50.44
CA ARG D 46 10.15 3.67 51.67
C ARG D 46 10.81 2.32 51.88
N ARG D 47 10.28 1.27 51.26
CA ARG D 47 10.84 -0.07 51.45
C ARG D 47 12.24 -0.22 50.88
N LEU D 48 12.65 0.66 49.96
CA LEU D 48 13.94 0.57 49.30
C LEU D 48 14.99 1.48 49.91
N ALA D 49 14.66 2.21 50.97
CA ALA D 49 15.61 3.13 51.58
C ALA D 49 16.75 2.37 52.25
N PHE D 50 17.95 2.92 52.17
CA PHE D 50 19.12 2.30 52.78
C PHE D 50 20.10 3.38 53.21
N ASP D 51 20.98 3.00 54.13
CA ASP D 51 22.02 3.91 54.62
C ASP D 51 23.24 3.80 53.71
N PRO D 52 23.64 4.87 53.02
CA PRO D 52 24.80 4.76 52.13
C PRO D 52 26.09 4.43 52.83
N VAL D 53 26.26 4.87 54.08
CA VAL D 53 27.52 4.65 54.79
C VAL D 53 27.77 3.17 55.02
N ARG D 54 26.73 2.44 55.42
CA ARG D 54 26.89 1.00 55.66
C ARG D 54 27.13 0.24 54.36
N SER D 55 26.34 0.55 53.33
CA SER D 55 26.50 -0.14 52.05
C SER D 55 27.71 0.36 51.28
N GLY D 56 28.13 1.60 51.50
CA GLY D 56 29.28 2.16 50.82
C GLY D 56 29.02 2.72 49.44
N VAL D 57 27.76 2.72 48.98
CA VAL D 57 27.41 3.19 47.65
C VAL D 57 26.30 4.23 47.79
N ARG D 58 26.23 5.14 46.81
CA ARG D 58 25.23 6.21 46.83
C ARG D 58 23.95 5.81 46.11
N VAL D 59 24.06 5.14 44.96
CA VAL D 59 22.91 4.76 44.16
C VAL D 59 22.97 3.27 43.87
N LYS D 60 21.84 2.59 44.06
CA LYS D 60 21.73 1.17 43.79
C LYS D 60 20.86 0.95 42.55
N THR D 61 21.25 0.00 41.72
CA THR D 61 20.55 -0.29 40.47
C THR D 61 19.81 -1.61 40.58
N TYR D 62 18.55 -1.62 40.17
CA TYR D 62 17.72 -2.80 40.19
C TYR D 62 17.30 -3.18 38.79
N GLU D 63 17.05 -4.47 38.58
CA GLU D 63 16.44 -4.93 37.35
C GLU D 63 14.96 -4.53 37.35
N PRO D 64 14.33 -4.52 36.16
CA PRO D 64 12.89 -4.21 36.13
C PRO D 64 12.05 -5.11 37.02
N GLU D 65 12.42 -6.38 37.15
CA GLU D 65 11.72 -7.28 38.05
C GLU D 65 12.14 -7.00 39.49
N ALA D 66 11.43 -7.62 40.43
CA ALA D 66 11.64 -7.48 41.87
C ALA D 66 11.44 -6.05 42.36
N ILE D 67 10.87 -5.17 41.54
CA ILE D 67 10.57 -3.80 41.93
C ILE D 67 9.18 -3.45 41.41
N TRP D 68 8.36 -2.87 42.26
CA TRP D 68 7.04 -2.43 41.83
C TRP D 68 7.15 -1.19 40.95
N ILE D 69 6.51 -1.24 39.79
CA ILE D 69 6.56 -0.13 38.84
C ILE D 69 5.14 0.22 38.43
N PRO D 70 4.74 1.49 38.51
CA PRO D 70 3.36 1.85 38.12
C PRO D 70 3.12 1.61 36.65
N GLU D 71 1.87 1.28 36.32
CA GLU D 71 1.46 0.98 34.95
C GLU D 71 0.97 2.26 34.30
N ILE D 72 1.78 2.80 33.39
CA ILE D 72 1.44 4.01 32.65
C ILE D 72 1.15 3.60 31.21
N ARG D 73 -0.06 3.90 30.75
CA ARG D 73 -0.49 3.54 29.40
C ARG D 73 -1.01 4.76 28.68
N PHE D 74 -0.66 4.87 27.39
CA PHE D 74 -1.21 5.92 26.56
C PHE D 74 -2.67 5.60 26.19
N VAL D 75 -3.44 6.65 25.97
CA VAL D 75 -4.85 6.47 25.64
C VAL D 75 -5.02 6.34 24.14
N ASN D 76 -4.57 7.35 23.39
CA ASN D 76 -4.83 7.42 21.95
C ASN D 76 -3.62 6.86 21.20
N VAL D 77 -3.51 5.54 21.20
CA VAL D 77 -2.53 4.84 20.38
C VAL D 77 -3.24 3.68 19.69
N GLU D 78 -2.73 3.31 18.51
CA GLU D 78 -3.30 2.18 17.79
C GLU D 78 -2.94 0.86 18.46
N ASN D 79 -1.69 0.69 18.86
CA ASN D 79 -1.24 -0.49 19.59
C ASN D 79 -0.40 -0.04 20.77
N ALA D 80 -0.26 -0.95 21.74
CA ALA D 80 0.56 -0.66 22.91
C ALA D 80 2.00 -0.37 22.48
N ARG D 81 2.60 0.61 23.12
CA ARG D 81 3.96 1.03 22.76
C ARG D 81 4.94 -0.10 23.03
N ASP D 82 6.00 -0.14 22.23
CA ASP D 82 7.10 -1.07 22.45
C ASP D 82 8.24 -0.30 23.10
N ALA D 83 8.54 -0.64 24.35
CA ALA D 83 9.48 0.12 25.16
C ALA D 83 10.52 -0.80 25.77
N ASP D 84 11.67 -0.21 26.10
CA ASP D 84 12.74 -0.91 26.78
C ASP D 84 13.31 -0.01 27.87
N VAL D 85 13.56 -0.60 29.04
CA VAL D 85 14.07 0.16 30.17
C VAL D 85 15.54 0.48 29.95
N VAL D 86 15.92 1.72 30.27
CA VAL D 86 17.30 2.17 30.06
C VAL D 86 18.04 2.18 31.39
N ASP D 87 17.49 2.88 32.39
CA ASP D 87 18.15 3.00 33.68
C ASP D 87 17.12 2.99 34.80
N ILE D 88 17.47 2.33 35.90
CA ILE D 88 16.71 2.39 37.14
C ILE D 88 17.69 2.67 38.27
N SER D 89 17.45 3.74 39.02
CA SER D 89 18.32 4.15 40.10
C SER D 89 17.50 4.49 41.33
N VAL D 90 18.02 4.15 42.51
CA VAL D 90 17.31 4.34 43.76
C VAL D 90 18.13 5.26 44.65
N SER D 91 17.54 6.36 45.08
CA SER D 91 18.19 7.27 46.00
C SER D 91 18.21 6.66 47.41
N PRO D 92 19.10 7.15 48.28
CA PRO D 92 19.13 6.60 49.65
C PRO D 92 17.82 6.77 50.40
N ASP D 93 17.06 7.83 50.13
CA ASP D 93 15.81 8.06 50.85
C ASP D 93 14.65 7.25 50.31
N GLY D 94 14.81 6.58 49.18
CA GLY D 94 13.77 5.75 48.60
C GLY D 94 13.21 6.25 47.29
N THR D 95 13.55 7.46 46.86
CA THR D 95 13.09 7.97 45.58
C THR D 95 13.71 7.17 44.45
N VAL D 96 12.88 6.79 43.47
CA VAL D 96 13.30 5.93 42.37
C VAL D 96 13.29 6.74 41.09
N GLN D 97 14.33 6.56 40.27
CA GLN D 97 14.44 7.19 38.96
C GLN D 97 14.25 6.13 37.89
N TYR D 98 13.41 6.44 36.90
CA TYR D 98 13.07 5.50 35.85
C TYR D 98 13.16 6.20 34.50
N LEU D 99 13.57 5.45 33.48
CA LEU D 99 13.77 6.02 32.16
C LEU D 99 13.67 4.93 31.11
N GLU D 100 12.81 5.14 30.10
CA GLU D 100 12.65 4.19 29.02
C GLU D 100 12.46 4.95 27.71
N ARG D 101 12.78 4.26 26.62
CA ARG D 101 12.63 4.80 25.27
C ARG D 101 11.57 3.97 24.53
N PHE D 102 10.66 4.65 23.85
CA PHE D 102 9.54 3.97 23.20
C PHE D 102 9.29 4.58 21.82
N SER D 103 8.35 3.96 21.11
CA SER D 103 7.86 4.48 19.85
C SER D 103 6.42 4.02 19.69
N ALA D 104 5.57 4.88 19.13
CA ALA D 104 4.15 4.57 19.04
C ALA D 104 3.54 5.34 17.88
N ARG D 105 2.34 4.94 17.51
CA ARG D 105 1.54 5.64 16.50
C ARG D 105 0.33 6.26 17.19
N VAL D 106 0.15 7.57 16.98
CA VAL D 106 -0.81 8.36 17.74
C VAL D 106 -1.98 8.74 16.85
N LEU D 107 -3.19 8.59 17.38
CA LEU D 107 -4.41 9.03 16.71
C LEU D 107 -4.77 10.44 17.18
N SER D 108 -4.99 11.34 16.23
CA SER D 108 -5.31 12.71 16.57
C SER D 108 -6.18 13.33 15.48
N PRO D 109 -7.32 13.89 15.83
CA PRO D 109 -8.16 14.55 14.82
C PRO D 109 -7.52 15.83 14.31
N LEU D 110 -7.91 16.20 13.08
CA LEU D 110 -7.37 17.38 12.42
C LEU D 110 -8.52 18.25 11.92
N ASP D 111 -8.23 19.53 11.74
CA ASP D 111 -9.18 20.52 11.26
C ASP D 111 -8.70 21.03 9.91
N PHE D 112 -9.60 21.02 8.91
CA PHE D 112 -9.24 21.37 7.54
C PHE D 112 -10.06 22.52 6.98
N ARG D 113 -10.61 23.39 7.84
CA ARG D 113 -11.38 24.52 7.34
C ARG D 113 -10.48 25.50 6.59
N ARG D 114 -9.38 25.92 7.21
CA ARG D 114 -8.41 26.81 6.57
C ARG D 114 -7.24 26.00 6.01
N TYR D 115 -7.56 25.05 5.13
CA TYR D 115 -6.61 23.98 4.83
C TYR D 115 -5.25 24.45 4.33
N PRO D 116 -5.16 25.35 3.33
CA PRO D 116 -3.82 25.75 2.87
C PRO D 116 -3.01 26.51 3.92
N PHE D 117 -3.66 27.15 4.89
CA PHE D 117 -2.99 28.01 5.86
C PHE D 117 -3.46 27.70 7.28
N ASP D 118 -3.50 26.42 7.63
CA ASP D 118 -4.02 26.00 8.92
C ASP D 118 -2.92 25.74 9.92
N SER D 119 -3.31 25.63 11.19
CA SER D 119 -2.45 25.23 12.28
C SER D 119 -3.13 24.13 13.07
N GLN D 120 -2.35 23.17 13.55
CA GLN D 120 -2.89 22.01 14.25
C GLN D 120 -2.26 21.88 15.62
N THR D 121 -2.93 21.13 16.49
CA THR D 121 -2.44 20.82 17.83
C THR D 121 -2.57 19.31 18.04
N LEU D 122 -1.43 18.63 18.14
CA LEU D 122 -1.43 17.19 18.32
C LEU D 122 -1.42 16.85 19.81
N HIS D 123 -2.23 15.87 20.20
CA HIS D 123 -2.42 15.51 21.59
C HIS D 123 -1.83 14.15 21.89
N ILE D 124 -1.18 14.04 23.05
CA ILE D 124 -0.68 12.77 23.58
C ILE D 124 -1.16 12.67 25.02
N TYR D 125 -1.88 11.59 25.34
CA TYR D 125 -2.51 11.43 26.63
C TYR D 125 -1.84 10.31 27.42
N LEU D 126 -1.53 10.58 28.68
CA LEU D 126 -1.09 9.58 29.64
C LEU D 126 -2.21 9.31 30.63
N ILE D 127 -2.24 8.09 31.16
CA ILE D 127 -3.27 7.71 32.13
C ILE D 127 -2.73 6.59 33.00
N VAL D 128 -3.16 6.56 34.26
CA VAL D 128 -2.79 5.51 35.20
C VAL D 128 -4.04 5.11 35.98
N ARG D 129 -4.19 3.82 36.24
CA ARG D 129 -5.35 3.29 36.92
C ARG D 129 -4.99 2.94 38.36
N SER D 130 -5.78 3.46 39.31
CA SER D 130 -5.50 3.23 40.72
C SER D 130 -5.73 1.77 41.08
N VAL D 131 -4.82 1.22 41.89
CA VAL D 131 -4.96 -0.15 42.39
C VAL D 131 -5.91 -0.15 43.58
N ASP D 132 -6.31 -1.33 44.01
CA ASP D 132 -7.28 -1.43 45.10
C ASP D 132 -6.72 -0.88 46.42
N THR D 133 -5.47 -1.21 46.73
CA THR D 133 -4.91 -0.81 48.01
C THR D 133 -4.55 0.68 48.06
N ARG D 134 -3.98 1.21 46.98
CA ARG D 134 -3.42 2.55 46.98
C ARG D 134 -4.00 3.37 45.83
N ASN D 135 -4.11 4.67 46.05
CA ASN D 135 -4.60 5.60 45.04
C ASN D 135 -3.44 6.36 44.43
N ILE D 136 -3.37 6.38 43.10
CA ILE D 136 -2.24 6.93 42.36
C ILE D 136 -2.71 8.15 41.58
N VAL D 137 -1.90 9.20 41.62
CA VAL D 137 -2.15 10.42 40.85
C VAL D 137 -0.89 10.76 40.06
N LEU D 138 -1.08 11.49 38.97
CA LEU D 138 0.01 11.90 38.10
C LEU D 138 0.38 13.36 38.33
N ALA D 139 1.55 13.74 37.83
CA ALA D 139 2.04 15.10 37.92
C ALA D 139 2.99 15.34 36.76
N VAL D 140 3.46 16.58 36.64
CA VAL D 140 4.36 16.99 35.57
C VAL D 140 5.65 17.51 36.18
N ASP D 141 6.77 16.99 35.72
CA ASP D 141 8.10 17.47 36.10
C ASP D 141 8.58 18.39 34.97
N LEU D 142 8.46 19.69 35.18
CA LEU D 142 8.65 20.66 34.10
C LEU D 142 10.07 20.68 33.56
N GLU D 143 11.04 20.14 34.28
CA GLU D 143 12.42 20.19 33.84
C GLU D 143 12.79 19.04 32.91
N LYS D 144 11.90 18.08 32.69
CA LYS D 144 12.18 16.92 31.85
C LYS D 144 11.24 16.85 30.66
N VAL D 145 10.82 18.00 30.15
CA VAL D 145 9.97 18.09 28.96
C VAL D 145 10.72 18.89 27.91
N GLY D 146 10.83 18.35 26.71
CA GLY D 146 11.54 19.04 25.65
C GLY D 146 11.58 18.21 24.39
N LYS D 147 12.38 18.69 23.43
CA LYS D 147 12.50 18.02 22.14
C LYS D 147 13.88 18.29 21.57
N ASN D 148 14.31 17.40 20.68
CA ASN D 148 15.58 17.58 19.99
C ASN D 148 15.49 18.72 18.98
N ASP D 149 16.60 19.45 18.84
CA ASP D 149 16.67 20.50 17.83
C ASP D 149 16.80 19.94 16.42
N ASP D 150 17.05 18.64 16.27
CA ASP D 150 17.13 18.00 14.97
C ASP D 150 15.78 17.46 14.49
N VAL D 151 14.71 17.73 15.23
CA VAL D 151 13.39 17.25 14.83
C VAL D 151 12.96 17.96 13.55
N PHE D 152 12.50 17.19 12.58
CA PHE D 152 12.08 17.73 11.30
C PHE D 152 10.77 17.08 10.87
N LEU D 153 9.87 17.89 10.32
CA LEU D 153 8.63 17.41 9.72
C LEU D 153 8.55 17.89 8.29
N THR D 154 8.10 17.01 7.40
CA THR D 154 8.03 17.32 5.98
C THR D 154 6.85 18.25 5.74
N GLY D 155 7.14 19.55 5.67
CA GLY D 155 6.13 20.54 5.38
C GLY D 155 5.49 21.23 6.57
N TRP D 156 6.05 21.06 7.77
CA TRP D 156 5.49 21.66 8.98
C TRP D 156 6.59 22.35 9.77
N ASP D 157 6.19 23.34 10.57
CA ASP D 157 7.08 24.06 11.45
C ASP D 157 6.66 23.82 12.89
N ILE D 158 7.59 23.35 13.72
CA ILE D 158 7.31 23.07 15.11
C ILE D 158 7.35 24.36 15.90
N GLU D 159 6.33 24.60 16.72
CA GLU D 159 6.22 25.83 17.49
C GLU D 159 6.54 25.63 18.97
N SER D 160 5.88 24.68 19.63
CA SER D 160 6.14 24.43 21.04
C SER D 160 5.68 23.03 21.41
N PHE D 161 6.19 22.54 22.53
CA PHE D 161 5.80 21.24 23.09
C PHE D 161 5.69 21.42 24.60
N THR D 162 4.46 21.58 25.09
CA THR D 162 4.18 21.83 26.50
C THR D 162 3.28 20.75 27.04
N ALA D 163 2.95 20.86 28.33
CA ALA D 163 2.07 19.92 29.00
C ALA D 163 1.18 20.68 29.97
N VAL D 164 -0.10 20.30 30.02
CA VAL D 164 -1.02 20.91 30.97
C VAL D 164 -0.72 20.33 32.35
N VAL D 165 -0.44 21.21 33.32
CA VAL D 165 0.06 20.77 34.60
C VAL D 165 -1.02 20.05 35.39
N LYS D 166 -2.24 20.59 35.40
CA LYS D 166 -3.30 20.02 36.22
C LYS D 166 -3.88 18.77 35.54
N PRO D 167 -3.85 17.62 36.18
CA PRO D 167 -4.46 16.42 35.59
C PRO D 167 -5.97 16.42 35.79
N ALA D 168 -6.63 15.50 35.10
CA ALA D 168 -8.07 15.31 35.19
C ALA D 168 -8.34 13.99 35.89
N ASN D 169 -9.05 14.04 37.00
CA ASN D 169 -9.37 12.86 37.80
C ASN D 169 -10.84 12.49 37.60
N PHE D 170 -11.08 11.23 37.28
CA PHE D 170 -12.44 10.73 37.10
C PHE D 170 -12.46 9.25 37.44
N ALA D 171 -13.65 8.77 37.79
CA ALA D 171 -13.85 7.38 38.18
C ALA D 171 -14.39 6.60 36.99
N LEU D 172 -13.62 5.62 36.53
CA LEU D 172 -13.98 4.79 35.37
C LEU D 172 -13.95 3.33 35.78
N GLU D 173 -15.03 2.61 35.49
CA GLU D 173 -15.15 1.19 35.80
C GLU D 173 -14.91 0.92 37.28
N ASP D 174 -15.51 1.75 38.14
CA ASP D 174 -15.42 1.61 39.59
C ASP D 174 -13.99 1.75 40.10
N ARG D 175 -13.16 2.52 39.39
CA ARG D 175 -11.81 2.83 39.83
C ARG D 175 -11.48 4.26 39.44
N LEU D 176 -10.62 4.89 40.22
CA LEU D 176 -10.20 6.26 39.97
C LEU D 176 -9.01 6.27 39.03
N GLU D 177 -8.94 7.30 38.18
CA GLU D 177 -7.87 7.43 37.20
C GLU D 177 -7.45 8.88 37.08
N SER D 178 -6.22 9.09 36.60
CA SER D 178 -5.67 10.41 36.36
C SER D 178 -5.12 10.48 34.94
N LYS D 179 -5.35 11.60 34.27
CA LYS D 179 -4.97 11.77 32.87
C LYS D 179 -4.21 13.07 32.68
N LEU D 180 -3.14 13.02 31.90
CA LEU D 180 -2.37 14.20 31.53
C LEU D 180 -2.47 14.45 30.03
N ASP D 181 -2.16 15.68 29.64
CA ASP D 181 -2.25 16.11 28.25
C ASP D 181 -0.92 16.74 27.83
N TYR D 182 -0.31 16.19 26.79
CA TYR D 182 0.87 16.78 26.16
C TYR D 182 0.47 17.28 24.78
N GLN D 183 0.76 18.55 24.51
CA GLN D 183 0.31 19.22 23.31
C GLN D 183 1.50 19.63 22.45
N LEU D 184 1.44 19.32 21.16
CA LEU D 184 2.46 19.69 20.20
C LEU D 184 1.83 20.59 19.15
N ARG D 185 2.26 21.85 19.10
CA ARG D 185 1.67 22.84 18.20
C ARG D 185 2.54 23.00 16.97
N ILE D 186 1.91 22.86 15.80
CA ILE D 186 2.61 22.94 14.52
C ILE D 186 1.84 23.87 13.59
N SER D 187 2.54 24.41 12.60
CA SER D 187 1.94 25.25 11.58
C SER D 187 2.46 24.82 10.21
N ARG D 188 1.60 24.95 9.21
CA ARG D 188 1.93 24.45 7.88
C ARG D 188 2.77 25.45 7.10
N GLN D 189 3.59 24.92 6.21
CA GLN D 189 4.35 25.74 5.25
C GLN D 189 3.55 25.82 3.96
N TYR D 190 3.20 27.04 3.56
CA TYR D 190 2.24 27.24 2.48
C TYR D 190 2.83 27.92 1.24
N PHE D 191 4.14 28.22 1.23
CA PHE D 191 4.71 28.91 0.08
C PHE D 191 4.63 28.05 -1.18
N SER D 192 4.97 26.76 -1.06
CA SER D 192 5.02 25.90 -2.23
C SER D 192 3.65 25.71 -2.87
N TYR D 193 2.58 25.93 -2.11
CA TYR D 193 1.24 25.76 -2.66
C TYR D 193 0.93 26.84 -3.69
N ILE D 194 1.48 28.04 -3.54
CA ILE D 194 1.15 29.17 -4.40
C ILE D 194 1.51 28.84 -5.85
N PRO D 195 2.79 28.71 -6.23
CA PRO D 195 3.10 28.53 -7.66
C PRO D 195 2.70 27.18 -8.19
N ASN D 196 2.42 26.20 -7.34
CA ASN D 196 2.06 24.87 -7.79
C ASN D 196 0.55 24.71 -8.00
N ILE D 197 -0.27 25.49 -7.31
CA ILE D 197 -1.72 25.31 -7.41
C ILE D 197 -2.40 26.61 -7.79
N ILE D 198 -2.14 27.69 -7.05
CA ILE D 198 -3.00 28.87 -7.13
C ILE D 198 -2.84 29.59 -8.46
N LEU D 199 -1.59 29.77 -8.89
CA LEU D 199 -1.33 30.59 -10.08
C LEU D 199 -1.69 29.87 -11.38
N PRO D 200 -1.39 28.58 -11.55
CA PRO D 200 -1.88 27.88 -12.76
C PRO D 200 -3.39 27.95 -12.92
N MET D 201 -4.15 27.81 -11.83
CA MET D 201 -5.60 27.91 -11.93
C MET D 201 -6.05 29.30 -12.38
N LEU D 202 -5.40 30.35 -11.84
CA LEU D 202 -5.74 31.70 -12.27
C LEU D 202 -5.42 31.91 -13.74
N PHE D 203 -4.29 31.39 -14.20
CA PHE D 203 -3.95 31.50 -15.61
C PHE D 203 -4.96 30.79 -16.49
N ILE D 204 -5.39 29.59 -16.09
CA ILE D 204 -6.39 28.87 -16.86
C ILE D 204 -7.71 29.64 -16.88
N LEU D 205 -8.09 30.23 -15.75
CA LEU D 205 -9.33 31.01 -15.70
C LEU D 205 -9.25 32.22 -16.62
N PHE D 206 -8.11 32.90 -16.65
CA PHE D 206 -7.96 34.05 -17.54
C PHE D 206 -8.00 33.63 -19.01
N ILE D 207 -7.35 32.51 -19.33
CA ILE D 207 -7.42 31.98 -20.68
C ILE D 207 -8.88 31.70 -21.06
N SER D 208 -9.65 31.18 -20.11
CA SER D 208 -11.09 30.98 -20.36
C SER D 208 -11.79 32.30 -20.61
N TRP D 209 -11.47 33.33 -19.81
CA TRP D 209 -12.14 34.62 -19.94
C TRP D 209 -11.77 35.35 -21.23
N THR D 210 -10.66 34.96 -21.86
CA THR D 210 -10.25 35.64 -23.08
C THR D 210 -11.28 35.50 -24.21
N ALA D 211 -12.32 34.67 -24.03
CA ALA D 211 -13.33 34.46 -25.05
C ALA D 211 -14.26 35.64 -25.24
N PHE D 212 -14.18 36.66 -24.39
CA PHE D 212 -15.04 37.84 -24.51
C PHE D 212 -14.53 38.84 -25.53
N TRP D 213 -13.34 38.62 -26.11
CA TRP D 213 -12.81 39.49 -27.15
C TRP D 213 -12.90 38.85 -28.52
N SER D 214 -13.76 37.86 -28.69
CA SER D 214 -13.89 37.12 -29.94
C SER D 214 -15.36 36.98 -30.32
N THR D 215 -15.60 36.85 -31.62
CA THR D 215 -16.95 36.72 -32.14
C THR D 215 -17.24 35.35 -32.73
N SER D 216 -16.22 34.57 -33.06
CA SER D 216 -16.43 33.24 -33.62
C SER D 216 -16.97 32.30 -32.54
N TYR D 217 -18.05 31.59 -32.86
CA TYR D 217 -18.73 30.77 -31.86
C TYR D 217 -17.94 29.49 -31.56
N GLU D 218 -17.40 28.84 -32.59
CA GLU D 218 -16.68 27.58 -32.39
C GLU D 218 -15.44 27.79 -31.53
N ALA D 219 -14.71 28.87 -31.78
CA ALA D 219 -13.51 29.15 -30.99
C ALA D 219 -13.86 29.37 -29.52
N ASN D 220 -14.93 30.13 -29.26
CA ASN D 220 -15.34 30.36 -27.87
C ASN D 220 -15.73 29.05 -27.19
N VAL D 221 -16.49 28.21 -27.88
CA VAL D 221 -16.88 26.92 -27.29
C VAL D 221 -15.65 26.09 -26.97
N THR D 222 -14.72 26.01 -27.92
CA THR D 222 -13.50 25.25 -27.70
C THR D 222 -12.74 25.76 -26.48
N LEU D 223 -12.53 27.08 -26.41
CA LEU D 223 -11.80 27.65 -25.29
C LEU D 223 -12.44 27.28 -23.96
N VAL D 224 -13.75 27.56 -23.83
CA VAL D 224 -14.39 27.41 -22.53
C VAL D 224 -14.42 25.95 -22.11
N VAL D 225 -14.78 25.04 -23.02
CA VAL D 225 -14.92 23.65 -22.61
C VAL D 225 -13.56 23.03 -22.31
N SER D 226 -12.54 23.35 -23.11
CA SER D 226 -11.21 22.79 -22.84
C SER D 226 -10.66 23.30 -21.52
N THR D 227 -10.86 24.59 -21.21
CA THR D 227 -10.43 25.09 -19.90
C THR D 227 -11.20 24.43 -18.78
N LEU D 228 -12.48 24.11 -18.99
CA LEU D 228 -13.24 23.38 -17.98
C LEU D 228 -12.64 22.00 -17.73
N ILE D 229 -12.23 21.31 -18.79
CA ILE D 229 -11.59 20.00 -18.62
C ILE D 229 -10.30 20.12 -17.83
N ALA D 230 -9.49 21.15 -18.14
CA ALA D 230 -8.27 21.38 -17.39
C ALA D 230 -8.57 21.63 -15.91
N HIS D 231 -9.62 22.40 -15.63
CA HIS D 231 -10.01 22.65 -14.24
C HIS D 231 -10.41 21.37 -13.54
N ILE D 232 -11.13 20.49 -14.23
CA ILE D 232 -11.54 19.21 -13.61
C ILE D 232 -10.30 18.40 -13.24
N ALA D 233 -9.33 18.35 -14.16
CA ALA D 233 -8.09 17.61 -13.86
C ALA D 233 -7.39 18.19 -12.63
N PHE D 234 -7.28 19.51 -12.57
CA PHE D 234 -6.61 20.14 -11.44
C PHE D 234 -7.37 19.88 -10.13
N ASN D 235 -8.71 19.90 -10.20
CA ASN D 235 -9.52 19.63 -9.02
C ASN D 235 -9.27 18.23 -8.49
N ILE D 236 -9.19 17.25 -9.40
CA ILE D 236 -8.90 15.88 -8.97
C ILE D 236 -7.52 15.82 -8.31
N LEU D 237 -6.54 16.48 -8.91
CA LEU D 237 -5.20 16.51 -8.32
C LEU D 237 -5.23 17.08 -6.91
N VAL D 238 -5.94 18.19 -6.72
CA VAL D 238 -6.00 18.83 -5.41
C VAL D 238 -6.69 17.91 -4.40
N GLU D 239 -7.81 17.31 -4.81
CA GLU D 239 -8.57 16.45 -3.91
C GLU D 239 -7.89 15.12 -3.64
N THR D 240 -6.80 14.81 -4.32
CA THR D 240 -6.03 13.62 -3.98
C THR D 240 -5.57 13.59 -2.53
N ASN D 241 -5.41 14.75 -1.89
CA ASN D 241 -4.81 14.81 -0.56
C ASN D 241 -5.80 15.04 0.57
N LEU D 242 -6.70 16.01 0.46
CA LEU D 242 -7.56 16.45 1.55
C LEU D 242 -8.63 15.39 1.83
N PRO D 243 -8.76 14.92 3.06
CA PRO D 243 -9.79 13.93 3.39
C PRO D 243 -11.16 14.58 3.57
N LYS D 244 -12.16 13.72 3.70
CA LYS D 244 -13.54 14.19 3.80
C LYS D 244 -13.76 14.97 5.10
N THR D 245 -14.51 16.06 5.01
CA THR D 245 -14.73 16.97 6.11
C THR D 245 -16.23 17.22 6.30
N PRO D 246 -16.73 17.17 7.52
CA PRO D 246 -18.17 17.36 7.76
C PRO D 246 -18.66 18.80 7.68
N ALA D 247 -17.81 19.75 7.32
CA ALA D 247 -18.21 21.15 7.28
C ALA D 247 -17.58 21.82 6.06
N MET D 248 -17.99 23.07 5.82
CA MET D 248 -17.48 23.83 4.70
C MET D 248 -16.00 24.15 4.89
N THR D 249 -15.24 24.05 3.81
CA THR D 249 -13.83 24.38 3.81
C THR D 249 -13.57 25.46 2.76
N TYR D 250 -12.41 26.12 2.90
CA TYR D 250 -12.05 27.22 2.01
C TYR D 250 -11.86 26.72 0.57
N THR D 251 -11.08 25.66 0.41
CA THR D 251 -10.78 25.15 -0.93
C THR D 251 -12.04 24.66 -1.64
N GLY D 252 -12.91 23.96 -0.92
CA GLY D 252 -14.15 23.49 -1.53
C GLY D 252 -15.01 24.63 -2.01
N ALA D 253 -15.11 25.69 -1.21
CA ALA D 253 -15.88 26.87 -1.62
C ALA D 253 -15.28 27.49 -2.88
N ILE D 254 -13.96 27.62 -2.93
CA ILE D 254 -13.33 28.22 -4.11
C ILE D 254 -13.58 27.38 -5.35
N ILE D 255 -13.46 26.06 -5.22
CA ILE D 255 -13.65 25.18 -6.38
C ILE D 255 -15.09 25.26 -6.88
N PHE D 256 -16.06 25.24 -5.95
CA PHE D 256 -17.45 25.34 -6.37
C PHE D 256 -17.72 26.68 -7.05
N MET D 257 -17.13 27.76 -6.54
CA MET D 257 -17.29 29.06 -7.17
C MET D 257 -16.74 29.05 -8.60
N ILE D 258 -15.60 28.39 -8.81
CA ILE D 258 -15.03 28.32 -10.14
C ILE D 258 -15.96 27.56 -11.10
N TYR D 259 -16.54 26.45 -10.62
CA TYR D 259 -17.51 25.73 -11.46
C TYR D 259 -18.69 26.62 -11.84
N LEU D 260 -19.19 27.39 -10.87
CA LEU D 260 -20.31 28.29 -11.15
C LEU D 260 -19.92 29.33 -12.19
N PHE D 261 -18.70 29.87 -12.10
CA PHE D 261 -18.26 30.85 -13.07
C PHE D 261 -18.18 30.26 -14.48
N TYR D 262 -17.68 29.02 -14.59
CA TYR D 262 -17.64 28.38 -15.90
C TYR D 262 -19.04 28.22 -16.49
N PHE D 263 -20.00 27.82 -15.64
CA PHE D 263 -21.37 27.68 -16.13
C PHE D 263 -21.93 29.01 -16.64
N VAL D 264 -21.69 30.10 -15.89
CA VAL D 264 -22.20 31.40 -16.32
C VAL D 264 -21.53 31.84 -17.61
N ALA D 265 -20.23 31.55 -17.76
CA ALA D 265 -19.54 31.91 -19.00
C ALA D 265 -20.14 31.18 -20.20
N VAL D 266 -20.45 29.89 -20.03
CA VAL D 266 -21.08 29.15 -21.13
C VAL D 266 -22.43 29.76 -21.49
N ILE D 267 -23.22 30.13 -20.46
CA ILE D 267 -24.51 30.76 -20.73
C ILE D 267 -24.34 32.05 -21.52
N GLU D 268 -23.37 32.87 -21.14
CA GLU D 268 -23.15 34.13 -21.84
C GLU D 268 -22.75 33.89 -23.30
N VAL D 269 -21.87 32.91 -23.53
CA VAL D 269 -21.45 32.61 -24.90
C VAL D 269 -22.63 32.18 -25.74
N THR D 270 -23.51 31.35 -25.17
CA THR D 270 -24.70 30.93 -25.91
C THR D 270 -25.61 32.13 -26.22
N VAL D 271 -25.81 33.01 -25.25
CA VAL D 271 -26.71 34.15 -25.42
C VAL D 271 -26.22 35.06 -26.52
N GLN D 272 -24.90 35.32 -26.56
CA GLN D 272 -24.36 36.22 -27.57
C GLN D 272 -24.66 35.71 -28.98
N HIS D 273 -24.40 34.42 -29.22
CA HIS D 273 -24.64 33.85 -30.54
C HIS D 273 -26.12 33.85 -30.89
N TYR D 274 -26.97 33.52 -29.91
CA TYR D 274 -28.40 33.48 -30.18
C TYR D 274 -28.93 34.85 -30.57
N LEU D 275 -28.47 35.89 -29.87
CA LEU D 275 -28.87 37.24 -30.24
C LEU D 275 -28.31 37.63 -31.60
N LYS D 276 -27.08 37.23 -31.90
CA LYS D 276 -26.48 37.59 -33.20
C LYS D 276 -27.27 36.97 -34.35
N VAL D 277 -27.65 35.70 -34.22
CA VAL D 277 -28.40 35.03 -35.27
C VAL D 277 -29.80 35.62 -35.41
N GLU D 278 -30.37 36.14 -34.32
CA GLU D 278 -31.71 36.69 -34.31
C GLU D 278 -31.80 38.09 -34.91
N SER D 279 -30.78 38.51 -35.67
CA SER D 279 -30.76 39.80 -36.35
C SER D 279 -30.84 40.97 -35.37
N GLN D 280 -30.11 40.85 -34.26
CA GLN D 280 -30.01 41.93 -33.27
C GLN D 280 -28.55 42.08 -32.88
N PRO D 281 -27.72 42.62 -33.76
CA PRO D 281 -26.27 42.62 -33.55
C PRO D 281 -25.76 43.71 -32.60
N ALA D 282 -26.63 44.47 -31.95
CA ALA D 282 -26.20 45.50 -31.00
C ALA D 282 -26.34 45.07 -29.55
N ARG D 283 -27.42 44.35 -29.21
CA ARG D 283 -27.57 43.84 -27.86
C ARG D 283 -26.46 42.84 -27.53
N ALA D 284 -26.04 42.05 -28.51
CA ALA D 284 -24.93 41.13 -28.30
C ALA D 284 -23.65 41.89 -27.94
N ALA D 285 -23.37 42.97 -28.67
CA ALA D 285 -22.19 43.77 -28.38
C ALA D 285 -22.28 44.39 -26.99
N SER D 286 -23.46 44.89 -26.62
CA SER D 286 -23.64 45.47 -25.30
C SER D 286 -23.39 44.44 -24.21
N ILE D 287 -23.94 43.23 -24.39
CA ILE D 287 -23.76 42.17 -23.39
C ILE D 287 -22.30 41.77 -23.27
N THR D 288 -21.61 41.65 -24.41
CA THR D 288 -20.19 41.28 -24.39
C THR D 288 -19.35 42.35 -23.68
N ARG D 289 -19.59 43.62 -24.01
CA ARG D 289 -18.83 44.69 -23.37
C ARG D 289 -19.12 44.75 -21.87
N ALA D 290 -20.36 44.47 -21.48
CA ALA D 290 -20.68 44.42 -20.06
C ALA D 290 -19.94 43.28 -19.37
N SER D 291 -19.97 42.09 -19.97
CA SER D 291 -19.37 40.92 -19.33
C SER D 291 -17.86 41.07 -19.17
N ARG D 292 -17.21 41.71 -20.15
CA ARG D 292 -15.75 41.90 -20.10
C ARG D 292 -15.32 42.50 -18.78
N ILE D 293 -16.06 43.49 -18.28
CA ILE D 293 -15.71 44.11 -17.01
C ILE D 293 -16.42 43.42 -15.84
N ALA D 294 -17.60 42.84 -16.07
CA ALA D 294 -18.37 42.28 -14.97
C ALA D 294 -17.69 41.05 -14.36
N PHE D 295 -17.13 40.17 -15.19
CA PHE D 295 -16.60 38.93 -14.65
C PHE D 295 -15.42 39.12 -13.69
N PRO D 296 -14.34 39.84 -14.04
CA PRO D 296 -13.22 39.95 -13.11
C PRO D 296 -13.56 40.65 -11.81
N VAL D 297 -14.38 41.71 -11.87
CA VAL D 297 -14.73 42.45 -10.66
C VAL D 297 -15.52 41.58 -9.70
N VAL D 298 -16.50 40.84 -10.23
CA VAL D 298 -17.30 39.97 -9.37
C VAL D 298 -16.44 38.85 -8.79
N PHE D 299 -15.52 38.31 -9.60
CA PHE D 299 -14.62 37.29 -9.08
C PHE D 299 -13.79 37.82 -7.92
N LEU D 300 -13.23 39.03 -8.07
CA LEU D 300 -12.43 39.62 -7.01
C LEU D 300 -13.26 39.87 -5.75
N LEU D 301 -14.47 40.40 -5.91
CA LEU D 301 -15.32 40.66 -4.75
C LEU D 301 -15.68 39.38 -4.02
N ALA D 302 -16.03 38.32 -4.78
CA ALA D 302 -16.38 37.05 -4.14
C ALA D 302 -15.19 36.46 -3.40
N ASN D 303 -13.99 36.54 -3.99
CA ASN D 303 -12.81 36.04 -3.30
C ASN D 303 -12.54 36.82 -2.02
N ILE D 304 -12.70 38.13 -2.05
CA ILE D 304 -12.50 38.93 -0.84
C ILE D 304 -13.50 38.53 0.24
N ILE D 305 -14.76 38.35 -0.14
CA ILE D 305 -15.78 37.99 0.83
C ILE D 305 -15.48 36.62 1.45
N LEU D 306 -15.08 35.65 0.62
CA LEU D 306 -14.75 34.33 1.15
C LEU D 306 -13.54 34.40 2.09
N ALA D 307 -12.51 35.14 1.71
CA ALA D 307 -11.33 35.25 2.57
C ALA D 307 -11.66 35.95 3.87
N PHE D 308 -12.62 36.88 3.86
CA PHE D 308 -13.05 37.51 5.11
C PHE D 308 -13.83 36.54 5.97
N LEU D 309 -14.71 35.74 5.36
CA LEU D 309 -15.55 34.83 6.15
C LEU D 309 -14.72 33.73 6.79
N PHE D 310 -13.82 33.12 6.03
CA PHE D 310 -13.11 31.95 6.56
C PHE D 310 -11.93 32.33 7.46
N PHE D 311 -11.32 33.48 7.25
CA PHE D 311 -10.14 33.89 8.01
C PHE D 311 -10.40 35.14 8.82
N GLY D 312 -11.60 35.24 9.41
CA GLY D 312 -11.95 36.40 10.22
C GLY D 312 -13.31 36.29 10.87
N VAL E 1 26.51 -7.73 33.25
CA VAL E 1 26.27 -8.02 34.65
C VAL E 1 26.68 -6.83 35.52
N SER E 2 27.87 -6.30 35.28
CA SER E 2 28.39 -5.14 35.99
C SER E 2 29.56 -4.56 35.21
N PRO E 3 29.58 -3.24 35.00
CA PRO E 3 30.68 -2.65 34.22
C PRO E 3 32.00 -2.79 34.96
N PRO E 4 33.11 -2.87 34.23
CA PRO E 4 34.42 -2.98 34.88
C PRO E 4 34.71 -1.78 35.74
N PRO E 5 35.36 -1.98 36.90
CA PRO E 5 35.72 -0.83 37.73
C PRO E 5 36.83 -0.02 37.10
N PRO E 6 36.85 1.29 37.29
CA PRO E 6 37.91 2.11 36.74
C PRO E 6 39.18 2.03 37.59
N ILE E 7 40.28 2.49 37.00
CA ILE E 7 41.54 2.54 37.74
C ILE E 7 41.47 3.67 38.76
N ALA E 8 41.41 4.91 38.27
CA ALA E 8 41.02 6.04 39.10
C ALA E 8 39.77 6.74 38.58
N ASP E 9 39.82 7.27 37.35
CA ASP E 9 38.65 7.89 36.73
C ASP E 9 38.60 7.67 35.22
N GLU E 10 39.48 6.86 34.66
CA GLU E 10 39.62 6.79 33.21
C GLU E 10 38.36 6.24 32.56
N PRO E 11 37.71 6.97 31.67
CA PRO E 11 36.47 6.48 31.05
C PRO E 11 36.72 5.27 30.17
N LEU E 12 35.74 4.37 30.13
CA LEU E 12 35.83 3.20 29.27
C LEU E 12 35.71 3.62 27.81
N THR E 13 36.56 3.03 26.98
CA THR E 13 36.61 3.36 25.56
C THR E 13 36.19 2.14 24.74
N VAL E 14 35.21 2.33 23.85
CA VAL E 14 34.70 1.29 22.99
C VAL E 14 34.99 1.66 21.55
N ASN E 15 35.65 0.76 20.82
CA ASN E 15 36.00 0.99 19.42
C ASN E 15 34.91 0.39 18.55
N THR E 16 34.33 1.19 17.67
CA THR E 16 33.19 0.79 16.86
C THR E 16 33.62 0.59 15.41
N GLY E 17 32.65 0.20 14.59
CA GLY E 17 32.88 -0.04 13.18
C GLY E 17 31.67 -0.66 12.51
N ILE E 18 31.35 -0.20 11.31
CA ILE E 18 30.22 -0.69 10.54
C ILE E 18 30.71 -1.10 9.16
N TYR E 19 30.32 -2.28 8.71
CA TYR E 19 30.68 -2.81 7.40
C TYR E 19 29.39 -3.07 6.62
N LEU E 20 29.14 -2.26 5.60
CA LEU E 20 27.89 -2.36 4.86
C LEU E 20 27.84 -3.63 4.03
N ILE E 21 26.65 -4.20 3.91
CA ILE E 21 26.39 -5.36 3.06
C ILE E 21 25.36 -5.03 1.98
N GLU E 22 24.22 -4.48 2.38
CA GLU E 22 23.15 -4.13 1.45
C GLU E 22 22.58 -2.76 1.79
N CYS E 23 22.28 -1.99 0.75
CA CYS E 23 21.50 -0.77 0.87
C CYS E 23 20.41 -0.80 -0.19
N TYR E 24 19.16 -0.59 0.23
CA TYR E 24 18.05 -0.75 -0.69
C TYR E 24 16.85 0.02 -0.17
N SER E 25 15.86 0.17 -1.04
CA SER E 25 14.57 0.78 -0.71
C SER E 25 14.74 2.21 -0.20
N LEU E 26 15.28 3.07 -1.06
CA LEU E 26 15.39 4.49 -0.77
C LEU E 26 14.12 5.17 -1.25
N ASP E 27 13.28 5.58 -0.30
CA ASP E 27 11.99 6.20 -0.60
C ASP E 27 12.15 7.71 -0.51
N ASP E 28 11.80 8.41 -1.60
CA ASP E 28 11.92 9.86 -1.61
C ASP E 28 10.82 10.54 -0.81
N LYS E 29 9.59 10.05 -0.90
CA LYS E 29 8.48 10.68 -0.20
C LYS E 29 8.65 10.57 1.32
N ALA E 30 8.91 9.37 1.82
CA ALA E 30 9.10 9.18 3.24
C ALA E 30 10.51 9.57 3.71
N GLU E 31 11.44 9.76 2.78
CA GLU E 31 12.82 10.13 3.10
C GLU E 31 13.46 9.11 4.05
N THR E 32 13.39 7.84 3.66
CA THR E 32 13.96 6.75 4.42
C THR E 32 14.74 5.82 3.49
N PHE E 33 15.49 4.91 4.11
CA PHE E 33 16.12 3.83 3.36
C PHE E 33 16.40 2.69 4.33
N LYS E 34 16.62 1.51 3.77
CA LYS E 34 16.80 0.29 4.54
C LYS E 34 18.24 -0.20 4.41
N VAL E 35 18.81 -0.66 5.51
CA VAL E 35 20.23 -1.01 5.58
C VAL E 35 20.38 -2.41 6.15
N ASN E 36 21.54 -3.00 5.90
CA ASN E 36 21.87 -4.34 6.38
C ASN E 36 23.38 -4.43 6.43
N ALA E 37 23.95 -4.56 7.63
CA ALA E 37 25.39 -4.43 7.78
C ALA E 37 25.84 -5.18 9.03
N PHE E 38 27.15 -5.13 9.29
CA PHE E 38 27.75 -5.69 10.49
C PHE E 38 27.89 -4.61 11.55
N LEU E 39 28.42 -5.01 12.71
CA LEU E 39 28.71 -4.08 13.79
C LEU E 39 29.79 -4.68 14.67
N SER E 40 30.94 -4.01 14.75
CA SER E 40 32.09 -4.51 15.49
C SER E 40 32.31 -3.66 16.72
N LEU E 41 32.56 -4.31 17.86
CA LEU E 41 32.84 -3.63 19.12
C LEU E 41 34.05 -4.28 19.77
N SER E 42 34.76 -3.49 20.58
CA SER E 42 35.94 -3.99 21.27
C SER E 42 36.24 -3.06 22.44
N TRP E 43 36.32 -3.62 23.65
CA TRP E 43 36.61 -2.84 24.85
C TRP E 43 37.54 -3.65 25.73
N LYS E 44 37.72 -3.19 26.96
CA LYS E 44 38.66 -3.78 27.90
C LYS E 44 37.92 -4.18 29.17
N ASP E 45 38.18 -5.40 29.65
CA ASP E 45 37.56 -5.88 30.89
C ASP E 45 38.57 -6.79 31.56
N ARG E 46 39.36 -6.24 32.49
CA ARG E 46 40.45 -6.97 33.11
C ARG E 46 39.99 -8.13 33.97
N ARG E 47 38.71 -8.13 34.39
CA ARG E 47 38.19 -9.24 35.18
C ARG E 47 38.11 -10.53 34.37
N LEU E 48 38.23 -10.46 33.05
CA LEU E 48 38.21 -11.63 32.19
C LEU E 48 39.61 -12.13 31.84
N ALA E 49 40.64 -11.57 32.47
CA ALA E 49 42.01 -11.93 32.14
C ALA E 49 42.33 -13.37 32.53
N PHE E 50 43.05 -14.05 31.66
CA PHE E 50 43.50 -15.42 31.92
C PHE E 50 44.86 -15.62 31.27
N ASP E 51 45.59 -16.62 31.76
CA ASP E 51 46.87 -16.84 31.10
C ASP E 51 46.77 -17.99 30.11
N PRO E 52 47.52 -17.92 29.00
CA PRO E 52 47.36 -18.94 27.95
C PRO E 52 48.02 -20.27 28.27
N VAL E 53 49.14 -20.24 28.99
CA VAL E 53 49.91 -21.47 29.22
C VAL E 53 49.11 -22.47 30.04
N ARG E 54 48.54 -22.02 31.17
CA ARG E 54 47.79 -22.92 32.02
C ARG E 54 46.44 -23.28 31.40
N SER E 55 45.84 -22.35 30.63
CA SER E 55 44.55 -22.63 30.03
C SER E 55 44.69 -23.58 28.84
N GLY E 56 45.76 -23.45 28.07
CA GLY E 56 45.97 -24.27 26.91
C GLY E 56 45.34 -23.75 25.63
N VAL E 57 44.59 -22.66 25.70
CA VAL E 57 43.95 -22.07 24.53
C VAL E 57 44.33 -20.60 24.45
N ARG E 58 44.20 -20.04 23.24
CA ARG E 58 44.57 -18.65 23.01
C ARG E 58 43.38 -17.72 23.14
N VAL E 59 42.19 -18.15 22.73
CA VAL E 59 40.98 -17.34 22.79
C VAL E 59 39.86 -18.16 23.43
N LYS E 60 39.09 -17.51 24.30
CA LYS E 60 37.93 -18.13 24.94
C LYS E 60 36.66 -17.53 24.34
N THR E 61 35.74 -18.39 23.95
CA THR E 61 34.47 -17.97 23.36
C THR E 61 33.40 -17.94 24.43
N TYR E 62 32.67 -16.82 24.49
CA TYR E 62 31.65 -16.60 25.51
C TYR E 62 30.28 -16.51 24.86
N GLU E 63 29.28 -17.05 25.56
CA GLU E 63 27.89 -16.82 25.20
C GLU E 63 27.53 -15.37 25.54
N PRO E 64 26.49 -14.82 24.89
CA PRO E 64 26.14 -13.41 25.14
C PRO E 64 25.84 -13.11 26.61
N GLU E 65 25.32 -14.07 27.36
CA GLU E 65 25.06 -13.85 28.78
C GLU E 65 26.34 -14.05 29.58
N ALA E 66 26.24 -13.85 30.90
CA ALA E 66 27.35 -14.01 31.84
C ALA E 66 28.53 -13.11 31.52
N ILE E 67 28.28 -12.01 30.80
CA ILE E 67 29.34 -11.07 30.43
C ILE E 67 28.68 -9.72 30.21
N TRP E 68 29.41 -8.66 30.54
CA TRP E 68 28.87 -7.31 30.40
C TRP E 68 29.08 -6.80 28.99
N ILE E 69 27.99 -6.37 28.34
CA ILE E 69 28.03 -5.85 26.99
C ILE E 69 27.36 -4.48 27.00
N PRO E 70 28.04 -3.41 26.56
CA PRO E 70 27.43 -2.08 26.61
C PRO E 70 26.26 -1.97 25.64
N GLU E 71 25.31 -1.10 26.00
CA GLU E 71 24.11 -0.88 25.21
C GLU E 71 24.40 0.21 24.17
N ILE E 72 24.43 -0.19 22.90
CA ILE E 72 24.66 0.73 21.80
C ILE E 72 23.37 0.84 21.00
N ARG E 73 22.91 2.07 20.79
CA ARG E 73 21.65 2.32 20.11
C ARG E 73 21.85 3.29 18.96
N PHE E 74 21.02 3.15 17.94
CA PHE E 74 20.95 4.11 16.85
C PHE E 74 19.88 5.15 17.15
N VAL E 75 20.13 6.38 16.73
CA VAL E 75 19.23 7.48 17.06
C VAL E 75 18.08 7.58 16.07
N ASN E 76 18.39 7.65 14.77
CA ASN E 76 17.39 7.89 13.75
C ASN E 76 16.98 6.56 13.11
N VAL E 77 16.20 5.79 13.85
CA VAL E 77 15.62 4.55 13.36
C VAL E 77 14.17 4.49 13.79
N GLU E 78 13.30 3.98 12.91
CA GLU E 78 11.89 3.85 13.25
C GLU E 78 11.70 2.87 14.41
N ASN E 79 12.39 1.74 14.37
CA ASN E 79 12.36 0.76 15.44
C ASN E 79 13.77 0.25 15.70
N ALA E 80 13.96 -0.31 16.89
CA ALA E 80 15.28 -0.80 17.27
C ALA E 80 15.76 -1.87 16.30
N ARG E 81 17.08 -1.97 16.16
CA ARG E 81 17.65 -2.86 15.16
C ARG E 81 17.31 -4.32 15.46
N ASP E 82 17.11 -5.09 14.38
CA ASP E 82 16.86 -6.52 14.48
C ASP E 82 18.21 -7.23 14.33
N ALA E 83 18.85 -7.49 15.45
CA ALA E 83 20.23 -7.96 15.46
C ALA E 83 20.35 -9.29 16.19
N ASP E 84 21.33 -10.09 15.78
CA ASP E 84 21.69 -11.33 16.44
C ASP E 84 23.19 -11.46 16.50
N VAL E 85 23.72 -11.82 17.67
CA VAL E 85 25.16 -11.88 17.86
C VAL E 85 25.74 -13.01 17.02
N VAL E 86 26.98 -12.82 16.57
CA VAL E 86 27.69 -13.80 15.75
C VAL E 86 28.83 -14.45 16.53
N ASP E 87 29.81 -13.67 16.95
CA ASP E 87 30.99 -14.20 17.61
C ASP E 87 31.38 -13.32 18.79
N ILE E 88 31.97 -13.96 19.80
CA ILE E 88 32.57 -13.26 20.93
C ILE E 88 33.89 -13.95 21.26
N SER E 89 34.96 -13.17 21.38
CA SER E 89 36.28 -13.70 21.68
C SER E 89 36.92 -12.88 22.78
N VAL E 90 37.83 -13.50 23.53
CA VAL E 90 38.52 -12.85 24.63
C VAL E 90 40.01 -13.10 24.50
N SER E 91 40.79 -12.02 24.43
CA SER E 91 42.23 -12.10 24.38
C SER E 91 42.79 -12.44 25.77
N PRO E 92 44.02 -12.95 25.83
CA PRO E 92 44.59 -13.28 27.16
C PRO E 92 44.69 -12.10 28.10
N ASP E 93 44.93 -10.89 27.58
CA ASP E 93 45.14 -9.72 28.42
C ASP E 93 43.85 -9.01 28.82
N GLY E 94 42.71 -9.37 28.23
CA GLY E 94 41.45 -8.79 28.66
C GLY E 94 40.61 -8.18 27.55
N THR E 95 41.16 -8.04 26.36
CA THR E 95 40.42 -7.47 25.25
C THR E 95 39.33 -8.42 24.78
N VAL E 96 38.21 -7.85 24.36
CA VAL E 96 37.04 -8.62 23.93
C VAL E 96 36.68 -8.21 22.50
N GLN E 97 36.43 -9.19 21.64
CA GLN E 97 36.00 -8.97 20.28
C GLN E 97 34.51 -9.27 20.16
N TYR E 98 33.76 -8.35 19.57
CA TYR E 98 32.32 -8.49 19.43
C TYR E 98 31.94 -8.30 17.97
N LEU E 99 30.87 -8.97 17.56
CA LEU E 99 30.46 -8.91 16.16
C LEU E 99 29.00 -9.34 16.06
N GLU E 100 28.22 -8.60 15.25
CA GLU E 100 26.82 -8.89 15.09
C GLU E 100 26.34 -8.35 13.74
N ARG E 101 25.18 -8.84 13.31
CA ARG E 101 24.55 -8.39 12.08
C ARG E 101 23.13 -7.92 12.38
N PHE E 102 22.76 -6.77 11.82
CA PHE E 102 21.47 -6.16 12.08
C PHE E 102 20.82 -5.73 10.76
N SER E 103 19.66 -5.09 10.88
CA SER E 103 18.95 -4.50 9.75
C SER E 103 17.87 -3.56 10.27
N ALA E 104 17.81 -2.35 9.75
CA ALA E 104 16.88 -1.35 10.27
C ALA E 104 16.56 -0.33 9.18
N ARG E 105 15.57 0.51 9.47
CA ARG E 105 15.20 1.63 8.60
C ARG E 105 15.70 2.92 9.20
N VAL E 106 16.41 3.72 8.39
CA VAL E 106 17.08 4.92 8.84
C VAL E 106 16.31 6.13 8.33
N LEU E 107 16.04 7.07 9.23
CA LEU E 107 15.42 8.34 8.86
C LEU E 107 16.51 9.34 8.49
N SER E 108 16.38 9.95 7.32
CA SER E 108 17.37 10.91 6.86
C SER E 108 16.70 11.96 5.99
N PRO E 109 16.86 13.24 6.32
CA PRO E 109 16.29 14.29 5.47
C PRO E 109 16.97 14.38 4.12
N LEU E 110 16.21 14.80 3.12
CA LEU E 110 16.71 14.95 1.76
C LEU E 110 16.51 16.38 1.28
N ASP E 111 17.35 16.79 0.33
CA ASP E 111 17.29 18.12 -0.26
C ASP E 111 17.00 17.99 -1.74
N PHE E 112 15.98 18.71 -2.21
CA PHE E 112 15.51 18.61 -3.58
C PHE E 112 15.63 19.93 -4.34
N ARG E 113 16.63 20.74 -3.99
CA ARG E 113 16.85 21.99 -4.70
C ARG E 113 17.22 21.74 -6.16
N ARG E 114 18.03 20.72 -6.41
CA ARG E 114 18.52 20.42 -7.75
C ARG E 114 18.08 19.01 -8.16
N TYR E 115 16.80 18.71 -7.97
CA TYR E 115 16.31 17.33 -7.95
C TYR E 115 16.79 16.45 -9.11
N PRO E 116 16.73 16.89 -10.37
CA PRO E 116 17.23 16.00 -11.44
C PRO E 116 18.71 15.68 -11.32
N PHE E 117 19.53 16.60 -10.82
CA PHE E 117 20.99 16.47 -10.82
C PHE E 117 21.57 16.75 -9.44
N ASP E 118 20.99 16.15 -8.41
CA ASP E 118 21.40 16.42 -7.04
C ASP E 118 22.27 15.30 -6.48
N SER E 119 22.95 15.62 -5.38
CA SER E 119 23.73 14.64 -4.62
C SER E 119 23.26 14.68 -3.17
N GLN E 120 23.27 13.52 -2.53
CA GLN E 120 22.73 13.38 -1.19
C GLN E 120 23.77 12.74 -0.27
N THR E 121 23.66 13.08 1.02
CA THR E 121 24.47 12.48 2.08
C THR E 121 23.53 11.89 3.11
N LEU E 122 23.79 10.65 3.51
CA LEU E 122 22.94 9.94 4.46
C LEU E 122 23.70 9.72 5.76
N HIS E 123 23.03 9.94 6.88
CA HIS E 123 23.65 9.91 8.21
C HIS E 123 23.11 8.76 9.04
N ILE E 124 24.01 8.09 9.76
CA ILE E 124 23.65 7.05 10.73
C ILE E 124 24.37 7.39 12.03
N TYR E 125 23.61 7.55 13.10
CA TYR E 125 24.12 8.01 14.38
C TYR E 125 24.19 6.87 15.38
N LEU E 126 25.35 6.74 16.04
CA LEU E 126 25.55 5.78 17.11
C LEU E 126 25.71 6.53 18.42
N ILE E 127 25.04 6.06 19.46
CA ILE E 127 25.08 6.73 20.76
C ILE E 127 25.12 5.69 21.87
N VAL E 128 25.85 6.01 22.94
CA VAL E 128 25.92 5.16 24.13
C VAL E 128 25.68 6.04 25.35
N ARG E 129 24.99 5.48 26.34
CA ARG E 129 24.62 6.19 27.55
C ARG E 129 25.46 5.69 28.71
N SER E 130 26.01 6.64 29.48
CA SER E 130 26.88 6.27 30.59
C SER E 130 26.09 5.67 31.74
N VAL E 131 26.68 4.65 32.38
CA VAL E 131 26.09 4.01 33.55
C VAL E 131 26.43 4.84 34.79
N ASP E 132 25.81 4.49 35.92
CA ASP E 132 25.97 5.28 37.14
C ASP E 132 27.41 5.34 37.61
N THR E 133 28.17 4.24 37.47
CA THR E 133 29.51 4.17 38.03
C THR E 133 30.63 4.39 37.02
N ARG E 134 30.35 4.28 35.72
CA ARG E 134 31.39 4.39 34.71
C ARG E 134 30.92 5.28 33.57
N ASN E 135 31.86 6.00 32.97
CA ASN E 135 31.60 6.84 31.81
C ASN E 135 32.16 6.17 30.57
N ILE E 136 31.34 6.11 29.52
CA ILE E 136 31.67 5.39 28.29
C ILE E 136 31.82 6.40 27.17
N VAL E 137 32.88 6.28 26.38
CA VAL E 137 33.13 7.13 25.23
C VAL E 137 33.45 6.24 24.03
N LEU E 138 32.82 6.53 22.90
CA LEU E 138 33.03 5.74 21.69
C LEU E 138 34.24 6.25 20.91
N ALA E 139 34.75 5.38 20.04
CA ALA E 139 35.85 5.72 19.15
C ALA E 139 35.62 5.00 17.83
N VAL E 140 36.50 5.25 16.86
CA VAL E 140 36.37 4.72 15.51
C VAL E 140 37.56 3.84 15.20
N ASP E 141 37.29 2.64 14.70
CA ASP E 141 38.32 1.69 14.28
C ASP E 141 38.31 1.65 12.76
N LEU E 142 39.30 2.32 12.15
CA LEU E 142 39.30 2.53 10.71
C LEU E 142 39.49 1.24 9.91
N GLU E 143 40.06 0.21 10.52
CA GLU E 143 40.31 -1.04 9.80
C GLU E 143 39.07 -1.90 9.64
N LYS E 144 37.97 -1.56 10.30
CA LYS E 144 36.75 -2.34 10.26
C LYS E 144 35.57 -1.51 9.72
N VAL E 145 35.87 -0.49 8.92
CA VAL E 145 34.87 0.38 8.33
C VAL E 145 34.97 0.27 6.82
N GLY E 146 33.85 -0.01 6.16
CA GLY E 146 33.84 -0.13 4.71
C GLY E 146 32.50 -0.61 4.23
N LYS E 147 32.42 -0.83 2.92
CA LYS E 147 31.20 -1.27 2.28
C LYS E 147 31.51 -2.41 1.32
N ASN E 148 30.49 -3.23 1.08
CA ASN E 148 30.62 -4.34 0.15
C ASN E 148 30.63 -3.85 -1.29
N ASP E 149 31.22 -4.66 -2.17
CA ASP E 149 31.31 -4.30 -3.58
C ASP E 149 30.00 -4.49 -4.32
N ASP E 150 29.06 -5.27 -3.78
CA ASP E 150 27.83 -5.61 -4.46
C ASP E 150 26.64 -4.79 -3.98
N VAL E 151 26.87 -3.75 -3.17
CA VAL E 151 25.78 -2.90 -2.73
C VAL E 151 25.19 -2.15 -3.92
N PHE E 152 23.88 -2.24 -4.09
CA PHE E 152 23.21 -1.68 -5.26
C PHE E 152 22.01 -0.86 -4.82
N LEU E 153 21.99 0.41 -5.23
CA LEU E 153 20.84 1.29 -5.07
C LEU E 153 20.30 1.61 -6.45
N THR E 154 19.00 1.39 -6.65
CA THR E 154 18.41 1.61 -7.96
C THR E 154 18.40 3.10 -8.30
N GLY E 155 19.16 3.47 -9.33
CA GLY E 155 19.21 4.85 -9.77
C GLY E 155 20.19 5.74 -9.04
N TRP E 156 21.07 5.17 -8.21
CA TRP E 156 22.02 5.94 -7.44
C TRP E 156 23.42 5.36 -7.57
N ASP E 157 24.42 6.22 -7.44
CA ASP E 157 25.83 5.83 -7.51
C ASP E 157 26.47 6.07 -6.16
N ILE E 158 26.86 4.99 -5.50
CA ILE E 158 27.48 5.08 -4.17
C ILE E 158 28.93 5.48 -4.32
N GLU E 159 29.35 6.46 -3.53
CA GLU E 159 30.68 7.04 -3.65
C GLU E 159 31.61 6.71 -2.48
N SER E 160 31.16 6.92 -1.24
CA SER E 160 32.03 6.73 -0.10
C SER E 160 31.20 6.37 1.13
N PHE E 161 31.87 5.82 2.14
CA PHE E 161 31.25 5.49 3.42
C PHE E 161 32.31 5.68 4.50
N THR E 162 32.24 6.82 5.19
CA THR E 162 33.24 7.19 6.18
C THR E 162 32.55 7.60 7.47
N ALA E 163 33.36 7.79 8.52
CA ALA E 163 32.87 8.19 9.83
C ALA E 163 33.75 9.29 10.39
N VAL E 164 33.14 10.24 11.08
CA VAL E 164 33.87 11.30 11.75
C VAL E 164 34.48 10.74 13.02
N VAL E 165 35.81 10.88 13.16
CA VAL E 165 36.52 10.19 14.23
C VAL E 165 36.17 10.78 15.60
N LYS E 166 35.98 12.09 15.68
CA LYS E 166 35.75 12.73 16.97
C LYS E 166 34.28 12.66 17.36
N PRO E 167 33.93 12.03 18.47
CA PRO E 167 32.54 12.03 18.92
C PRO E 167 32.16 13.33 19.60
N ALA E 168 30.85 13.57 19.68
CA ALA E 168 30.30 14.76 20.30
C ALA E 168 29.69 14.36 21.65
N ASN E 169 30.31 14.82 22.74
CA ASN E 169 29.86 14.50 24.07
C ASN E 169 28.93 15.59 24.59
N PHE E 170 27.78 15.18 25.11
CA PHE E 170 26.81 16.13 25.65
C PHE E 170 26.08 15.46 26.80
N ALA E 171 25.43 16.30 27.61
CA ALA E 171 24.69 15.83 28.79
C ALA E 171 23.20 15.78 28.45
N LEU E 172 22.63 14.58 28.53
CA LEU E 172 21.21 14.39 28.26
C LEU E 172 20.58 13.63 29.43
N GLU E 173 19.54 14.21 30.01
CA GLU E 173 18.80 13.58 31.12
C GLU E 173 19.72 13.22 32.28
N ASP E 174 20.58 14.17 32.65
CA ASP E 174 21.49 14.05 33.80
C ASP E 174 22.49 12.91 33.61
N ARG E 175 22.88 12.64 32.36
CA ARG E 175 23.90 11.64 32.07
C ARG E 175 24.69 12.10 30.84
N LEU E 176 25.91 11.58 30.72
CA LEU E 176 26.76 11.89 29.59
C LEU E 176 26.58 10.85 28.49
N GLU E 177 26.54 11.30 27.24
CA GLU E 177 26.41 10.42 26.10
C GLU E 177 27.39 10.85 25.01
N SER E 178 27.88 9.88 24.24
CA SER E 178 28.80 10.13 23.14
C SER E 178 28.15 9.67 21.84
N LYS E 179 28.24 10.51 20.82
CA LYS E 179 27.56 10.28 19.56
C LYS E 179 28.57 10.27 18.41
N LEU E 180 28.41 9.32 17.50
CA LEU E 180 29.23 9.20 16.30
C LEU E 180 28.36 9.28 15.07
N ASP E 181 28.96 9.73 13.96
CA ASP E 181 28.24 9.95 12.71
C ASP E 181 28.90 9.16 11.59
N TYR E 182 28.11 8.32 10.91
CA TYR E 182 28.56 7.60 9.73
C TYR E 182 27.83 8.16 8.51
N GLN E 183 28.60 8.57 7.51
CA GLN E 183 28.09 9.32 6.37
C GLN E 183 28.22 8.50 5.10
N LEU E 184 27.12 8.36 4.37
CA LEU E 184 27.10 7.68 3.08
C LEU E 184 26.75 8.71 2.01
N ARG E 185 27.65 8.88 1.04
CA ARG E 185 27.49 9.88 -0.02
C ARG E 185 27.13 9.19 -1.32
N ILE E 186 26.05 9.64 -1.94
CA ILE E 186 25.56 9.05 -3.18
C ILE E 186 25.24 10.16 -4.18
N SER E 187 25.19 9.79 -5.45
CA SER E 187 24.81 10.69 -6.52
C SER E 187 23.71 10.06 -7.35
N ARG E 188 22.87 10.90 -7.94
CA ARG E 188 21.72 10.44 -8.71
C ARG E 188 22.10 10.21 -10.16
N GLN E 189 21.49 9.19 -10.76
CA GLN E 189 21.69 8.88 -12.17
C GLN E 189 20.65 9.65 -12.97
N TYR E 190 21.06 10.74 -13.61
CA TYR E 190 20.15 11.67 -14.25
C TYR E 190 19.97 11.42 -15.74
N PHE E 191 20.75 10.53 -16.34
CA PHE E 191 20.74 10.40 -17.80
C PHE E 191 19.40 9.93 -18.31
N SER E 192 18.77 8.99 -17.61
CA SER E 192 17.48 8.47 -18.06
C SER E 192 16.38 9.52 -17.99
N TYR E 193 16.59 10.61 -17.25
CA TYR E 193 15.58 11.65 -17.13
C TYR E 193 15.49 12.52 -18.37
N ILE E 194 16.51 12.55 -19.21
CA ILE E 194 16.50 13.42 -20.38
C ILE E 194 15.47 12.91 -21.39
N PRO E 195 15.62 11.73 -21.99
CA PRO E 195 14.67 11.32 -23.04
C PRO E 195 13.31 10.91 -22.52
N ASN E 196 13.14 10.76 -21.20
CA ASN E 196 11.85 10.38 -20.65
C ASN E 196 10.98 11.59 -20.30
N ILE E 197 11.60 12.68 -19.85
CA ILE E 197 10.86 13.83 -19.32
C ILE E 197 11.19 15.11 -20.09
N ILE E 198 12.48 15.36 -20.33
CA ILE E 198 12.89 16.70 -20.74
C ILE E 198 12.56 16.94 -22.21
N LEU E 199 13.04 16.07 -23.09
CA LEU E 199 12.84 16.29 -24.52
C LEU E 199 11.37 16.29 -24.95
N PRO E 200 10.50 15.38 -24.48
CA PRO E 200 9.08 15.48 -24.88
C PRO E 200 8.44 16.81 -24.53
N MET E 201 8.78 17.40 -23.40
CA MET E 201 8.23 18.71 -23.05
C MET E 201 8.68 19.78 -24.03
N LEU E 202 9.96 19.75 -24.44
CA LEU E 202 10.43 20.70 -25.44
C LEU E 202 9.71 20.52 -26.76
N PHE E 203 9.48 19.26 -27.16
CA PHE E 203 8.75 19.01 -28.40
C PHE E 203 7.33 19.55 -28.32
N ILE E 204 6.65 19.35 -27.20
CA ILE E 204 5.29 19.86 -27.04
C ILE E 204 5.28 21.39 -27.06
N LEU E 205 6.27 22.01 -26.42
CA LEU E 205 6.34 23.47 -26.43
C LEU E 205 6.56 24.00 -27.84
N PHE E 206 7.41 23.34 -28.63
CA PHE E 206 7.61 23.77 -30.01
C PHE E 206 6.36 23.58 -30.85
N ILE E 207 5.64 22.47 -30.64
CA ILE E 207 4.37 22.27 -31.33
C ILE E 207 3.40 23.39 -31.00
N SER E 208 3.39 23.82 -29.72
CA SER E 208 2.57 24.96 -29.34
C SER E 208 3.01 26.23 -30.07
N TRP E 209 4.32 26.46 -30.16
CA TRP E 209 4.83 27.66 -30.80
C TRP E 209 4.57 27.69 -32.30
N THR E 210 4.34 26.54 -32.92
CA THR E 210 4.15 26.51 -34.37
C THR E 210 2.95 27.35 -34.83
N ALA E 211 2.13 27.85 -33.91
CA ALA E 211 0.95 28.63 -34.25
C ALA E 211 1.27 30.07 -34.66
N PHE E 212 2.54 30.44 -34.76
CA PHE E 212 2.93 31.78 -35.18
C PHE E 212 3.11 31.89 -36.68
N TRP E 213 2.88 30.82 -37.43
CA TRP E 213 3.00 30.84 -38.88
C TRP E 213 1.66 30.69 -39.58
N SER E 214 0.55 30.87 -38.87
CA SER E 214 -0.78 30.75 -39.45
C SER E 214 -1.66 31.87 -38.96
N THR E 215 -2.65 32.22 -39.78
CA THR E 215 -3.61 33.27 -39.45
C THR E 215 -5.01 32.73 -39.17
N SER E 216 -5.17 31.42 -39.11
CA SER E 216 -6.47 30.81 -38.81
C SER E 216 -6.67 30.79 -37.30
N TYR E 217 -7.67 31.54 -36.82
CA TYR E 217 -7.88 31.70 -35.39
C TYR E 217 -8.24 30.39 -34.72
N GLU E 218 -9.16 29.63 -35.32
CA GLU E 218 -9.60 28.37 -34.72
C GLU E 218 -8.47 27.37 -34.61
N ALA E 219 -7.63 27.28 -35.66
CA ALA E 219 -6.51 26.35 -35.62
C ALA E 219 -5.52 26.72 -34.53
N ASN E 220 -5.22 28.01 -34.39
CA ASN E 220 -4.28 28.45 -33.36
C ASN E 220 -4.84 28.16 -31.97
N VAL E 221 -6.12 28.43 -31.76
CA VAL E 221 -6.74 28.15 -30.46
C VAL E 221 -6.65 26.67 -30.15
N THR E 222 -6.99 25.82 -31.12
CA THR E 222 -6.90 24.38 -30.92
C THR E 222 -5.49 23.96 -30.54
N LEU E 223 -4.50 24.42 -31.32
CA LEU E 223 -3.11 24.05 -31.04
C LEU E 223 -2.71 24.42 -29.63
N VAL E 224 -2.90 25.69 -29.25
CA VAL E 224 -2.36 26.18 -27.98
C VAL E 224 -3.07 25.51 -26.81
N VAL E 225 -4.40 25.44 -26.85
CA VAL E 225 -5.12 24.90 -25.69
C VAL E 225 -4.88 23.40 -25.56
N SER E 226 -4.83 22.67 -26.69
CA SER E 226 -4.58 21.25 -26.60
C SER E 226 -3.17 20.95 -26.09
N THR E 227 -2.18 21.76 -26.50
CA THR E 227 -0.85 21.57 -25.97
C THR E 227 -0.79 21.90 -24.48
N LEU E 228 -1.56 22.87 -24.01
CA LEU E 228 -1.64 23.13 -22.57
C LEU E 228 -2.21 21.91 -21.83
N ILE E 229 -3.27 21.32 -22.37
CA ILE E 229 -3.84 20.12 -21.75
C ILE E 229 -2.81 19.00 -21.73
N ALA E 230 -2.02 18.87 -22.79
CA ALA E 230 -0.95 17.88 -22.80
C ALA E 230 0.11 18.16 -21.74
N HIS E 231 0.45 19.44 -21.54
CA HIS E 231 1.46 19.79 -20.55
C HIS E 231 1.00 19.46 -19.14
N ILE E 232 -0.31 19.61 -18.87
CA ILE E 232 -0.81 19.38 -17.52
C ILE E 232 -0.56 17.95 -17.07
N ALA E 233 -0.74 16.99 -17.98
CA ALA E 233 -0.54 15.59 -17.65
C ALA E 233 0.92 15.31 -17.27
N PHE E 234 1.85 15.86 -18.04
CA PHE E 234 3.26 15.71 -17.72
C PHE E 234 3.59 16.35 -16.37
N ASN E 235 2.98 17.50 -16.09
CA ASN E 235 3.19 18.16 -14.81
C ASN E 235 2.77 17.26 -13.66
N ILE E 236 1.59 16.63 -13.79
CA ILE E 236 1.11 15.74 -12.75
C ILE E 236 2.05 14.54 -12.61
N LEU E 237 2.49 13.98 -13.73
CA LEU E 237 3.37 12.81 -13.70
C LEU E 237 4.68 13.12 -12.99
N VAL E 238 5.26 14.29 -13.27
CA VAL E 238 6.51 14.66 -12.62
C VAL E 238 6.29 14.95 -11.14
N GLU E 239 5.22 15.68 -10.82
CA GLU E 239 5.01 16.10 -9.44
C GLU E 239 4.62 14.94 -8.52
N THR E 240 4.07 13.86 -9.05
CA THR E 240 3.60 12.79 -8.18
C THR E 240 4.72 11.95 -7.57
N ASN E 241 5.99 12.34 -7.77
CA ASN E 241 7.11 11.59 -7.24
C ASN E 241 7.79 12.28 -6.05
N LEU E 242 8.24 13.51 -6.22
CA LEU E 242 8.96 14.20 -5.17
C LEU E 242 8.00 14.65 -4.05
N PRO E 243 8.49 14.77 -2.82
CA PRO E 243 7.65 15.23 -1.72
C PRO E 243 7.52 16.75 -1.73
N LYS E 244 6.72 17.26 -0.80
CA LYS E 244 6.49 18.69 -0.69
C LYS E 244 7.76 19.40 -0.25
N THR E 245 8.10 20.49 -0.94
CA THR E 245 9.37 21.18 -0.72
C THR E 245 9.13 22.54 -0.10
N PRO E 246 9.68 22.82 1.09
CA PRO E 246 9.46 24.13 1.70
C PRO E 246 10.00 25.30 0.87
N ALA E 247 11.10 25.09 0.15
CA ALA E 247 11.76 26.16 -0.58
C ALA E 247 11.41 26.08 -2.06
N MET E 248 12.06 26.93 -2.87
CA MET E 248 11.86 26.95 -4.30
C MET E 248 12.88 26.04 -4.98
N THR E 249 12.39 25.15 -5.85
CA THR E 249 13.24 24.16 -6.50
C THR E 249 13.31 24.44 -8.00
N TYR E 250 14.25 23.75 -8.65
CA TYR E 250 14.50 23.96 -10.07
C TYR E 250 13.29 23.55 -10.91
N THR E 251 12.76 22.36 -10.64
CA THR E 251 11.64 21.84 -11.43
C THR E 251 10.40 22.72 -11.31
N GLY E 252 10.10 23.18 -10.09
CA GLY E 252 8.96 24.05 -9.91
C GLY E 252 9.09 25.36 -10.67
N ALA E 253 10.29 25.95 -10.65
CA ALA E 253 10.53 27.17 -11.40
C ALA E 253 10.32 26.95 -12.89
N ILE E 254 10.86 25.84 -13.43
CA ILE E 254 10.70 25.58 -14.85
C ILE E 254 9.23 25.39 -15.22
N ILE E 255 8.49 24.64 -14.40
CA ILE E 255 7.09 24.37 -14.71
C ILE E 255 6.27 25.66 -14.66
N PHE E 256 6.52 26.51 -13.65
CA PHE E 256 5.81 27.78 -13.58
C PHE E 256 6.14 28.65 -14.79
N MET E 257 7.40 28.66 -15.21
CA MET E 257 7.78 29.43 -16.39
C MET E 257 7.03 28.95 -17.62
N ILE E 258 6.88 27.63 -17.77
CA ILE E 258 6.17 27.09 -18.93
C ILE E 258 4.70 27.50 -18.91
N TYR E 259 4.07 27.47 -17.73
CA TYR E 259 2.69 27.95 -17.62
C TYR E 259 2.58 29.41 -18.05
N LEU E 260 3.52 30.24 -17.59
CA LEU E 260 3.51 31.65 -17.97
C LEU E 260 3.66 31.82 -19.47
N PHE E 261 4.52 31.02 -20.09
CA PHE E 261 4.70 31.10 -21.55
C PHE E 261 3.42 30.75 -22.28
N TYR E 262 2.72 29.71 -21.84
CA TYR E 262 1.46 29.37 -22.48
C TYR E 262 0.44 30.50 -22.37
N PHE E 263 0.37 31.13 -21.20
CA PHE E 263 -0.55 32.25 -21.02
C PHE E 263 -0.22 33.41 -21.97
N VAL E 264 1.07 33.73 -22.10
CA VAL E 264 1.47 34.84 -22.98
C VAL E 264 1.17 34.49 -24.43
N ALA E 265 1.36 33.23 -24.82
CA ALA E 265 1.04 32.83 -26.19
C ALA E 265 -0.45 33.00 -26.48
N VAL E 266 -1.30 32.61 -25.53
CA VAL E 266 -2.75 32.81 -25.71
C VAL E 266 -3.06 34.28 -25.88
N ILE E 267 -2.45 35.13 -25.06
CA ILE E 267 -2.68 36.57 -25.18
C ILE E 267 -2.27 37.07 -26.56
N GLU E 268 -1.13 36.62 -27.06
CA GLU E 268 -0.66 37.08 -28.36
C GLU E 268 -1.61 36.66 -29.48
N VAL E 269 -2.12 35.42 -29.43
CA VAL E 269 -3.05 34.98 -30.45
C VAL E 269 -4.33 35.81 -30.42
N THR E 270 -4.84 36.09 -29.21
CA THR E 270 -6.04 36.90 -29.09
C THR E 270 -5.82 38.31 -29.66
N VAL E 271 -4.67 38.91 -29.35
CA VAL E 271 -4.38 40.25 -29.85
C VAL E 271 -4.30 40.25 -31.37
N GLN E 272 -3.65 39.24 -31.95
CA GLN E 272 -3.54 39.18 -33.40
C GLN E 272 -4.93 39.10 -34.05
N HIS E 273 -5.79 38.23 -33.53
CA HIS E 273 -7.12 38.09 -34.12
C HIS E 273 -7.91 39.39 -33.99
N TYR E 274 -7.84 40.02 -32.80
CA TYR E 274 -8.59 41.26 -32.59
C TYR E 274 -8.12 42.36 -33.53
N LEU E 275 -6.80 42.48 -33.73
CA LEU E 275 -6.30 43.48 -34.66
C LEU E 275 -6.71 43.17 -36.09
N LYS E 276 -6.70 41.89 -36.46
CA LYS E 276 -7.09 41.54 -37.83
C LYS E 276 -8.57 41.81 -38.08
N VAL E 277 -9.41 41.68 -37.06
CA VAL E 277 -10.83 41.94 -37.24
C VAL E 277 -11.08 43.41 -37.58
N GLU E 278 -10.37 44.32 -36.92
CA GLU E 278 -10.59 45.75 -37.11
C GLU E 278 -9.99 46.29 -38.40
N SER E 279 -9.61 45.42 -39.33
CA SER E 279 -9.06 45.82 -40.63
C SER E 279 -7.78 46.64 -40.47
N GLN E 280 -6.88 46.15 -39.62
CA GLN E 280 -5.54 46.70 -39.47
C GLN E 280 -4.53 45.56 -39.51
N PRO E 281 -4.35 44.94 -40.69
CA PRO E 281 -3.49 43.75 -40.76
C PRO E 281 -2.01 44.05 -40.63
N ALA E 282 -1.57 45.28 -40.86
CA ALA E 282 -0.14 45.59 -40.77
C ALA E 282 0.38 45.42 -39.36
N ARG E 283 -0.36 45.92 -38.36
CA ARG E 283 0.05 45.75 -36.98
C ARG E 283 0.07 44.28 -36.59
N ALA E 284 -0.94 43.52 -37.03
CA ALA E 284 -0.96 42.10 -36.73
C ALA E 284 0.23 41.37 -37.32
N ALA E 285 0.58 41.69 -38.57
CA ALA E 285 1.73 41.06 -39.20
C ALA E 285 3.02 41.42 -38.47
N SER E 286 3.17 42.69 -38.08
CA SER E 286 4.36 43.09 -37.34
C SER E 286 4.46 42.36 -36.01
N ILE E 287 3.34 42.25 -35.29
CA ILE E 287 3.34 41.58 -34.00
C ILE E 287 3.70 40.11 -34.16
N THR E 288 3.12 39.44 -35.17
CA THR E 288 3.40 38.03 -35.37
C THR E 288 4.86 37.80 -35.73
N ARG E 289 5.39 38.61 -36.64
CA ARG E 289 6.80 38.46 -37.03
C ARG E 289 7.72 38.72 -35.86
N ALA E 290 7.40 39.71 -35.02
CA ALA E 290 8.22 39.97 -33.84
C ALA E 290 8.16 38.80 -32.87
N SER E 291 6.97 38.24 -32.63
CA SER E 291 6.82 37.17 -31.65
C SER E 291 7.55 35.91 -32.09
N ARG E 292 7.56 35.63 -33.41
CA ARG E 292 8.23 34.44 -33.93
C ARG E 292 9.66 34.36 -33.42
N ILE E 293 10.37 35.47 -33.37
CA ILE E 293 11.73 35.48 -32.88
C ILE E 293 11.79 35.76 -31.37
N ALA E 294 10.85 36.54 -30.84
CA ALA E 294 10.91 36.92 -29.44
C ALA E 294 10.76 35.73 -28.50
N PHE E 295 9.84 34.81 -28.81
CA PHE E 295 9.56 33.73 -27.86
C PHE E 295 10.75 32.81 -27.62
N PRO E 296 11.39 32.21 -28.64
CA PRO E 296 12.49 31.27 -28.35
C PRO E 296 13.69 31.93 -27.68
N VAL E 297 14.04 33.15 -28.08
CA VAL E 297 15.19 33.83 -27.50
C VAL E 297 14.97 34.10 -26.02
N VAL E 298 13.79 34.60 -25.67
CA VAL E 298 13.49 34.88 -24.27
C VAL E 298 13.45 33.58 -23.47
N PHE E 299 12.91 32.52 -24.06
CA PHE E 299 12.89 31.23 -23.36
C PHE E 299 14.31 30.76 -23.07
N LEU E 300 15.20 30.85 -24.07
CA LEU E 300 16.58 30.42 -23.87
C LEU E 300 17.29 31.25 -22.82
N LEU E 301 17.09 32.58 -22.86
CA LEU E 301 17.74 33.45 -21.87
C LEU E 301 17.25 33.15 -20.47
N ALA E 302 15.93 32.95 -20.30
CA ALA E 302 15.39 32.64 -18.98
C ALA E 302 15.93 31.31 -18.47
N ASN E 303 16.04 30.31 -19.34
CA ASN E 303 16.59 29.03 -18.92
C ASN E 303 18.05 29.16 -18.51
N ILE E 304 18.83 29.95 -19.24
CA ILE E 304 20.23 30.15 -18.87
C ILE E 304 20.33 30.83 -17.52
N ILE E 305 19.50 31.85 -17.28
CA ILE E 305 19.53 32.56 -16.00
C ILE E 305 19.17 31.62 -14.85
N LEU E 306 18.12 30.82 -15.03
CA LEU E 306 17.72 29.89 -13.97
C LEU E 306 18.82 28.85 -13.71
N ALA E 307 19.43 28.32 -14.76
CA ALA E 307 20.49 27.34 -14.57
C ALA E 307 21.68 27.94 -13.85
N PHE E 308 22.02 29.19 -14.17
CA PHE E 308 23.12 29.83 -13.45
C PHE E 308 22.75 30.07 -11.99
N LEU E 309 21.51 30.47 -11.71
CA LEU E 309 21.14 30.77 -10.33
C LEU E 309 21.12 29.51 -9.47
N PHE E 310 20.49 28.44 -9.94
CA PHE E 310 20.32 27.26 -9.11
C PHE E 310 21.58 26.39 -9.03
N PHE E 311 22.58 26.65 -9.85
CA PHE E 311 23.81 25.87 -9.85
C PHE E 311 25.03 26.79 -9.77
N GLY E 312 24.90 27.89 -9.03
CA GLY E 312 25.98 28.83 -8.89
C GLY E 312 25.58 30.11 -8.17
CL CL F . 19.30 -16.01 7.82
C17 PEE G . -2.05 2.05 -47.86
C16 PEE G . -3.14 2.43 -48.86
C15 PEE G . -2.68 3.41 -49.92
C14 PEE G . -3.72 3.62 -51.01
C13 PEE G . -3.25 4.50 -52.15
C12 PEE G . -4.33 4.70 -53.21
C11 PEE G . -3.85 5.51 -54.41
C10 PEE G . -3.72 6.98 -54.12
O4 PEE G . -3.97 7.49 -53.06
O2 PEE G . -3.30 7.65 -55.18
C2 PEE G . -1.89 7.71 -55.48
C1 PEE G . -1.63 8.45 -56.76
O3P PEE G . -2.80 9.03 -57.30
P PEE G . -2.99 10.65 -57.18
O2P PEE G . -2.03 11.35 -58.10
O1P PEE G . -3.07 11.09 -55.75
O4P PEE G . -4.49 10.63 -57.85
C3 PEE G . -1.16 8.23 -54.26
O3 PEE G . -0.85 7.16 -53.39
C30 PEE G . 0.41 6.99 -52.99
O5 PEE G . 1.24 7.86 -53.04
C31 PEE G . 0.65 5.59 -52.50
C32 PEE G . 1.28 5.54 -51.12
C33 PEE G . 1.83 4.16 -50.78
C34 PEE G . 2.27 4.06 -49.32
C35 PEE G . 1.11 3.84 -48.35
C36 PEE G . 1.57 3.18 -47.05
C27 PEE H . 5.34 0.47 -26.69
C26 PEE H . 4.98 1.19 -27.98
C25 PEE H . 5.12 0.30 -29.21
C24 PEE H . 4.90 1.05 -30.51
C23 PEE H . 5.05 0.18 -31.75
C22 PEE H . 6.41 -0.50 -31.84
C21 PEE H . 6.54 -1.43 -33.04
C20 PEE H . 7.65 -2.46 -32.88
C19 PEE H . 7.67 -3.09 -31.49
C18 PEE H . 8.63 -4.27 -31.39
C17 PEE H . 8.28 -5.42 -32.33
C16 PEE H . 9.00 -6.71 -31.98
C15 PEE H . 10.52 -6.60 -32.02
C14 PEE H . 11.21 -7.86 -31.55
C13 PEE H . 12.73 -7.78 -31.61
C12 PEE H . 13.38 -9.14 -31.39
C11 PEE H . 12.91 -9.79 -30.10
C10 PEE H . 13.51 -11.16 -29.91
O4 PEE H . 14.34 -11.66 -30.63
O2 PEE H . 13.00 -11.77 -28.84
C2 PEE H . 13.21 -13.17 -28.67
C1 PEE H . 14.25 -13.46 -27.61
O3P PEE H . 15.57 -13.30 -28.09
P PEE H . 16.80 -13.41 -27.02
O2P PEE H . 16.77 -14.75 -26.36
O1P PEE H . 16.92 -12.18 -26.18
O4P PEE H . 17.94 -13.40 -28.20
C3 PEE H . 11.84 -13.77 -28.42
O3 PEE H . 10.84 -12.86 -28.85
C30 PEE H . 10.40 -12.97 -30.11
O5 PEE H . 10.75 -13.82 -30.87
C31 PEE H . 9.42 -11.88 -30.43
C32 PEE H . 8.40 -12.30 -31.47
C33 PEE H . 7.29 -11.27 -31.65
C34 PEE H . 7.32 -10.65 -33.04
C35 PEE H . 6.06 -9.88 -33.41
C36 PEE H . 5.94 -8.54 -32.70
C37 PEE H . 5.51 -7.39 -33.60
C38 PEE H . 4.15 -7.62 -34.23
C39 PEE H . 3.73 -6.55 -35.24
C40 PEE H . 4.61 -6.57 -36.48
C41 PEE H . 4.18 -5.56 -37.54
C27 PEE I . 12.13 11.04 -37.64
C26 PEE I . 11.98 10.57 -39.09
C25 PEE I . 11.08 11.47 -39.92
C24 PEE I . 11.07 11.13 -41.40
C23 PEE I . 10.68 12.30 -42.29
C22 PEE I . 10.80 11.98 -43.77
C21 PEE I . 10.90 13.21 -44.66
C20 PEE I . 9.57 13.92 -44.87
C19 PEE I . 9.63 14.98 -45.98
C18 PEE I . 10.04 14.40 -47.33
C17 PEE I . 11.33 15.00 -47.88
C16 PEE I . 11.08 16.14 -48.88
C15 PEE I . 11.00 15.68 -50.32
C14 PEE I . 10.87 16.84 -51.31
C13 PEE I . 12.00 17.85 -51.21
C12 PEE I . 11.81 19.02 -52.19
C22 PEE J . 14.73 22.09 -33.28
C21 PEE J . 14.08 21.75 -34.61
C20 PEE J . 13.86 22.98 -35.50
C19 PEE J . 13.26 22.65 -36.86
C18 PEE J . 12.95 23.91 -37.66
C17 PEE J . 12.09 23.66 -38.89
C16 PEE J . 12.81 22.89 -39.99
C15 PEE J . 11.94 22.60 -41.21
C14 PEE J . 11.56 23.88 -41.96
C13 PEE J . 12.70 24.46 -42.79
C12 PEE J . 12.28 24.71 -44.23
C11 PEE J . 11.65 26.07 -44.42
C10 PEE J . 10.67 26.10 -45.56
O4 PEE J . 10.06 25.14 -45.97
O2 PEE J . 10.54 27.33 -46.08
C2 PEE J . 9.64 28.30 -45.52
C1 PEE J . 9.27 29.35 -46.56
O3P PEE J . 10.06 29.26 -47.73
P PEE J . 10.40 30.65 -48.53
O2P PEE J . 11.74 30.54 -49.19
O1P PEE J . 9.22 31.15 -49.31
O4P PEE J . 10.55 31.52 -47.13
C3 PEE J . 8.46 27.61 -44.88
O3 PEE J . 8.36 28.00 -43.52
C30 PEE J . 7.67 27.23 -42.70
O5 PEE J . 6.88 26.40 -43.07
C31 PEE J . 7.99 27.50 -41.25
C32 PEE J . 7.71 26.32 -40.35
C33 PEE J . 8.70 26.22 -39.20
C34 PEE J . 8.10 25.57 -37.96
C35 PEE J . 8.95 25.75 -36.71
C36 PEE J . 8.23 25.28 -35.46
C37 PEE J . 8.52 26.11 -34.21
C38 PEE J . 9.96 25.97 -33.75
C39 PEE J . 10.45 27.11 -32.87
C40 PEE J . 11.96 27.11 -32.68
C41 PEE J . 12.46 26.05 -31.71
C42 PEE J . 13.98 26.03 -31.59
C43 PEE J . 14.57 27.27 -30.94
C22 PEE K . -2.80 -2.05 -42.70
C21 PEE K . -2.77 -0.55 -43.00
C20 PEE K . -3.04 -0.22 -44.46
C19 PEE K . -4.47 -0.47 -44.91
C18 PEE K . -4.89 0.39 -46.09
C17 PEE K . -6.26 0.07 -46.65
C16 PEE K . -6.66 0.96 -47.81
C15 PEE K . -7.76 0.38 -48.68
C14 PEE K . -8.80 1.43 -49.10
C13 PEE K . -8.29 2.44 -50.11
C12 PEE K . -8.18 1.85 -51.51
C11 PEE K . -7.89 2.90 -52.58
C10 PEE K . -9.12 3.68 -52.97
O4 PEE K . -10.20 3.58 -52.45
O2 PEE K . -8.85 4.52 -53.97
C2 PEE K . -8.14 5.74 -53.75
C1 PEE K . -8.16 6.63 -54.98
O3P PEE K . -8.28 5.89 -56.17
P PEE K . -8.27 6.74 -57.58
O2P PEE K . -7.93 5.84 -58.72
O1P PEE K . -9.46 7.64 -57.69
O4P PEE K . -6.94 7.61 -57.14
C3 PEE K . -8.66 6.39 -52.48
O3 PEE K . -7.56 6.82 -51.69
C30 PEE K . -7.78 7.07 -50.42
O5 PEE K . -8.88 7.29 -49.97
C31 PEE K . -6.53 7.04 -49.60
C32 PEE K . -6.79 6.83 -48.12
C33 PEE K . -5.97 5.69 -47.53
C34 PEE K . -5.59 5.93 -46.08
C35 PEE K . -4.64 4.89 -45.50
C36 PEE K . -4.10 5.29 -44.13
C37 PEE K . -2.59 5.36 -44.02
C38 PEE K . -2.01 4.23 -43.21
C39 PEE K . -0.55 4.40 -42.83
C40 PEE K . 0.35 3.35 -43.44
C41 PEE K . 0.26 1.98 -42.77
C42 PEE K . 1.02 0.89 -43.53
C43 PEE K . 2.49 0.79 -43.15
CL CL L . 1.67 -24.67 8.44
C27 PEE M . -15.80 -5.01 -21.95
C26 PEE M . -16.23 -4.04 -23.05
C25 PEE M . -17.51 -4.48 -23.75
C24 PEE M . -17.79 -3.68 -25.02
C23 PEE M . -19.09 -4.09 -25.71
C22 PEE M . -19.17 -5.58 -26.02
C21 PEE M . -20.55 -6.03 -26.49
C20 PEE M . -20.80 -7.51 -26.26
C19 PEE M . -20.36 -7.98 -24.88
C18 PEE M . -20.67 -9.43 -24.60
C17 PEE M . -22.17 -9.74 -24.59
C16 PEE M . -22.50 -10.96 -23.74
C15 PEE M . -21.97 -12.28 -24.28
C14 PEE M . -22.29 -13.44 -23.36
C13 PEE M . -21.85 -14.79 -23.90
C12 PEE M . -22.42 -15.95 -23.10
C11 PEE M . -21.99 -15.92 -21.64
C10 PEE M . -22.56 -17.06 -20.85
O4 PEE M . -23.12 -18.01 -21.33
O2 PEE M . -22.38 -16.90 -19.55
C2 PEE M . -22.93 -17.87 -18.64
C1 PEE M . -21.86 -18.77 -18.06
O3P PEE M . -21.66 -19.94 -18.83
P PEE M . -20.68 -21.10 -18.22
O2P PEE M . -21.24 -21.62 -16.94
O1P PEE M . -19.24 -20.70 -18.30
O4P PEE M . -21.03 -22.15 -19.44
C3 PEE M . -23.76 -17.11 -17.64
O3 PEE M . -23.80 -15.73 -17.99
C30 PEE M . -24.84 -15.31 -18.70
O5 PEE M . -25.73 -16.04 -19.07
C31 PEE M . -24.78 -13.83 -18.98
C32 PEE M . -26.15 -13.22 -19.18
C33 PEE M . -26.09 -11.83 -19.81
C34 PEE M . -25.49 -11.87 -21.21
C35 PEE M . -25.67 -10.59 -22.01
C36 PEE M . -24.86 -9.43 -21.45
C37 PEE M . -24.72 -8.25 -22.40
C38 PEE M . -25.99 -7.42 -22.48
C39 PEE M . -26.14 -6.63 -23.77
C40 PEE M . -26.46 -7.54 -24.97
C41 PEE M . -26.50 -6.81 -26.31
C42 PEE M . -27.60 -5.76 -26.37
C27 PEE N . -20.46 -0.43 -53.43
C26 PEE N . -19.03 -0.57 -52.92
C25 PEE N . -18.97 -1.03 -51.47
C24 PEE N . -17.56 -1.44 -51.04
C23 PEE N . -17.50 -1.88 -49.59
C22 PEE N . -17.80 -0.74 -48.61
C21 PEE N . -18.53 -1.20 -47.35
C20 PEE N . -17.68 -2.05 -46.42
C19 PEE N . -16.84 -1.23 -45.44
C18 PEE N . -16.80 -1.85 -44.05
C17 PEE N . -16.52 -3.35 -44.05
C16 PEE N . -16.73 -3.99 -42.69
C15 PEE N . -16.18 -3.17 -41.54
C14 PEE N . -15.89 -4.00 -40.30
C13 PEE N . -14.48 -4.58 -40.27
C12 PEE N . -14.03 -4.94 -38.85
C11 PEE N . -12.82 -5.85 -38.83
C16 PEE O . -31.26 3.66 -37.06
C15 PEE O . -32.29 4.55 -37.74
C14 PEE O . -32.36 4.29 -39.24
C13 PEE O . -33.54 4.97 -39.93
C12 PEE O . -33.20 6.37 -40.43
C11 PEE O . -33.39 6.53 -41.93
C10 PEE O . -32.26 5.95 -42.73
O4 PEE O . -31.52 5.09 -42.34
O2 PEE O . -32.20 6.50 -43.95
C2 PEE O . -32.19 5.67 -45.12
C1 PEE O . -32.78 6.40 -46.31
O3P PEE O . -32.05 7.56 -46.63
P PEE O . -31.45 7.70 -48.15
O2P PEE O . -32.29 8.66 -48.94
O1P PEE O . -31.10 6.36 -48.73
O4P PEE O . -30.08 8.46 -47.63
C3 PEE O . -30.78 5.16 -45.33
O3 PEE O . -30.81 3.84 -45.86
C30 PEE O . -30.09 2.90 -45.27
O5 PEE O . -29.06 2.46 -45.73
C31 PEE O . -30.70 2.47 -43.96
C32 PEE O . -29.69 1.79 -43.04
C33 PEE O . -30.22 1.54 -41.64
C34 PEE O . -29.26 0.69 -40.82
C35 PEE O . -29.56 0.63 -39.33
C22 PEE P . -30.46 1.21 -30.19
C21 PEE P . -30.16 2.41 -31.09
C20 PEE P . -31.21 2.63 -32.17
C19 PEE P . -31.30 4.08 -32.64
C18 PEE P . -32.47 4.33 -33.57
C17 PEE P . -32.83 5.81 -33.69
C16 PEE P . -34.07 6.04 -34.55
C15 PEE P . -34.67 7.43 -34.40
C14 PEE P . -34.03 8.45 -35.32
C13 PEE P . -34.36 8.21 -36.79
C12 PEE P . -35.85 8.31 -37.08
C11 PEE P . -36.13 8.60 -38.55
C10 PEE P . -35.98 10.06 -38.88
O4 PEE P . -35.87 10.94 -38.08
O2 PEE P . -35.98 10.26 -40.20
C2 PEE P . -34.79 10.07 -40.98
C1 PEE P . -34.99 10.51 -42.42
O3P PEE P . -36.23 10.09 -42.94
P PEE P . -36.86 10.96 -44.17
O2P PEE P . -37.82 10.12 -44.96
O1P PEE P . -37.29 12.33 -43.72
O4P PEE P . -35.41 11.05 -44.96
C3 PEE P . -33.63 10.74 -40.27
O3 PEE P . -32.55 9.83 -40.11
C30 PEE P . -31.50 10.21 -39.42
O5 PEE P . -31.26 11.36 -39.16
C31 PEE P . -30.65 9.04 -39.00
C32 PEE P . -30.01 9.20 -37.64
C33 PEE P . -29.88 7.87 -36.91
C34 PEE P . -28.73 7.84 -35.92
C35 PEE P . -28.06 6.48 -35.81
C36 PEE P . -27.41 6.25 -34.45
C37 PEE P . -26.35 5.17 -34.43
C38 PEE P . -26.92 3.77 -34.65
C39 PEE P . -25.89 2.66 -34.70
C40 PEE P . -26.50 1.29 -34.92
C41 PEE P . -27.50 0.87 -33.84
C42 PEE P . -28.16 -0.48 -34.12
C43 PEE P . -27.29 -1.67 -33.74
CL CL Q . -9.77 -13.47 19.80
C17 PEE R . -34.09 28.55 -18.61
C16 PEE R . -33.95 29.78 -19.48
C15 PEE R . -34.86 29.79 -20.70
C14 PEE R . -34.66 31.02 -21.58
C13 PEE R . -35.53 31.09 -22.81
C12 PEE R . -35.27 32.34 -23.63
C11 PEE R . -36.20 32.50 -24.82
C10 PEE R . -35.89 31.55 -25.95
O4 PEE R . -34.99 30.75 -25.96
O2 PEE R . -36.75 31.69 -26.96
C2 PEE R . -38.03 31.02 -26.91
C1 PEE R . -38.91 31.42 -28.07
O3P PEE R . -38.19 31.84 -29.21
P PEE R . -38.30 30.91 -30.56
O2P PEE R . -39.65 30.24 -30.60
O1P PEE R . -37.08 30.08 -30.78
O4P PEE R . -38.31 32.22 -31.56
C3 PEE R . -37.77 29.53 -26.79
O3 PEE R . -37.71 29.17 -25.42
C30 PEE R . -38.39 28.11 -25.02
O5 PEE R . -38.93 27.33 -25.77
C31 PEE R . -38.41 28.00 -23.52
C32 PEE R . -37.86 26.67 -23.01
C33 PEE R . -38.07 26.47 -21.52
C34 PEE R . -36.92 25.70 -20.87
C35 PEE R . -37.17 25.33 -19.41
C36 PEE R . -35.98 24.65 -18.78
C27 PEE S . -23.39 11.19 -9.06
C26 PEE S . -23.94 12.05 -10.20
C25 PEE S . -25.12 12.90 -9.77
C24 PEE S . -25.78 13.62 -10.94
C23 PEE S . -27.00 14.44 -10.53
C22 PEE S . -27.99 13.66 -9.66
C21 PEE S . -29.19 14.49 -9.24
C20 PEE S . -29.88 13.94 -8.00
C19 PEE S . -28.92 13.57 -6.89
C18 PEE S . -29.60 13.10 -5.62
C17 PEE S . -30.47 14.17 -4.97
C16 PEE S . -30.95 13.76 -3.57
C15 PEE S . -32.15 12.84 -3.57
C14 PEE S . -32.62 12.51 -2.16
C13 PEE S . -33.79 11.55 -2.10
C12 PEE S . -34.24 11.28 -0.67
C11 PEE S . -33.09 10.85 0.23
C10 PEE S . -33.47 10.77 1.68
O4 PEE S . -34.60 10.73 2.09
O2 PEE S . -32.40 10.78 2.46
C2 PEE S . -32.56 11.09 3.85
C1 PEE S . -32.40 9.86 4.73
O3P PEE S . -33.54 9.04 4.68
P PEE S . -33.43 7.52 5.27
O2P PEE S . -33.75 7.52 6.74
O1P PEE S . -32.20 6.82 4.78
O4P PEE S . -34.75 7.01 4.41
C4 PEE S . -35.80 6.43 5.16
C5 PEE S . -36.83 7.50 5.43
N PEE S . -37.58 7.85 4.19
C3 PEE S . -31.61 12.24 4.15
O3 PEE S . -31.24 12.87 2.94
C30 PEE S . -31.42 14.18 2.83
O5 PEE S . -31.89 14.86 3.71
C31 PEE S . -30.97 14.70 1.50
C32 PEE S . -30.59 16.17 1.54
C33 PEE S . -29.97 16.66 0.24
C34 PEE S . -30.79 16.25 -0.97
C35 PEE S . -30.68 17.18 -2.17
C36 PEE S . -29.29 17.16 -2.80
C37 PEE S . -29.24 17.77 -4.19
C38 PEE S . -29.87 19.15 -4.24
C39 PEE S . -29.91 19.77 -5.64
C40 PEE S . -30.55 18.83 -6.66
C20 PEE T . -29.41 24.54 -4.01
C19 PEE T . -29.06 23.07 -3.87
C18 PEE T . -28.93 22.63 -2.41
C17 PEE T . -30.21 22.80 -1.61
C16 PEE T . -30.12 22.20 -0.20
C15 PEE T . -30.17 20.67 -0.19
C14 PEE T . -30.85 20.12 1.06
C13 PEE T . -30.05 20.29 2.33
C12 PEE T . -30.64 19.54 3.51
C11 PEE T . -29.96 19.89 4.83
C10 PEE T . -29.56 18.68 5.63
O4 PEE T . -30.16 18.26 6.58
O2 PEE T . -28.44 18.13 5.16
C2 PEE T . -27.18 18.52 5.72
C1 PEE T . -26.50 17.37 6.44
O3P PEE T . -26.19 17.65 7.78
P PEE T . -24.76 17.14 8.36
O2P PEE T . -24.08 16.25 7.36
O1P PEE T . -23.98 18.25 8.99
O4P PEE T . -25.46 16.21 9.53
C3 PEE T . -26.39 19.14 4.59
O3 PEE T . -26.19 20.53 4.85
C30 PEE T . -26.83 21.40 4.07
O5 PEE T . -27.67 22.16 4.48
C31 PEE T . -26.35 21.34 2.64
C32 PEE T . -25.91 22.70 2.11
C33 PEE T . -25.56 22.70 0.64
C34 PEE T . -25.13 24.08 0.14
C35 PEE T . -24.61 24.11 -1.29
C36 PEE T . -23.80 25.36 -1.58
C37 PEE T . -24.63 26.56 -2.04
C38 PEE T . -24.93 26.52 -3.53
C39 PEE T . -25.62 27.78 -4.05
C40 PEE T . -25.70 27.82 -5.58
C41 PEE T . -26.54 26.71 -6.20
C27 PEE U . -37.09 6.84 -18.65
C26 PEE U . -35.64 7.23 -18.92
C25 PEE U . -34.65 6.24 -18.32
C24 PEE U . -34.67 6.21 -16.80
C23 PEE U . -33.53 5.41 -16.19
C22 PEE U . -33.53 3.96 -16.62
C21 PEE U . -32.47 3.13 -15.93
C20 PEE U . -32.57 3.15 -14.42
C19 PEE U . -31.53 2.28 -13.72
C18 PEE U . -31.82 0.80 -13.88
C17 PEE U . -33.15 0.36 -13.25
C16 PEE U . -33.13 0.41 -11.73
C15 PEE U . -34.43 -0.10 -11.10
C14 PEE U . -34.24 -0.55 -9.65
C13 PEE U . -35.26 -1.59 -9.20
C12 PEE U . -35.13 -1.94 -7.73
C11 PEE U . -35.69 -0.85 -6.83
C10 PEE U . -35.72 -1.24 -5.38
C22 PEE V . -30.25 27.16 -13.78
C21 PEE V . -30.71 27.73 -15.11
C20 PEE V . -30.27 29.18 -15.31
C19 PEE V . -30.63 29.74 -16.69
C18 PEE V . -30.46 31.25 -16.76
C17 PEE V . -30.91 31.86 -18.08
C16 PEE V . -30.96 33.38 -18.04
C15 PEE V . -30.61 34.05 -19.36
C14 PEE V . -31.67 33.84 -20.42
C13 PEE V . -32.51 35.08 -20.71
C12 PEE V . -31.65 36.28 -21.04
C11 PEE V . -32.18 37.06 -22.23
C10 PEE V . -32.10 36.27 -23.51
O4 PEE V . -31.31 35.40 -23.71
O2 PEE V . -33.04 36.64 -24.38
C2 PEE V . -33.92 35.63 -24.91
C1 PEE V . -35.33 36.15 -25.07
O3P PEE V . -35.40 37.31 -25.86
P PEE V . -36.45 37.31 -27.12
O2P PEE V . -36.89 38.71 -27.42
O1P PEE V . -35.97 36.42 -28.23
O4P PEE V . -37.62 36.54 -26.25
C3 PEE V . -33.29 35.07 -26.17
O3 PEE V . -33.08 33.68 -26.00
C30 PEE V . -31.84 33.26 -25.80
O5 PEE V . -30.87 33.92 -26.05
C31 PEE V . -31.80 31.87 -25.23
C32 PEE V . -30.61 31.68 -24.30
C33 PEE V . -30.51 30.27 -23.74
C34 PEE V . -29.31 30.14 -22.80
C35 PEE V . -29.12 28.75 -22.23
C36 PEE V . -30.30 28.30 -21.39
C37 PEE V . -29.94 27.28 -20.30
C38 PEE V . -29.52 25.94 -20.89
C39 PEE V . -29.50 24.80 -19.87
C40 PEE V . -30.89 24.46 -19.38
C41 PEE V . -30.94 23.93 -17.96
C42 PEE V . -32.34 23.87 -17.38
C43 PEE V . -32.40 23.48 -15.91
CL CL W . 0.23 1.65 25.90
C17 PEE X . -5.77 43.33 -18.30
C16 PEE X . -5.84 44.09 -19.61
C15 PEE X . -6.84 43.51 -20.61
C14 PEE X . -7.49 44.57 -21.46
C13 PEE X . -6.50 45.41 -22.26
C12 PEE X . -7.20 46.54 -23.01
C11 PEE X . -8.30 46.03 -23.94
C10 PEE X . -8.93 47.16 -24.74
O4 PEE X . -8.35 48.15 -25.09
O2 PEE X . -10.21 46.92 -25.00
C2 PEE X . -11.13 48.02 -25.04
C1 PEE X . -11.24 48.61 -26.42
O3P PEE X . -12.46 49.30 -26.60
P PEE X . -13.38 48.89 -27.89
O2P PEE X . -14.09 47.60 -27.63
O1P PEE X . -12.65 49.09 -29.19
O4P PEE X . -14.42 50.15 -27.65
C3 PEE X . -12.43 47.53 -24.45
O3 PEE X . -12.19 46.65 -23.37
C30 PEE X . -12.48 47.07 -22.14
O5 PEE X . -13.25 47.96 -21.91
C31 PEE X . -11.72 46.29 -21.11
C32 PEE X . -11.63 47.00 -19.77
C33 PEE X . -10.65 46.31 -18.83
C34 PEE X . -10.98 44.82 -18.69
C35 PEE X . -9.81 43.96 -18.24
C36 PEE X . -9.39 44.25 -16.81
C37 PEE X . -10.54 44.31 -15.81
C38 PEE X . -10.05 44.43 -14.38
C39 PEE X . -11.05 45.05 -13.42
C27 PEE Y . -7.10 26.16 -4.50
C26 PEE Y . -7.70 26.68 -5.80
C25 PEE Y . -7.41 28.16 -6.04
C24 PEE Y . -8.07 28.72 -7.30
C23 PEE Y . -7.82 30.21 -7.49
C22 PEE Y . -8.30 31.05 -6.32
C21 PEE Y . -7.64 32.42 -6.23
C20 PEE Y . -7.41 32.86 -4.80
C19 PEE Y . -6.79 31.77 -3.94
C18 PEE Y . -6.49 32.21 -2.52
C17 PEE Y . -5.55 33.39 -2.43
C16 PEE Y . -5.03 33.62 -1.02
C15 PEE Y . -6.07 34.15 -0.05
C14 PEE Y . -5.51 34.35 1.35
C13 PEE Y . -6.55 34.82 2.36
C12 PEE Y . -5.92 35.18 3.70
C11 PEE Y . -5.09 34.05 4.27
C10 PEE Y . -4.46 34.43 5.59
O4 PEE Y . -4.82 35.33 6.29
O2 PEE Y . -3.43 33.63 5.88
C2 PEE Y . -2.52 34.03 6.90
C1 PEE Y . -2.82 33.35 8.23
O3P PEE Y . -3.85 34.01 8.95
P PEE Y . -4.23 33.42 10.42
O2P PEE Y . -3.16 33.77 11.41
O1P PEE Y . -4.72 32.02 10.36
O4P PEE Y . -5.50 34.47 10.60
C3 PEE Y . -1.13 33.80 6.36
O3 PEE Y . -1.21 33.58 4.96
C30 PEE Y . -0.67 34.50 4.16
O5 PEE Y . -0.04 35.44 4.56
C31 PEE Y . -0.94 34.21 2.71
C32 PEE Y . 0.12 34.79 1.79
C33 PEE Y . -0.30 34.82 0.33
C34 PEE Y . -1.59 35.60 0.12
C35 PEE Y . -1.91 35.91 -1.33
C36 PEE Y . -1.82 34.68 -2.23
C37 PEE Y . -2.40 34.88 -3.62
C38 PEE Y . -1.46 35.61 -4.56
C39 PEE Y . -2.03 35.83 -5.96
C40 PEE Y . -3.19 36.80 -5.96
C41 PEE Y . -3.71 37.15 -7.35
C42 PEE Y . -2.61 37.69 -8.27
C43 PEE Y . -3.08 37.99 -9.68
C44 PEE Y . -1.92 38.30 -10.63
C45 PEE Y . -2.35 38.41 -12.09
C27 PEE Z . -21.03 34.21 -9.73
C26 PEE Z . -22.04 34.26 -10.87
C25 PEE Z . -22.05 35.61 -11.58
C24 PEE Z . -20.78 35.91 -12.35
C23 PEE Z . -20.74 37.32 -12.91
C22 PEE Z . -21.87 37.62 -13.89
C21 PEE Z . -21.78 39.02 -14.48
C20 PEE Z . -22.98 39.40 -15.34
C19 PEE Z . -22.77 39.16 -16.83
C18 PEE Z . -23.79 39.86 -17.70
C17 PEE Z . -23.80 41.37 -17.55
C16 PEE Z . -24.75 42.07 -18.50
C15 PEE Z . -25.95 42.73 -17.81
C14 PEE Z . -26.80 43.55 -18.77
C13 PEE Z . -26.03 44.64 -19.52
C12 PEE Z . -26.96 45.61 -20.23
C11 PEE Z . -27.96 44.90 -21.13
C10 PEE Z . -29.03 45.82 -21.65
C22 PEE AA . -1.05 39.85 -16.43
C21 PEE AA . -2.58 39.89 -16.33
C20 PEE AA . -3.21 40.90 -17.27
C19 PEE AA . -2.88 40.65 -18.73
C18 PEE AA . -2.53 41.93 -19.49
C17 PEE AA . -2.21 41.71 -20.96
C16 PEE AA . -1.48 42.89 -21.58
C15 PEE AA . -1.62 42.98 -23.10
C14 PEE AA . -3.03 43.35 -23.52
C13 PEE AA . -3.22 44.82 -23.88
C12 PEE AA . -2.74 45.12 -25.29
C11 PEE AA . -3.46 46.31 -25.90
C10 PEE AA . -3.58 46.22 -27.40
O4 PEE AA . -2.85 45.58 -28.10
O2 PEE AA . -4.61 46.94 -27.85
C2 PEE AA . -5.95 46.40 -27.88
C1 PEE AA . -6.82 47.15 -28.86
O3P PEE AA . -6.10 48.04 -29.67
P PEE AA . -6.77 49.50 -30.02
O2P PEE AA . -5.72 50.45 -30.50
O1P PEE AA . -8.04 49.35 -30.80
O4P PEE AA . -7.11 49.81 -28.44
C3 PEE AA . -5.90 44.90 -28.08
O3 PEE AA . -7.19 44.36 -27.86
C30 PEE AA . -7.30 43.11 -27.43
O5 PEE AA . -7.82 42.24 -28.07
C31 PEE AA . -6.70 42.91 -26.07
C32 PEE AA . -6.95 41.50 -25.54
C33 PEE AA . -6.45 41.32 -24.12
C34 PEE AA . -6.93 40.03 -23.48
C35 PEE AA . -6.52 39.89 -22.03
C36 PEE AA . -6.77 38.48 -21.49
C37 PEE AA . -7.96 38.37 -20.54
C38 PEE AA . -7.59 38.75 -19.11
C39 PEE AA . -8.63 38.37 -18.08
C40 PEE AA . -8.49 39.20 -16.80
C41 PEE AA . -7.05 39.36 -16.32
C42 PEE AA . -6.89 40.49 -15.30
C43 PEE AA . -7.50 40.18 -13.93
CL CL BA . 18.66 0.12 18.04
C17 PEE CA . 13.42 27.58 -36.39
C16 PEE CA . 12.71 27.50 -37.74
C15 PEE CA . 13.05 28.64 -38.68
C14 PEE CA . 12.38 28.49 -40.05
C13 PEE CA . 12.42 29.76 -40.87
C12 PEE CA . 11.73 29.60 -42.22
C11 PEE CA . 11.48 30.93 -42.91
C10 PEE CA . 10.26 31.64 -42.38
O4 PEE CA . 9.70 31.38 -41.34
O2 PEE CA . 9.86 32.61 -43.20
C2 PEE CA . 10.43 33.93 -43.11
C1 PEE CA . 9.79 34.86 -44.13
O3P PEE CA . 8.47 35.21 -43.79
P PEE CA . 7.96 36.73 -44.10
O2P PEE CA . 8.42 37.66 -43.03
O1P PEE CA . 6.53 36.77 -44.52
O4P PEE CA . 8.94 36.88 -45.43
C3 PEE CA . 10.32 34.40 -41.68
O3 PEE CA . 11.53 34.09 -40.99
C30 PEE CA . 11.61 34.38 -39.70
O5 PEE CA . 10.86 35.14 -39.14
C31 PEE CA . 12.75 33.65 -39.05
C32 PEE CA . 12.36 33.00 -37.74
C33 PEE CA . 13.53 32.30 -37.05
C34 PEE CA . 13.11 31.58 -35.78
C35 PEE CA . 14.25 30.89 -35.04
C36 PEE CA . 13.83 30.30 -33.71
C25 PEE DA . 11.47 20.72 -19.11
C24 PEE DA . 11.48 21.45 -20.45
C23 PEE DA . 12.58 22.49 -20.56
C22 PEE DA . 13.96 21.95 -20.21
C21 PEE DA . 15.06 23.00 -20.34
C20 PEE DA . 16.43 22.46 -19.90
C19 PEE DA . 16.41 21.84 -18.51
C18 PEE DA . 17.72 21.13 -18.16
C17 PEE DA . 18.92 22.07 -18.13
C16 PEE DA . 20.20 21.37 -17.69
C15 PEE DA . 21.45 22.21 -17.87
C14 PEE DA . 21.68 23.17 -16.70
C13 PEE DA . 21.93 22.46 -15.38
C12 PEE DA . 23.32 21.83 -15.33
C11 PEE DA . 23.48 20.96 -14.09
C10 PEE DA . 24.83 20.31 -14.00
O4 PEE DA . 25.89 20.86 -14.18
O2 PEE DA . 24.72 19.01 -13.68
C2 PEE DA . 25.87 18.30 -13.23
C1 PEE DA . 25.90 18.20 -11.71
O3P PEE DA . 25.84 19.48 -11.10
P PEE DA . 26.65 19.70 -9.70
O2P PEE DA . 28.04 19.17 -9.84
O1P PEE DA . 25.83 19.31 -8.52
O4P PEE DA . 26.67 21.34 -9.86
C3 PEE DA . 25.89 16.98 -13.97
O3 PEE DA . 24.86 16.96 -14.94
C30 PEE DA . 25.17 17.27 -16.19
O5 PEE DA . 26.30 17.36 -16.58
C31 PEE DA . 23.94 17.50 -17.04
C32 PEE DA . 24.30 18.02 -18.42
C33 PEE DA . 23.27 17.66 -19.50
C34 PEE DA . 22.02 18.53 -19.44
C35 PEE DA . 21.30 18.64 -20.77
C36 PEE DA . 19.91 19.27 -20.60
C37 PEE DA . 19.35 19.91 -21.86
C38 PEE DA . 19.15 18.89 -22.98
C39 PEE DA . 18.50 19.47 -24.24
C40 PEE DA . 19.28 20.65 -24.81
C41 PEE DA . 18.78 21.15 -26.14
C42 PEE DA . 17.47 21.92 -26.03
C27 PEE EA . 8.33 34.97 -20.05
C26 PEE EA . 7.12 35.75 -20.54
C25 PEE EA . 7.42 36.60 -21.77
C24 PEE EA . 7.69 35.76 -23.01
C23 PEE EA . 8.28 36.58 -24.16
C22 PEE EA . 7.32 37.63 -24.69
C21 PEE EA . 7.89 38.39 -25.88
C20 PEE EA . 7.05 39.57 -26.32
C19 PEE EA . 5.96 39.22 -27.33
C18 PEE EA . 5.48 40.41 -28.14
C17 PEE EA . 6.60 41.14 -28.88
C16 PEE EA . 6.09 42.31 -29.71
C15 PEE EA . 6.76 43.64 -29.37
C14 PEE EA . 6.10 44.82 -30.06
C13 PEE EA . 6.08 44.72 -31.58
C12 PEE EA . 5.78 46.05 -32.25
C11 PEE EA . 4.51 46.70 -31.72
C10 PEE EA . 4.19 48.00 -32.40
#